data_5WY9
# 
_entry.id   5WY9 
# 
_audit_conform.dict_name       mmcif_pdbx.dic 
_audit_conform.dict_version    5.380 
_audit_conform.dict_location   http://mmcif.pdb.org/dictionaries/ascii/mmcif_pdbx.dic 
# 
loop_
_database_2.database_id 
_database_2.database_code 
_database_2.pdbx_database_accession 
_database_2.pdbx_DOI 
PDB   5WY9         pdb_00005wy9 10.2210/pdb5wy9/pdb 
WWPDB D_1300002333 ?            ?                   
# 
_pdbx_database_status.status_code                     REL 
_pdbx_database_status.status_code_sf                  REL 
_pdbx_database_status.status_code_mr                  ? 
_pdbx_database_status.entry_id                        5WY9 
_pdbx_database_status.recvd_initial_deposition_date   2017-01-11 
_pdbx_database_status.SG_entry                        N 
_pdbx_database_status.deposit_site                    PDBJ 
_pdbx_database_status.process_site                    PDBJ 
_pdbx_database_status.status_code_cs                  ? 
_pdbx_database_status.methods_development_category    ? 
_pdbx_database_status.pdb_format_compatible           Y 
_pdbx_database_status.status_code_nmr_data            ? 
# 
loop_
_audit_author.name 
_audit_author.pdbx_ordinal 
_audit_author.identifier_ORCID 
'Saif, M.'      1 ? 
'Pervushin, K.' 2 ? 
# 
_citation.abstract                  ? 
_citation.abstract_id_CAS           ? 
_citation.book_id_ISBN              ? 
_citation.book_publisher            ? 
_citation.book_publisher_city       ? 
_citation.book_title                ? 
_citation.coordinate_linkage        ? 
_citation.country                   ? 
_citation.database_id_Medline       ? 
_citation.details                   ? 
_citation.id                        primary 
_citation.journal_abbrev            'To Be Published' 
_citation.journal_id_ASTM           ? 
_citation.journal_id_CSD            0353 
_citation.journal_id_ISSN           ? 
_citation.journal_full              ? 
_citation.journal_issue             ? 
_citation.journal_volume            ? 
_citation.language                  ? 
_citation.page_first                ? 
_citation.page_last                 ? 
_citation.title                     'To be published' 
_citation.year                      ? 
_citation.database_id_CSD           ? 
_citation.pdbx_database_id_DOI      ? 
_citation.pdbx_database_id_PubMed   ? 
_citation.unpublished_flag          ? 
# 
loop_
_citation_author.citation_id 
_citation_author.name 
_citation_author.ordinal 
_citation_author.identifier_ORCID 
primary 'Saif, M.'      1 ? 
primary 'Pervushin, K.' 2 ? 
# 
_cell.angle_alpha                  90.00 
_cell.angle_alpha_esd              ? 
_cell.angle_beta                   90.00 
_cell.angle_beta_esd               ? 
_cell.angle_gamma                  90.00 
_cell.angle_gamma_esd              ? 
_cell.entry_id                     5WY9 
_cell.details                      ? 
_cell.formula_units_Z              ? 
_cell.length_a                     36.270 
_cell.length_a_esd                 ? 
_cell.length_b                     56.500 
_cell.length_b_esd                 ? 
_cell.length_c                     72.529 
_cell.length_c_esd                 ? 
_cell.volume                       ? 
_cell.volume_esd                   ? 
_cell.Z_PDB                        4 
_cell.reciprocal_angle_alpha       ? 
_cell.reciprocal_angle_beta        ? 
_cell.reciprocal_angle_gamma       ? 
_cell.reciprocal_angle_alpha_esd   ? 
_cell.reciprocal_angle_beta_esd    ? 
_cell.reciprocal_angle_gamma_esd   ? 
_cell.reciprocal_length_a          ? 
_cell.reciprocal_length_b          ? 
_cell.reciprocal_length_c          ? 
_cell.reciprocal_length_a_esd      ? 
_cell.reciprocal_length_b_esd      ? 
_cell.reciprocal_length_c_esd      ? 
_cell.pdbx_unique_axis             ? 
# 
_symmetry.entry_id                         5WY9 
_symmetry.cell_setting                     ? 
_symmetry.Int_Tables_number                19 
_symmetry.space_group_name_Hall            ? 
_symmetry.space_group_name_H-M             'P 21 21 21' 
_symmetry.pdbx_full_space_group_name_H-M   ? 
# 
loop_
_entity.id 
_entity.type 
_entity.src_method 
_entity.pdbx_description 
_entity.formula_weight 
_entity.pdbx_number_of_molecules 
_entity.pdbx_ec 
_entity.pdbx_mutation 
_entity.pdbx_fragment 
_entity.details 
1 polymer     man 'Prostaglandin-H2 D-isomerase'                                  19748.145 1   5.3.99.2 ? 'UNP residues 23-190' ? 
2 non-polymer syn '2-(2-METHOXYETHOXY)ETHANOL'                                    120.147   2   ?        ? ?                     ? 
3 non-polymer syn '2-(2-{2-[2-(2-METHOXY-ETHOXY)-ETHOXY]-ETHOXY}-ETHOXY)-ETHANOL' 252.305   1   ?        ? ?                     ? 
4 water       nat water                                                           18.015    129 ?        ? ?                     ? 
# 
_entity_name_com.entity_id   1 
_entity_name_com.name        
;Beta-trace protein,Cerebrin-28,Glutathione-independent PGD synthase,Lipocalin-type prostaglandin-D synthase,Prostaglandin-D2 synthase,PGDS2
;
# 
_entity_poly.entity_id                      1 
_entity_poly.type                           'polypeptide(L)' 
_entity_poly.nstd_linkage                   no 
_entity_poly.nstd_monomer                   no 
_entity_poly.pdbx_seq_one_letter_code       
;MAPEAQVSVQPNFQQDKFLGRWFSAGLASNSSWLREKKAALSMCKSVVAPATDGGLNLTSTFLRKNQCETRTMLLQPAGS
LGSYSYRSPHWGSTYSVSVVETDYDQYALLYSQGSKGPGEDFRMATLYSRTQTPRAELKEKFTAFCKAQGFTEDTIVFLP
QTDKCMTEQAHHHHHH
;
_entity_poly.pdbx_seq_one_letter_code_can   
;MAPEAQVSVQPNFQQDKFLGRWFSAGLASNSSWLREKKAALSMCKSVVAPATDGGLNLTSTFLRKNQCETRTMLLQPAGS
LGSYSYRSPHWGSTYSVSVVETDYDQYALLYSQGSKGPGEDFRMATLYSRTQTPRAELKEKFTAFCKAQGFTEDTIVFLP
QTDKCMTEQAHHHHHH
;
_entity_poly.pdbx_strand_id                 A 
_entity_poly.pdbx_target_identifier         ? 
# 
loop_
_entity_poly_seq.entity_id 
_entity_poly_seq.num 
_entity_poly_seq.mon_id 
_entity_poly_seq.hetero 
1 1   MET n 
1 2   ALA n 
1 3   PRO n 
1 4   GLU n 
1 5   ALA n 
1 6   GLN n 
1 7   VAL n 
1 8   SER n 
1 9   VAL n 
1 10  GLN n 
1 11  PRO n 
1 12  ASN n 
1 13  PHE n 
1 14  GLN n 
1 15  GLN n 
1 16  ASP n 
1 17  LYS n 
1 18  PHE n 
1 19  LEU n 
1 20  GLY n 
1 21  ARG n 
1 22  TRP n 
1 23  PHE n 
1 24  SER n 
1 25  ALA n 
1 26  GLY n 
1 27  LEU n 
1 28  ALA n 
1 29  SER n 
1 30  ASN n 
1 31  SER n 
1 32  SER n 
1 33  TRP n 
1 34  LEU n 
1 35  ARG n 
1 36  GLU n 
1 37  LYS n 
1 38  LYS n 
1 39  ALA n 
1 40  ALA n 
1 41  LEU n 
1 42  SER n 
1 43  MET n 
1 44  CYS n 
1 45  LYS n 
1 46  SER n 
1 47  VAL n 
1 48  VAL n 
1 49  ALA n 
1 50  PRO n 
1 51  ALA n 
1 52  THR n 
1 53  ASP n 
1 54  GLY n 
1 55  GLY n 
1 56  LEU n 
1 57  ASN n 
1 58  LEU n 
1 59  THR n 
1 60  SER n 
1 61  THR n 
1 62  PHE n 
1 63  LEU n 
1 64  ARG n 
1 65  LYS n 
1 66  ASN n 
1 67  GLN n 
1 68  CYS n 
1 69  GLU n 
1 70  THR n 
1 71  ARG n 
1 72  THR n 
1 73  MET n 
1 74  LEU n 
1 75  LEU n 
1 76  GLN n 
1 77  PRO n 
1 78  ALA n 
1 79  GLY n 
1 80  SER n 
1 81  LEU n 
1 82  GLY n 
1 83  SER n 
1 84  TYR n 
1 85  SER n 
1 86  TYR n 
1 87  ARG n 
1 88  SER n 
1 89  PRO n 
1 90  HIS n 
1 91  TRP n 
1 92  GLY n 
1 93  SER n 
1 94  THR n 
1 95  TYR n 
1 96  SER n 
1 97  VAL n 
1 98  SER n 
1 99  VAL n 
1 100 VAL n 
1 101 GLU n 
1 102 THR n 
1 103 ASP n 
1 104 TYR n 
1 105 ASP n 
1 106 GLN n 
1 107 TYR n 
1 108 ALA n 
1 109 LEU n 
1 110 LEU n 
1 111 TYR n 
1 112 SER n 
1 113 GLN n 
1 114 GLY n 
1 115 SER n 
1 116 LYS n 
1 117 GLY n 
1 118 PRO n 
1 119 GLY n 
1 120 GLU n 
1 121 ASP n 
1 122 PHE n 
1 123 ARG n 
1 124 MET n 
1 125 ALA n 
1 126 THR n 
1 127 LEU n 
1 128 TYR n 
1 129 SER n 
1 130 ARG n 
1 131 THR n 
1 132 GLN n 
1 133 THR n 
1 134 PRO n 
1 135 ARG n 
1 136 ALA n 
1 137 GLU n 
1 138 LEU n 
1 139 LYS n 
1 140 GLU n 
1 141 LYS n 
1 142 PHE n 
1 143 THR n 
1 144 ALA n 
1 145 PHE n 
1 146 CYS n 
1 147 LYS n 
1 148 ALA n 
1 149 GLN n 
1 150 GLY n 
1 151 PHE n 
1 152 THR n 
1 153 GLU n 
1 154 ASP n 
1 155 THR n 
1 156 ILE n 
1 157 VAL n 
1 158 PHE n 
1 159 LEU n 
1 160 PRO n 
1 161 GLN n 
1 162 THR n 
1 163 ASP n 
1 164 LYS n 
1 165 CYS n 
1 166 MET n 
1 167 THR n 
1 168 GLU n 
1 169 GLN n 
1 170 ALA n 
1 171 HIS n 
1 172 HIS n 
1 173 HIS n 
1 174 HIS n 
1 175 HIS n 
1 176 HIS n 
# 
_entity_src_gen.entity_id                          1 
_entity_src_gen.pdbx_src_id                        1 
_entity_src_gen.pdbx_alt_source_flag               sample 
_entity_src_gen.pdbx_seq_type                      'Biological sequence' 
_entity_src_gen.pdbx_beg_seq_num                   1 
_entity_src_gen.pdbx_end_seq_num                   176 
_entity_src_gen.gene_src_common_name               Human 
_entity_src_gen.gene_src_genus                     ? 
_entity_src_gen.pdbx_gene_src_gene                 'PTGDS, PDS' 
_entity_src_gen.gene_src_species                   ? 
_entity_src_gen.gene_src_strain                    ? 
_entity_src_gen.gene_src_tissue                    ? 
_entity_src_gen.gene_src_tissue_fraction           ? 
_entity_src_gen.gene_src_details                   ? 
_entity_src_gen.pdbx_gene_src_fragment             ? 
_entity_src_gen.pdbx_gene_src_scientific_name      'Homo sapiens' 
_entity_src_gen.pdbx_gene_src_ncbi_taxonomy_id     9606 
_entity_src_gen.pdbx_gene_src_variant              ? 
_entity_src_gen.pdbx_gene_src_cell_line            ? 
_entity_src_gen.pdbx_gene_src_atcc                 ? 
_entity_src_gen.pdbx_gene_src_organ                ? 
_entity_src_gen.pdbx_gene_src_organelle            ? 
_entity_src_gen.pdbx_gene_src_cell                 ? 
_entity_src_gen.pdbx_gene_src_cellular_location    ? 
_entity_src_gen.host_org_common_name               ? 
_entity_src_gen.pdbx_host_org_scientific_name      'Escherichia coli BL21' 
_entity_src_gen.pdbx_host_org_ncbi_taxonomy_id     511693 
_entity_src_gen.host_org_genus                     ? 
_entity_src_gen.pdbx_host_org_gene                 ? 
_entity_src_gen.pdbx_host_org_organ                ? 
_entity_src_gen.host_org_species                   ? 
_entity_src_gen.pdbx_host_org_tissue               ? 
_entity_src_gen.pdbx_host_org_tissue_fraction      ? 
_entity_src_gen.pdbx_host_org_strain               BL21 
_entity_src_gen.pdbx_host_org_variant              ? 
_entity_src_gen.pdbx_host_org_cell_line            ? 
_entity_src_gen.pdbx_host_org_atcc                 ? 
_entity_src_gen.pdbx_host_org_culture_collection   ? 
_entity_src_gen.pdbx_host_org_cell                 ? 
_entity_src_gen.pdbx_host_org_organelle            ? 
_entity_src_gen.pdbx_host_org_cellular_location    ? 
_entity_src_gen.pdbx_host_org_vector_type          pNIC-CH 
_entity_src_gen.pdbx_host_org_vector               ? 
_entity_src_gen.host_org_details                   ? 
_entity_src_gen.expression_system_id               ? 
_entity_src_gen.plasmid_name                       ? 
_entity_src_gen.plasmid_details                    ? 
_entity_src_gen.pdbx_description                   ? 
# 
_struct_ref.id                         1 
_struct_ref.db_name                    UNP 
_struct_ref.db_code                    PTGDS_HUMAN 
_struct_ref.pdbx_db_accession          P41222 
_struct_ref.pdbx_db_isoform            ? 
_struct_ref.entity_id                  1 
_struct_ref.pdbx_seq_one_letter_code   
;APEAQVSVQPNFQQDKFLGRWFSAGLASNSSWLREKKAALSMCKSVVAPATDGGLNLTSTFLRKNQCETRTMLLQPAGSL
GSYSYRSPHWGSTYSVSVVETDYDQYALLYSQGSKGPGEDFRMATLYSRTQTPRAELKEKFTAFCKAQGFTEDTIVFLPQ
TDKCMTEQ
;
_struct_ref.pdbx_align_begin           23 
# 
_struct_ref_seq.align_id                      1 
_struct_ref_seq.ref_id                        1 
_struct_ref_seq.pdbx_PDB_id_code              5WY9 
_struct_ref_seq.pdbx_strand_id                A 
_struct_ref_seq.seq_align_beg                 2 
_struct_ref_seq.pdbx_seq_align_beg_ins_code   ? 
_struct_ref_seq.seq_align_end                 169 
_struct_ref_seq.pdbx_seq_align_end_ins_code   ? 
_struct_ref_seq.pdbx_db_accession             P41222 
_struct_ref_seq.db_align_beg                  23 
_struct_ref_seq.pdbx_db_align_beg_ins_code    ? 
_struct_ref_seq.db_align_end                  190 
_struct_ref_seq.pdbx_db_align_end_ins_code    ? 
_struct_ref_seq.pdbx_auth_seq_align_beg       23 
_struct_ref_seq.pdbx_auth_seq_align_end       190 
# 
loop_
_struct_ref_seq_dif.align_id 
_struct_ref_seq_dif.pdbx_pdb_id_code 
_struct_ref_seq_dif.mon_id 
_struct_ref_seq_dif.pdbx_pdb_strand_id 
_struct_ref_seq_dif.seq_num 
_struct_ref_seq_dif.pdbx_pdb_ins_code 
_struct_ref_seq_dif.pdbx_seq_db_name 
_struct_ref_seq_dif.pdbx_seq_db_accession_code 
_struct_ref_seq_dif.db_mon_id 
_struct_ref_seq_dif.pdbx_seq_db_seq_num 
_struct_ref_seq_dif.details 
_struct_ref_seq_dif.pdbx_auth_seq_num 
_struct_ref_seq_dif.pdbx_ordinal 
1 5WY9 MET A 1   ? UNP P41222 ? ? 'initiating methionine' 22  1 
1 5WY9 ALA A 170 ? UNP P41222 ? ? 'expression tag'        191 2 
1 5WY9 HIS A 171 ? UNP P41222 ? ? 'expression tag'        192 3 
1 5WY9 HIS A 172 ? UNP P41222 ? ? 'expression tag'        193 4 
1 5WY9 HIS A 173 ? UNP P41222 ? ? 'expression tag'        194 5 
1 5WY9 HIS A 174 ? UNP P41222 ? ? 'expression tag'        195 6 
1 5WY9 HIS A 175 ? UNP P41222 ? ? 'expression tag'        196 7 
1 5WY9 HIS A 176 ? UNP P41222 ? ? 'expression tag'        197 8 
# 
loop_
_chem_comp.id 
_chem_comp.type 
_chem_comp.mon_nstd_flag 
_chem_comp.name 
_chem_comp.pdbx_synonyms 
_chem_comp.formula 
_chem_comp.formula_weight 
1PG non-polymer         . '2-(2-{2-[2-(2-METHOXY-ETHOXY)-ETHOXY]-ETHOXY}-ETHOXY)-ETHANOL' ?          'C11 H24 O6'     252.305 
ALA 'L-peptide linking' y ALANINE                                                         ?          'C3 H7 N O2'     89.093  
ARG 'L-peptide linking' y ARGININE                                                        ?          'C6 H15 N4 O2 1' 175.209 
ASN 'L-peptide linking' y ASPARAGINE                                                      ?          'C4 H8 N2 O3'    132.118 
ASP 'L-peptide linking' y 'ASPARTIC ACID'                                                 ?          'C4 H7 N O4'     133.103 
CYS 'L-peptide linking' y CYSTEINE                                                        ?          'C3 H7 N O2 S'   121.158 
GLN 'L-peptide linking' y GLUTAMINE                                                       ?          'C5 H10 N2 O3'   146.144 
GLU 'L-peptide linking' y 'GLUTAMIC ACID'                                                 ?          'C5 H9 N O4'     147.129 
GLY 'peptide linking'   y GLYCINE                                                         ?          'C2 H5 N O2'     75.067  
HIS 'L-peptide linking' y HISTIDINE                                                       ?          'C6 H10 N3 O2 1' 156.162 
HOH non-polymer         . WATER                                                           ?          'H2 O'           18.015  
ILE 'L-peptide linking' y ISOLEUCINE                                                      ?          'C6 H13 N O2'    131.173 
LEU 'L-peptide linking' y LEUCINE                                                         ?          'C6 H13 N O2'    131.173 
LYS 'L-peptide linking' y LYSINE                                                          ?          'C6 H15 N2 O2 1' 147.195 
MET 'L-peptide linking' y METHIONINE                                                      ?          'C5 H11 N O2 S'  149.211 
PG0 non-polymer         . '2-(2-METHOXYETHOXY)ETHANOL'                                    'PEG 6000' 'C5 H12 O3'      120.147 
PHE 'L-peptide linking' y PHENYLALANINE                                                   ?          'C9 H11 N O2'    165.189 
PRO 'L-peptide linking' y PROLINE                                                         ?          'C5 H9 N O2'     115.130 
SER 'L-peptide linking' y SERINE                                                          ?          'C3 H7 N O3'     105.093 
THR 'L-peptide linking' y THREONINE                                                       ?          'C4 H9 N O3'     119.119 
TRP 'L-peptide linking' y TRYPTOPHAN                                                      ?          'C11 H12 N2 O2'  204.225 
TYR 'L-peptide linking' y TYROSINE                                                        ?          'C9 H11 N O3'    181.189 
VAL 'L-peptide linking' y VALINE                                                          ?          'C5 H11 N O2'    117.146 
# 
_exptl.absorpt_coefficient_mu     ? 
_exptl.absorpt_correction_T_max   ? 
_exptl.absorpt_correction_T_min   ? 
_exptl.absorpt_correction_type    ? 
_exptl.absorpt_process_details    ? 
_exptl.entry_id                   5WY9 
_exptl.crystals_number            1 
_exptl.details                    ? 
_exptl.method                     'X-RAY DIFFRACTION' 
_exptl.method_details             ? 
# 
_exptl_crystal.colour                      ? 
_exptl_crystal.density_diffrn              ? 
_exptl_crystal.density_Matthews            1.88 
_exptl_crystal.density_method              ? 
_exptl_crystal.density_percent_sol         34.75 
_exptl_crystal.description                 ? 
_exptl_crystal.F_000                       ? 
_exptl_crystal.id                          1 
_exptl_crystal.preparation                 ? 
_exptl_crystal.size_max                    ? 
_exptl_crystal.size_mid                    ? 
_exptl_crystal.size_min                    ? 
_exptl_crystal.size_rad                    ? 
_exptl_crystal.colour_lustre               ? 
_exptl_crystal.colour_modifier             ? 
_exptl_crystal.colour_primary              ? 
_exptl_crystal.density_meas                ? 
_exptl_crystal.density_meas_esd            ? 
_exptl_crystal.density_meas_gt             ? 
_exptl_crystal.density_meas_lt             ? 
_exptl_crystal.density_meas_temp           ? 
_exptl_crystal.density_meas_temp_esd       ? 
_exptl_crystal.density_meas_temp_gt        ? 
_exptl_crystal.density_meas_temp_lt        ? 
_exptl_crystal.pdbx_crystal_image_url      ? 
_exptl_crystal.pdbx_crystal_image_format   ? 
_exptl_crystal.pdbx_mosaicity              ? 
_exptl_crystal.pdbx_mosaicity_esd          ? 
# 
_exptl_crystal_grow.apparatus       ? 
_exptl_crystal_grow.atmosphere      ? 
_exptl_crystal_grow.crystal_id      1 
_exptl_crystal_grow.details         ? 
_exptl_crystal_grow.method          'VAPOR DIFFUSION, SITTING DROP' 
_exptl_crystal_grow.method_ref      ? 
_exptl_crystal_grow.pH              ? 
_exptl_crystal_grow.pressure        ? 
_exptl_crystal_grow.pressure_esd    ? 
_exptl_crystal_grow.seeding         ? 
_exptl_crystal_grow.seeding_ref     ? 
_exptl_crystal_grow.temp            277.15 
_exptl_crystal_grow.temp_details    'cold room' 
_exptl_crystal_grow.temp_esd        ? 
_exptl_crystal_grow.time            ? 
_exptl_crystal_grow.pdbx_details    '0.05M Potassium thiocyanate, 30%PEG MME 2000' 
_exptl_crystal_grow.pdbx_pH_range   6.5-8 
# 
_diffrn.ambient_environment    ? 
_diffrn.ambient_temp           100 
_diffrn.ambient_temp_details   ? 
_diffrn.ambient_temp_esd       ? 
_diffrn.crystal_id             1 
_diffrn.crystal_support        ? 
_diffrn.crystal_treatment      ? 
_diffrn.details                ? 
_diffrn.id                     1 
_diffrn.ambient_pressure       ? 
_diffrn.ambient_pressure_esd   ? 
_diffrn.ambient_pressure_gt    ? 
_diffrn.ambient_pressure_lt    ? 
_diffrn.ambient_temp_gt        ? 
_diffrn.ambient_temp_lt        ? 
# 
_diffrn_detector.details                      ? 
_diffrn_detector.detector                     PIXEL 
_diffrn_detector.diffrn_id                    1 
_diffrn_detector.type                         'DECTRIS PILATUS 2M' 
_diffrn_detector.area_resol_mean              ? 
_diffrn_detector.dtime                        ? 
_diffrn_detector.pdbx_frames_total            ? 
_diffrn_detector.pdbx_collection_time_total   ? 
_diffrn_detector.pdbx_collection_date         2016-09-03 
# 
_diffrn_radiation.collimation                      ? 
_diffrn_radiation.diffrn_id                        1 
_diffrn_radiation.filter_edge                      ? 
_diffrn_radiation.inhomogeneity                    ? 
_diffrn_radiation.monochromator                    ? 
_diffrn_radiation.polarisn_norm                    ? 
_diffrn_radiation.polarisn_ratio                   ? 
_diffrn_radiation.probe                            ? 
_diffrn_radiation.type                             ? 
_diffrn_radiation.xray_symbol                      ? 
_diffrn_radiation.wavelength_id                    1 
_diffrn_radiation.pdbx_monochromatic_or_laue_m_l   M 
_diffrn_radiation.pdbx_wavelength_list             ? 
_diffrn_radiation.pdbx_wavelength                  ? 
_diffrn_radiation.pdbx_diffrn_protocol             'SINGLE WAVELENGTH' 
_diffrn_radiation.pdbx_analyzer                    ? 
_diffrn_radiation.pdbx_scattering_type             x-ray 
# 
_diffrn_radiation_wavelength.id           1 
_diffrn_radiation_wavelength.wavelength   1.000030 
_diffrn_radiation_wavelength.wt           1.0 
# 
_diffrn_source.current                     ? 
_diffrn_source.details                     ? 
_diffrn_source.diffrn_id                   1 
_diffrn_source.power                       ? 
_diffrn_source.size                        ? 
_diffrn_source.source                      SYNCHROTRON 
_diffrn_source.target                      ? 
_diffrn_source.type                        'SLS BEAMLINE X06DA' 
_diffrn_source.voltage                     ? 
_diffrn_source.take-off_angle              ? 
_diffrn_source.pdbx_wavelength_list        1.000030 
_diffrn_source.pdbx_wavelength             ? 
_diffrn_source.pdbx_synchrotron_beamline   X06DA 
_diffrn_source.pdbx_synchrotron_site       SLS 
# 
_reflns.B_iso_Wilson_estimate            ? 
_reflns.entry_id                         5WY9 
_reflns.data_reduction_details           ? 
_reflns.data_reduction_method            ? 
_reflns.d_resolution_high                1.45 
_reflns.d_resolution_low                 56.50 
_reflns.details                          ? 
_reflns.limit_h_max                      ? 
_reflns.limit_h_min                      ? 
_reflns.limit_k_max                      ? 
_reflns.limit_k_min                      ? 
_reflns.limit_l_max                      ? 
_reflns.limit_l_min                      ? 
_reflns.number_all                       ? 
_reflns.number_obs                       26866 
_reflns.observed_criterion               ? 
_reflns.observed_criterion_F_max         ? 
_reflns.observed_criterion_F_min         ? 
_reflns.observed_criterion_I_max         ? 
_reflns.observed_criterion_I_min         ? 
_reflns.observed_criterion_sigma_F       ? 
_reflns.observed_criterion_sigma_I       ? 
_reflns.percent_possible_obs             99.9 
_reflns.R_free_details                   ? 
_reflns.Rmerge_F_all                     ? 
_reflns.Rmerge_F_obs                     ? 
_reflns.Friedel_coverage                 ? 
_reflns.number_gt                        ? 
_reflns.threshold_expression             ? 
_reflns.pdbx_redundancy                  4.8 
_reflns.pdbx_Rmerge_I_obs                0.039 
_reflns.pdbx_Rmerge_I_all                ? 
_reflns.pdbx_Rsym_value                  ? 
_reflns.pdbx_netI_over_av_sigmaI         ? 
_reflns.pdbx_netI_over_sigmaI            2.13 
_reflns.pdbx_res_netI_over_av_sigmaI_2   ? 
_reflns.pdbx_res_netI_over_sigmaI_2      ? 
_reflns.pdbx_chi_squared                 ? 
_reflns.pdbx_scaling_rejects             ? 
_reflns.pdbx_d_res_high_opt              ? 
_reflns.pdbx_d_res_low_opt               ? 
_reflns.pdbx_d_res_opt_method            ? 
_reflns.phase_calculation_details        ? 
_reflns.pdbx_Rrim_I_all                  ? 
_reflns.pdbx_Rpim_I_all                  ? 
_reflns.pdbx_d_opt                       ? 
_reflns.pdbx_number_measured_all         ? 
_reflns.pdbx_diffrn_id                   1 
_reflns.pdbx_ordinal                     1 
_reflns.pdbx_CC_half                     0.999 
_reflns.pdbx_R_split                     ? 
# 
_reflns_shell.d_res_high                  1.45 
_reflns_shell.d_res_low                   1.47 
_reflns_shell.meanI_over_sigI_all         ? 
_reflns_shell.meanI_over_sigI_obs         2.1 
_reflns_shell.number_measured_all         ? 
_reflns_shell.number_measured_obs         ? 
_reflns_shell.number_possible             ? 
_reflns_shell.number_unique_all           ? 
_reflns_shell.number_unique_obs           1176 
_reflns_shell.percent_possible_all        91.5 
_reflns_shell.percent_possible_obs        ? 
_reflns_shell.Rmerge_F_all                ? 
_reflns_shell.Rmerge_F_obs                ? 
_reflns_shell.Rmerge_I_all                ? 
_reflns_shell.Rmerge_I_obs                0.465 
_reflns_shell.meanI_over_sigI_gt          ? 
_reflns_shell.meanI_over_uI_all           ? 
_reflns_shell.meanI_over_uI_gt            ? 
_reflns_shell.number_measured_gt          ? 
_reflns_shell.number_unique_gt            ? 
_reflns_shell.percent_possible_gt         ? 
_reflns_shell.Rmerge_F_gt                 ? 
_reflns_shell.Rmerge_I_gt                 ? 
_reflns_shell.pdbx_redundancy             3.0 
_reflns_shell.pdbx_Rsym_value             ? 
_reflns_shell.pdbx_chi_squared            ? 
_reflns_shell.pdbx_netI_over_sigmaI_all   ? 
_reflns_shell.pdbx_netI_over_sigmaI_obs   ? 
_reflns_shell.pdbx_Rrim_I_all             ? 
_reflns_shell.pdbx_Rpim_I_all             ? 
_reflns_shell.pdbx_rejects                ? 
_reflns_shell.pdbx_ordinal                1 
_reflns_shell.pdbx_diffrn_id              1 
_reflns_shell.pdbx_CC_half                0.372 
_reflns_shell.pdbx_R_split                ? 
# 
_refine.aniso_B[1][1]                            0.28 
_refine.aniso_B[1][2]                            0.00 
_refine.aniso_B[1][3]                            -0.00 
_refine.aniso_B[2][2]                            -0.44 
_refine.aniso_B[2][3]                            0.00 
_refine.aniso_B[3][3]                            0.17 
_refine.B_iso_max                                ? 
_refine.B_iso_mean                               20.528 
_refine.B_iso_min                                ? 
_refine.correlation_coeff_Fo_to_Fc               0.965 
_refine.correlation_coeff_Fo_to_Fc_free          0.955 
_refine.details                                  ? 
_refine.diff_density_max                         ? 
_refine.diff_density_max_esd                     ? 
_refine.diff_density_min                         ? 
_refine.diff_density_min_esd                     ? 
_refine.diff_density_rms                         ? 
_refine.diff_density_rms_esd                     ? 
_refine.entry_id                                 5WY9 
_refine.pdbx_refine_id                           'X-RAY DIFFRACTION' 
_refine.ls_abs_structure_details                 ? 
_refine.ls_abs_structure_Flack                   ? 
_refine.ls_abs_structure_Flack_esd               ? 
_refine.ls_abs_structure_Rogers                  ? 
_refine.ls_abs_structure_Rogers_esd              ? 
_refine.ls_d_res_high                            1.45 
_refine.ls_d_res_low                             44.57 
_refine.ls_extinction_coef                       ? 
_refine.ls_extinction_coef_esd                   ? 
_refine.ls_extinction_expression                 ? 
_refine.ls_extinction_method                     ? 
_refine.ls_goodness_of_fit_all                   ? 
_refine.ls_goodness_of_fit_all_esd               ? 
_refine.ls_goodness_of_fit_obs                   ? 
_refine.ls_goodness_of_fit_obs_esd               ? 
_refine.ls_hydrogen_treatment                    ? 
_refine.ls_matrix_type                           ? 
_refine.ls_number_constraints                    ? 
_refine.ls_number_parameters                     ? 
_refine.ls_number_reflns_all                     ? 
_refine.ls_number_reflns_obs                     25435 
_refine.ls_number_reflns_R_free                  1380 
_refine.ls_number_reflns_R_work                  ? 
_refine.ls_number_restraints                     ? 
_refine.ls_percent_reflns_obs                    98.88 
_refine.ls_percent_reflns_R_free                 5.1 
_refine.ls_R_factor_all                          ? 
_refine.ls_R_factor_obs                          0.17809 
_refine.ls_R_factor_R_free                       0.21090 
_refine.ls_R_factor_R_free_error                 ? 
_refine.ls_R_factor_R_free_error_details         ? 
_refine.ls_R_factor_R_work                       0.17625 
_refine.ls_R_Fsqd_factor_obs                     ? 
_refine.ls_R_I_factor_obs                        ? 
_refine.ls_redundancy_reflns_all                 ? 
_refine.ls_redundancy_reflns_obs                 ? 
_refine.ls_restrained_S_all                      ? 
_refine.ls_restrained_S_obs                      ? 
_refine.ls_shift_over_esd_max                    ? 
_refine.ls_shift_over_esd_mean                   ? 
_refine.ls_structure_factor_coef                 ? 
_refine.ls_weighting_details                     ? 
_refine.ls_weighting_scheme                      ? 
_refine.ls_wR_factor_all                         ? 
_refine.ls_wR_factor_obs                         ? 
_refine.ls_wR_factor_R_free                      ? 
_refine.ls_wR_factor_R_work                      ? 
_refine.occupancy_max                            ? 
_refine.occupancy_min                            ? 
_refine.solvent_model_details                    ? 
_refine.solvent_model_param_bsol                 ? 
_refine.solvent_model_param_ksol                 ? 
_refine.ls_R_factor_gt                           ? 
_refine.ls_goodness_of_fit_gt                    ? 
_refine.ls_goodness_of_fit_ref                   ? 
_refine.ls_shift_over_su_max                     ? 
_refine.ls_shift_over_su_max_lt                  ? 
_refine.ls_shift_over_su_mean                    ? 
_refine.ls_shift_over_su_mean_lt                 ? 
_refine.pdbx_ls_sigma_I                          ? 
_refine.pdbx_ls_sigma_F                          ? 
_refine.pdbx_ls_sigma_Fsqd                       ? 
_refine.pdbx_data_cutoff_high_absF               ? 
_refine.pdbx_data_cutoff_high_rms_absF           ? 
_refine.pdbx_data_cutoff_low_absF                ? 
_refine.pdbx_isotropic_thermal_model             ? 
_refine.pdbx_ls_cross_valid_method               THROUGHOUT 
_refine.pdbx_method_to_determine_struct          'MOLECULAR REPLACEMENT' 
_refine.pdbx_starting_model                      4IMN 
_refine.pdbx_stereochemistry_target_values       ? 
_refine.pdbx_R_Free_selection_details            RANDOM 
_refine.pdbx_stereochem_target_val_spec_case     ? 
_refine.pdbx_overall_ESU_R                       0.071 
_refine.pdbx_overall_ESU_R_Free                  0.075 
_refine.pdbx_solvent_vdw_probe_radii             1.20 
_refine.pdbx_solvent_ion_probe_radii             0.80 
_refine.pdbx_solvent_shrinkage_radii             0.80 
_refine.pdbx_real_space_R                        ? 
_refine.pdbx_density_correlation                 ? 
_refine.pdbx_pd_number_of_powder_patterns        ? 
_refine.pdbx_pd_number_of_points                 ? 
_refine.pdbx_pd_meas_number_of_points            ? 
_refine.pdbx_pd_proc_ls_prof_R_factor            ? 
_refine.pdbx_pd_proc_ls_prof_wR_factor           ? 
_refine.pdbx_pd_Marquardt_correlation_coeff      ? 
_refine.pdbx_pd_Fsqrd_R_factor                   ? 
_refine.pdbx_pd_ls_matrix_band_width             ? 
_refine.pdbx_overall_phase_error                 ? 
_refine.pdbx_overall_SU_R_free_Cruickshank_DPI   ? 
_refine.pdbx_overall_SU_R_free_Blow_DPI          ? 
_refine.pdbx_overall_SU_R_Blow_DPI               ? 
_refine.pdbx_TLS_residual_ADP_flag               ? 
_refine.pdbx_diffrn_id                           1 
_refine.overall_SU_B                             1.243 
_refine.overall_SU_ML                            0.048 
_refine.overall_SU_R_Cruickshank_DPI             ? 
_refine.overall_SU_R_free                        ? 
_refine.overall_FOM_free_R_set                   ? 
_refine.overall_FOM_work_R_set                   ? 
_refine.pdbx_average_fsc_overall                 ? 
_refine.pdbx_average_fsc_work                    ? 
_refine.pdbx_average_fsc_free                    ? 
# 
_refine_hist.pdbx_refine_id                   'X-RAY DIFFRACTION' 
_refine_hist.cycle_id                         1 
_refine_hist.pdbx_number_atoms_protein        1236 
_refine_hist.pdbx_number_atoms_nucleic_acid   0 
_refine_hist.pdbx_number_atoms_ligand         33 
_refine_hist.number_atoms_solvent             129 
_refine_hist.number_atoms_total               1398 
_refine_hist.d_res_high                       1.45 
_refine_hist.d_res_low                        44.57 
# 
loop_
_refine_ls_restr.pdbx_refine_id 
_refine_ls_restr.criterion 
_refine_ls_restr.dev_ideal 
_refine_ls_restr.dev_ideal_target 
_refine_ls_restr.number 
_refine_ls_restr.rejects 
_refine_ls_restr.type 
_refine_ls_restr.weight 
_refine_ls_restr.pdbx_restraint_function 
'X-RAY DIFFRACTION' ? 0.024  0.020  1364 ? r_bond_refined_d             ? ? 
'X-RAY DIFFRACTION' ? ?      ?      ?    ? r_bond_other_d               ? ? 
'X-RAY DIFFRACTION' ? 2.521  1.973  1855 ? r_angle_refined_deg          ? ? 
'X-RAY DIFFRACTION' ? ?      ?      ?    ? r_angle_other_deg            ? ? 
'X-RAY DIFFRACTION' ? 6.764  5.000  182  ? r_dihedral_angle_1_deg       ? ? 
'X-RAY DIFFRACTION' ? 38.883 23.448 58   ? r_dihedral_angle_2_deg       ? ? 
'X-RAY DIFFRACTION' ? 13.971 15.000 228  ? r_dihedral_angle_3_deg       ? ? 
'X-RAY DIFFRACTION' ? 17.905 15.000 9    ? r_dihedral_angle_4_deg       ? ? 
'X-RAY DIFFRACTION' ? 0.174  0.200  204  ? r_chiral_restr               ? ? 
'X-RAY DIFFRACTION' ? 0.014  0.021  1024 ? r_gen_planes_refined         ? ? 
'X-RAY DIFFRACTION' ? ?      ?      ?    ? r_gen_planes_other           ? ? 
'X-RAY DIFFRACTION' ? ?      ?      ?    ? r_nbd_refined                ? ? 
'X-RAY DIFFRACTION' ? ?      ?      ?    ? r_nbd_other                  ? ? 
'X-RAY DIFFRACTION' ? ?      ?      ?    ? r_nbtor_refined              ? ? 
'X-RAY DIFFRACTION' ? ?      ?      ?    ? r_nbtor_other                ? ? 
'X-RAY DIFFRACTION' ? ?      ?      ?    ? r_xyhbond_nbd_refined        ? ? 
'X-RAY DIFFRACTION' ? ?      ?      ?    ? r_xyhbond_nbd_other          ? ? 
'X-RAY DIFFRACTION' ? ?      ?      ?    ? r_metal_ion_refined          ? ? 
'X-RAY DIFFRACTION' ? ?      ?      ?    ? r_metal_ion_other            ? ? 
'X-RAY DIFFRACTION' ? ?      ?      ?    ? r_symmetry_vdw_refined       ? ? 
'X-RAY DIFFRACTION' ? ?      ?      ?    ? r_symmetry_vdw_other         ? ? 
'X-RAY DIFFRACTION' ? ?      ?      ?    ? r_symmetry_hbond_refined     ? ? 
'X-RAY DIFFRACTION' ? ?      ?      ?    ? r_symmetry_hbond_other       ? ? 
'X-RAY DIFFRACTION' ? ?      ?      ?    ? r_symmetry_metal_ion_refined ? ? 
'X-RAY DIFFRACTION' ? ?      ?      ?    ? r_symmetry_metal_ion_other   ? ? 
'X-RAY DIFFRACTION' ? 2.924  1.668  657  ? r_mcbond_it                  ? ? 
'X-RAY DIFFRACTION' ? ?      ?      ?    ? r_mcbond_other               ? ? 
'X-RAY DIFFRACTION' ? 4.014  2.490  826  ? r_mcangle_it                 ? ? 
'X-RAY DIFFRACTION' ? ?      ?      ?    ? r_mcangle_other              ? ? 
'X-RAY DIFFRACTION' ? 4.329  2.062  707  ? r_scbond_it                  ? ? 
'X-RAY DIFFRACTION' ? ?      ?      ?    ? r_scbond_other               ? ? 
'X-RAY DIFFRACTION' ? ?      ?      ?    ? r_scangle_it                 ? ? 
'X-RAY DIFFRACTION' ? ?      ?      ?    ? r_scangle_other              ? ? 
'X-RAY DIFFRACTION' ? 8.034  25.495 2105 ? r_long_range_B_refined       ? ? 
'X-RAY DIFFRACTION' ? ?      ?      ?    ? r_long_range_B_other         ? ? 
'X-RAY DIFFRACTION' ? ?      ?      ?    ? r_rigid_bond_restr           ? ? 
'X-RAY DIFFRACTION' ? ?      ?      ?    ? r_sphericity_free            ? ? 
'X-RAY DIFFRACTION' ? ?      ?      ?    ? r_sphericity_bonded          ? ? 
# 
_refine_ls_shell.pdbx_refine_id                   'X-RAY DIFFRACTION' 
_refine_ls_shell.d_res_high                       1.450 
_refine_ls_shell.d_res_low                        1.488 
_refine_ls_shell.number_reflns_all                ? 
_refine_ls_shell.number_reflns_obs                ? 
_refine_ls_shell.number_reflns_R_free             87 
_refine_ls_shell.number_reflns_R_work             1710 
_refine_ls_shell.percent_reflns_obs               91.92 
_refine_ls_shell.percent_reflns_R_free            ? 
_refine_ls_shell.R_factor_all                     ? 
_refine_ls_shell.R_factor_obs                     ? 
_refine_ls_shell.R_factor_R_free                  0.250 
_refine_ls_shell.R_factor_R_free_error            ? 
_refine_ls_shell.R_factor_R_work                  0.266 
_refine_ls_shell.redundancy_reflns_all            ? 
_refine_ls_shell.redundancy_reflns_obs            ? 
_refine_ls_shell.wR_factor_all                    ? 
_refine_ls_shell.wR_factor_obs                    ? 
_refine_ls_shell.wR_factor_R_free                 ? 
_refine_ls_shell.wR_factor_R_work                 ? 
_refine_ls_shell.pdbx_total_number_of_bins_used   20 
_refine_ls_shell.pdbx_phase_error                 ? 
_refine_ls_shell.pdbx_fsc_work                    ? 
_refine_ls_shell.pdbx_fsc_free                    ? 
# 
_struct.entry_id                     5WY9 
_struct.title                        'Apo form crystal structure of human Lipocalin PGDS .' 
_struct.pdbx_model_details           ? 
_struct.pdbx_formula_weight          ? 
_struct.pdbx_formula_weight_method   ? 
_struct.pdbx_model_type_details      ? 
_struct.pdbx_CASP_flag               N 
# 
_struct_keywords.entry_id        5WY9 
_struct_keywords.text            'Beta barrel, Synthetase, Chaperone' 
_struct_keywords.pdbx_keywords   CHAPERONE 
# 
loop_
_struct_asym.id 
_struct_asym.pdbx_blank_PDB_chainid_flag 
_struct_asym.pdbx_modified 
_struct_asym.entity_id 
_struct_asym.details 
A N N 1 ? 
B N N 2 ? 
C N N 2 ? 
D N N 3 ? 
E N N 4 ? 
# 
loop_
_struct_conf.conf_type_id 
_struct_conf.id 
_struct_conf.pdbx_PDB_helix_id 
_struct_conf.beg_label_comp_id 
_struct_conf.beg_label_asym_id 
_struct_conf.beg_label_seq_id 
_struct_conf.pdbx_beg_PDB_ins_code 
_struct_conf.end_label_comp_id 
_struct_conf.end_label_asym_id 
_struct_conf.end_label_seq_id 
_struct_conf.pdbx_end_PDB_ins_code 
_struct_conf.beg_auth_comp_id 
_struct_conf.beg_auth_asym_id 
_struct_conf.beg_auth_seq_id 
_struct_conf.end_auth_comp_id 
_struct_conf.end_auth_asym_id 
_struct_conf.end_auth_seq_id 
_struct_conf.pdbx_PDB_helix_class 
_struct_conf.details 
_struct_conf.pdbx_PDB_helix_length 
HELX_P HELX_P1 AA1 GLN A 14  ? LEU A 19  ? GLN A 35  LEU A 40  5 ? 6  
HELX_P HELX_P2 AA2 SER A 31  ? LEU A 41  ? SER A 52  LEU A 62  1 ? 11 
HELX_P HELX_P3 AA3 GLY A 117 ? ASP A 121 ? GLY A 138 ASP A 142 5 ? 5  
HELX_P HELX_P4 AA4 ARG A 135 ? GLN A 149 ? ARG A 156 GLN A 170 1 ? 15 
HELX_P HELX_P5 AA5 THR A 152 ? ASP A 154 ? THR A 173 ASP A 175 5 ? 3  
# 
_struct_conf_type.id          HELX_P 
_struct_conf_type.criteria    ? 
_struct_conf_type.reference   ? 
# 
_struct_sheet.id               AA1 
_struct_sheet.type             ? 
_struct_sheet.number_strands   10 
_struct_sheet.details          ? 
# 
loop_
_struct_sheet_order.sheet_id 
_struct_sheet_order.range_id_1 
_struct_sheet_order.range_id_2 
_struct_sheet_order.offset 
_struct_sheet_order.sense 
AA1 1 2  ? anti-parallel 
AA1 2 3  ? anti-parallel 
AA1 3 4  ? anti-parallel 
AA1 4 5  ? anti-parallel 
AA1 5 6  ? anti-parallel 
AA1 6 7  ? anti-parallel 
AA1 7 8  ? anti-parallel 
AA1 8 9  ? anti-parallel 
AA1 9 10 ? anti-parallel 
# 
loop_
_struct_sheet_range.sheet_id 
_struct_sheet_range.id 
_struct_sheet_range.beg_label_comp_id 
_struct_sheet_range.beg_label_asym_id 
_struct_sheet_range.beg_label_seq_id 
_struct_sheet_range.pdbx_beg_PDB_ins_code 
_struct_sheet_range.end_label_comp_id 
_struct_sheet_range.end_label_asym_id 
_struct_sheet_range.end_label_seq_id 
_struct_sheet_range.pdbx_end_PDB_ins_code 
_struct_sheet_range.beg_auth_comp_id 
_struct_sheet_range.beg_auth_asym_id 
_struct_sheet_range.beg_auth_seq_id 
_struct_sheet_range.end_auth_comp_id 
_struct_sheet_range.end_auth_asym_id 
_struct_sheet_range.end_auth_seq_id 
AA1 1  ILE A 156 ? PHE A 158 ? ILE A 177 PHE A 179 
AA1 2  GLY A 20  ? SER A 29  ? GLY A 41  SER A 50  
AA1 3  ARG A 123 ? SER A 129 ? ARG A 144 SER A 150 
AA1 4  TYR A 107 ? LYS A 116 ? TYR A 128 LYS A 137 
AA1 5  SER A 93  ? THR A 102 ? SER A 114 THR A 123 
AA1 6  SER A 83  ? SER A 88  ? SER A 104 SER A 109 
AA1 7  GLN A 67  ? PRO A 77  ? GLN A 88  PRO A 98  
AA1 8  LEU A 56  ? ARG A 64  ? LEU A 77  ARG A 85  
AA1 9  MET A 43  ? PRO A 50  ? MET A 64  PRO A 71  
AA1 10 GLY A 20  ? SER A 29  ? GLY A 41  SER A 50  
# 
loop_
_pdbx_struct_sheet_hbond.sheet_id 
_pdbx_struct_sheet_hbond.range_id_1 
_pdbx_struct_sheet_hbond.range_id_2 
_pdbx_struct_sheet_hbond.range_1_label_atom_id 
_pdbx_struct_sheet_hbond.range_1_label_comp_id 
_pdbx_struct_sheet_hbond.range_1_label_asym_id 
_pdbx_struct_sheet_hbond.range_1_label_seq_id 
_pdbx_struct_sheet_hbond.range_1_PDB_ins_code 
_pdbx_struct_sheet_hbond.range_1_auth_atom_id 
_pdbx_struct_sheet_hbond.range_1_auth_comp_id 
_pdbx_struct_sheet_hbond.range_1_auth_asym_id 
_pdbx_struct_sheet_hbond.range_1_auth_seq_id 
_pdbx_struct_sheet_hbond.range_2_label_atom_id 
_pdbx_struct_sheet_hbond.range_2_label_comp_id 
_pdbx_struct_sheet_hbond.range_2_label_asym_id 
_pdbx_struct_sheet_hbond.range_2_label_seq_id 
_pdbx_struct_sheet_hbond.range_2_PDB_ins_code 
_pdbx_struct_sheet_hbond.range_2_auth_atom_id 
_pdbx_struct_sheet_hbond.range_2_auth_comp_id 
_pdbx_struct_sheet_hbond.range_2_auth_asym_id 
_pdbx_struct_sheet_hbond.range_2_auth_seq_id 
AA1 1 2  O VAL A 157 ? O VAL A 178 N LEU A 27  ? N LEU A 48  
AA1 2 3  N GLY A 26  ? N GLY A 47  O LEU A 127 ? O LEU A 148 
AA1 3 4  O MET A 124 ? O MET A 145 N SER A 112 ? N SER A 133 
AA1 4 5  O SER A 115 ? O SER A 136 N THR A 94  ? N THR A 115 
AA1 5 6  O SER A 93  ? O SER A 114 N SER A 88  ? N SER A 109 
AA1 6 7  O SER A 85  ? O SER A 106 N GLN A 76  ? N GLN A 97  
AA1 7 8  O LEU A 75  ? O LEU A 96  N LEU A 56  ? N LEU A 77  
AA1 8 9  O ASN A 57  ? O ASN A 78  N ALA A 49  ? N ALA A 70  
AA1 9 10 O SER A 46  ? O SER A 67  N TRP A 22  ? N TRP A 43  
# 
loop_
_struct_site.id 
_struct_site.pdbx_evidence_code 
_struct_site.pdbx_auth_asym_id 
_struct_site.pdbx_auth_comp_id 
_struct_site.pdbx_auth_seq_id 
_struct_site.pdbx_auth_ins_code 
_struct_site.pdbx_num_residues 
_struct_site.details 
AC1 Software A PG0 201 ? 6 'binding site for residue PG0 A 201' 
AC2 Software A PG0 202 ? 4 'binding site for residue PG0 A 202' 
AC3 Software A 1PG 203 ? 7 'binding site for residue 1PG A 203' 
# 
loop_
_struct_site_gen.id 
_struct_site_gen.site_id 
_struct_site_gen.pdbx_num_res 
_struct_site_gen.label_comp_id 
_struct_site_gen.label_asym_id 
_struct_site_gen.label_seq_id 
_struct_site_gen.pdbx_auth_ins_code 
_struct_site_gen.auth_comp_id 
_struct_site_gen.auth_asym_id 
_struct_site_gen.auth_seq_id 
_struct_site_gen.label_atom_id 
_struct_site_gen.label_alt_id 
_struct_site_gen.symmetry 
_struct_site_gen.details 
1  AC1 6 ASP A 16  ? ASP A 37  . ? 3_654 ? 
2  AC1 6 LEU A 34  ? LEU A 55  . ? 1_555 ? 
3  AC1 6 LYS A 37  ? LYS A 58  . ? 1_555 ? 
4  AC1 6 LYS A 38  ? LYS A 59  . ? 1_555 ? 
5  AC1 6 LEU A 41  ? LEU A 62  . ? 1_555 ? 
6  AC1 6 HOH E .   ? HOH A 368 . ? 1_555 ? 
7  AC2 4 THR A 70  ? THR A 91  . ? 1_555 ? 
8  AC2 4 ARG A 71  ? ARG A 92  . ? 1_555 ? 
9  AC2 4 THR A 72  ? THR A 93  . ? 1_555 ? 
10 AC2 4 HOH E .   ? HOH A 316 . ? 1_555 ? 
11 AC3 7 MET A 73  ? MET A 94  . ? 1_555 ? 
12 AC3 7 TYR A 95  ? TYR A 116 . ? 1_555 ? 
13 AC3 7 SER A 112 ? SER A 133 . ? 1_555 ? 
14 AC3 7 GLY A 119 ? GLY A 140 . ? 1_555 ? 
15 AC3 7 MET A 124 ? MET A 145 . ? 1_555 ? 
16 AC3 7 TYR A 128 ? TYR A 149 . ? 1_555 ? 
17 AC3 7 HOH E .   ? HOH A 303 . ? 1_555 ? 
# 
_atom_sites.entry_id                    5WY9 
_atom_sites.fract_transf_matrix[1][1]   -0.00347893 
_atom_sites.fract_transf_matrix[1][2]   0.01203298 
_atom_sites.fract_transf_matrix[1][3]   0.02456144 
_atom_sites.fract_transf_matrix[2][1]   0.00808768 
_atom_sites.fract_transf_matrix[2][2]   -0.01365479 
_atom_sites.fract_transf_matrix[2][3]   0.00783522 
_atom_sites.fract_transf_matrix[3][1]   0.01214024 
_atom_sites.fract_transf_matrix[3][2]   0.00638297 
_atom_sites.fract_transf_matrix[3][3]   -0.00140753 
_atom_sites.fract_transf_vector[1]      0.432748 
_atom_sites.fract_transf_vector[2]      -0.014873 
_atom_sites.fract_transf_vector[3]      -0.147904 
# 
loop_
_atom_type.symbol 
C 
N 
O 
S 
# 
loop_
_atom_site.group_PDB 
_atom_site.id 
_atom_site.type_symbol 
_atom_site.label_atom_id 
_atom_site.label_alt_id 
_atom_site.label_comp_id 
_atom_site.label_asym_id 
_atom_site.label_entity_id 
_atom_site.label_seq_id 
_atom_site.pdbx_PDB_ins_code 
_atom_site.Cartn_x 
_atom_site.Cartn_y 
_atom_site.Cartn_z 
_atom_site.occupancy 
_atom_site.B_iso_or_equiv 
_atom_site.pdbx_formal_charge 
_atom_site.auth_seq_id 
_atom_site.auth_comp_id 
_atom_site.auth_asym_id 
_atom_site.auth_atom_id 
_atom_site.pdbx_PDB_model_num 
ATOM   1    N N   . GLN A 1 6   ? 9.891   11.352  9.100   1.00 64.73 ? 27  GLN A N   1 
ATOM   2    C CA  . GLN A 1 6   ? 10.044  9.943   8.629   1.00 67.01 ? 27  GLN A CA  1 
ATOM   3    C C   . GLN A 1 6   ? 10.428  9.947   7.153   1.00 64.63 ? 27  GLN A C   1 
ATOM   4    O O   . GLN A 1 6   ? 11.609  10.031  6.809   1.00 67.35 ? 27  GLN A O   1 
ATOM   5    C CB  . GLN A 1 6   ? 8.753   9.122   8.843   1.00 73.70 ? 27  GLN A CB  1 
ATOM   6    C CG  . GLN A 1 6   ? 8.274   8.960   10.289  1.00 84.65 ? 27  GLN A CG  1 
ATOM   7    C CD  . GLN A 1 6   ? 9.331   8.389   11.239  1.00 89.84 ? 27  GLN A CD  1 
ATOM   8    O OE1 . GLN A 1 6   ? 9.578   8.945   12.314  1.00 94.92 ? 27  GLN A OE1 1 
ATOM   9    N NE2 . GLN A 1 6   ? 9.959   7.283   10.848  1.00 91.46 ? 27  GLN A NE2 1 
ATOM   10   N N   . VAL A 1 7   ? 9.418   9.851   6.289   1.00 55.17 ? 28  VAL A N   1 
ATOM   11   C CA  . VAL A 1 7   ? 9.602   9.898   4.829   1.00 44.92 ? 28  VAL A CA  1 
ATOM   12   C C   . VAL A 1 7   ? 8.695   11.048  4.304   1.00 31.63 ? 28  VAL A C   1 
ATOM   13   O O   . VAL A 1 7   ? 7.864   11.603  5.061   1.00 31.99 ? 28  VAL A O   1 
ATOM   14   C CB  . VAL A 1 7   ? 9.451   8.445   4.206   1.00 53.31 ? 28  VAL A CB  1 
ATOM   15   C CG1 . VAL A 1 7   ? 8.981   8.392   2.751   1.00 44.40 ? 28  VAL A CG1 1 
ATOM   16   C CG2 . VAL A 1 7   ? 10.757  7.655   4.359   1.00 57.44 ? 28  VAL A CG2 1 
ATOM   17   N N   . SER A 1 8   ? 8.854   11.426  3.043   1.00 34.95 ? 29  SER A N   1 
ATOM   18   C CA  . SER A 1 8   ? 8.052   12.536  2.460   1.00 28.47 ? 29  SER A CA  1 
ATOM   19   C C   . SER A 1 8   ? 6.590   12.112  2.256   1.00 25.30 ? 29  SER A C   1 
ATOM   20   O O   . SER A 1 8   ? 6.315   10.914  2.017   1.00 24.18 ? 29  SER A O   1 
ATOM   21   C CB  . SER A 1 8   ? 8.584   12.946  1.080   1.00 29.48 ? 29  SER A CB  1 
ATOM   22   O OG  . SER A 1 8   ? 9.959   13.309  1.165   1.00 38.55 ? 29  SER A OG  1 
ATOM   23   N N   . VAL A 1 9   ? 5.689   13.069  2.411   1.00 21.20 ? 30  VAL A N   1 
ATOM   24   C CA  . VAL A 1 9   ? 4.240   12.930  2.122   1.00 18.47 ? 30  VAL A CA  1 
ATOM   25   C C   . VAL A 1 9   ? 3.892   13.825  0.918   1.00 15.48 ? 30  VAL A C   1 
ATOM   26   O O   . VAL A 1 9   ? 4.459   14.960  0.809   1.00 15.53 ? 30  VAL A O   1 
ATOM   27   C CB  . VAL A 1 9   ? 3.379   13.252  3.350   1.00 21.12 ? 30  VAL A CB  1 
ATOM   28   C CG1 . VAL A 1 9   ? 1.917   13.298  3.067   1.00 23.69 ? 30  VAL A CG1 1 
ATOM   29   C CG2 . VAL A 1 9   ? 3.710   12.242  4.459   1.00 26.42 ? 30  VAL A CG2 1 
ATOM   30   N N   . GLN A 1 10  ? 3.028   13.377  0.009   1.00 11.69 ? 31  GLN A N   1 
ATOM   31   C CA  . GLN A 1 10  ? 2.599   14.143  -1.166  1.00 11.09 ? 31  GLN A CA  1 
ATOM   32   C C   . GLN A 1 10  ? 2.218   15.560  -0.725  1.00 11.51 ? 31  GLN A C   1 
ATOM   33   O O   . GLN A 1 10  ? 1.346   15.716  0.121   1.00 12.03 ? 31  GLN A O   1 
ATOM   34   C CB  . GLN A 1 10  ? 1.398   13.443  -1.801  1.00 11.71 ? 31  GLN A CB  1 
ATOM   35   C CG  . GLN A 1 10  ? 0.675   14.267  -2.851  1.00 11.57 ? 31  GLN A CG  1 
ATOM   36   C CD  . GLN A 1 10  ? 1.580   14.546  -4.083  1.00 12.94 ? 31  GLN A CD  1 
ATOM   37   O OE1 . GLN A 1 10  ? 2.324   13.735  -4.568  1.00 10.75 ? 31  GLN A OE1 1 
ATOM   38   N NE2 . GLN A 1 10  ? 1.575   15.807  -4.492  1.00 17.90 ? 31  GLN A NE2 1 
ATOM   39   N N   . PRO A 1 11  ? 2.816   16.578  -1.323  1.00 10.48 ? 32  PRO A N   1 
ATOM   40   C CA  . PRO A 1 11  ? 2.448   17.827  -0.792  1.00 15.52 ? 32  PRO A CA  1 
ATOM   41   C C   . PRO A 1 11  ? 1.032   18.227  -1.226  1.00 12.21 ? 32  PRO A C   1 
ATOM   42   O O   . PRO A 1 11  ? 0.467   17.816  -2.285  1.00 11.92 ? 32  PRO A O   1 
ATOM   43   C CB  . PRO A 1 11  ? 3.397   18.786  -1.647  1.00 13.61 ? 32  PRO A CB  1 
ATOM   44   C CG  . PRO A 1 11  ? 4.663   17.921  -1.959  1.00 18.29 ? 32  PRO A CG  1 
ATOM   45   C CD  . PRO A 1 11  ? 4.084   16.496  -2.134  1.00 12.20 ? 32  PRO A CD  1 
ATOM   46   N N   . ASN A 1 12  ? 0.406   19.056  -0.402  1.00 10.55 ? 33  ASN A N   1 
ATOM   47   C CA  . ASN A 1 12  ? -0.991  19.523  -0.684  1.00 10.10 ? 33  ASN A CA  1 
ATOM   48   C C   . ASN A 1 12  ? -1.924  18.339  -0.931  1.00 8.93  ? 33  ASN A C   1 
ATOM   49   O O   . ASN A 1 12  ? -2.763  18.408  -1.820  1.00 9.45  ? 33  ASN A O   1 
ATOM   50   C CB  . ASN A 1 12  ? -1.029  20.500  -1.891  1.00 10.91 ? 33  ASN A CB  1 
ATOM   51   C CG  . ASN A 1 12  ? -2.305  21.337  -1.906  1.00 9.85  ? 33  ASN A CG  1 
ATOM   52   O OD1 . ASN A 1 12  ? -2.854  21.604  -0.866  1.00 12.03 ? 33  ASN A OD1 1 
ATOM   53   N ND2 . ASN A 1 12  ? -2.811  21.681  -3.102  1.00 10.40 ? 33  ASN A ND2 1 
ATOM   54   N N   . PHE A 1 13  ? -1.784  17.331  -0.102  1.00 9.06  ? 34  PHE A N   1 
ATOM   55   C CA  . PHE A 1 13  ? -2.540  16.074  -0.397  1.00 8.97  ? 34  PHE A CA  1 
ATOM   56   C C   . PHE A 1 13  ? -4.037  16.310  -0.320  1.00 9.08  ? 34  PHE A C   1 
ATOM   57   O O   . PHE A 1 13  ? -4.564  16.917  0.627   1.00 9.94  ? 34  PHE A O   1 
ATOM   58   C CB  . PHE A 1 13  ? -2.108  15.037  0.640   1.00 9.00  ? 34  PHE A CB  1 
ATOM   59   C CG  . PHE A 1 13  ? -2.830  13.714  0.478   1.00 8.71  ? 34  PHE A CG  1 
ATOM   60   C CD1 . PHE A 1 13  ? -2.535  12.896  -0.619  1.00 9.95  ? 34  PHE A CD1 1 
ATOM   61   C CD2 . PHE A 1 13  ? -3.777  13.336  1.414   1.00 8.96  ? 34  PHE A CD2 1 
ATOM   62   C CE1 . PHE A 1 13  ? -3.248  11.649  -0.796  1.00 9.56  ? 34  PHE A CE1 1 
ATOM   63   C CE2 . PHE A 1 13  ? -4.434  12.064  1.238   1.00 9.61  ? 34  PHE A CE2 1 
ATOM   64   C CZ  . PHE A 1 13  ? -4.164  11.257  0.165   1.00 10.24 ? 34  PHE A CZ  1 
ATOM   65   N N   . GLN A 1 14  ? -4.726  15.747  -1.302  1.00 9.03  ? 35  GLN A N   1 
ATOM   66   C CA  . GLN A 1 14  ? -6.186  15.912  -1.418  1.00 9.35  ? 35  GLN A CA  1 
ATOM   67   C C   . GLN A 1 14  ? -6.860  14.559  -1.237  1.00 9.44  ? 35  GLN A C   1 
ATOM   68   O O   . GLN A 1 14  ? -6.945  13.760  -2.202  1.00 9.74  ? 35  GLN A O   1 
ATOM   69   C CB  . GLN A 1 14  ? -6.543  16.464  -2.812  1.00 10.24 ? 35  GLN A CB  1 
ATOM   70   C CG  . GLN A 1 14  ? -5.856  17.779  -3.141  1.00 11.93 ? 35  GLN A CG  1 
ATOM   71   C CD  . GLN A 1 14  ? -6.387  18.894  -2.272  1.00 13.85 ? 35  GLN A CD  1 
ATOM   72   O OE1 . GLN A 1 14  ? -7.594  18.992  -1.970  1.00 14.45 ? 35  GLN A OE1 1 
ATOM   73   N NE2 . GLN A 1 14  ? -5.458  19.815  -1.791  1.00 13.33 ? 35  GLN A NE2 1 
ATOM   74   N N   . GLN A 1 15  ? -7.302  14.274  -0.021  1.00 8.93  ? 36  GLN A N   1 
ATOM   75   C CA  . GLN A 1 15  ? -7.757  12.913  0.267   1.00 9.99  ? 36  GLN A CA  1 
ATOM   76   C C   . GLN A 1 15  ? -8.946  12.533  -0.617  1.00 10.66 ? 36  GLN A C   1 
ATOM   77   O O   . GLN A 1 15  ? -9.062  11.344  -1.052  1.00 9.47  ? 36  GLN A O   1 
ATOM   78   C CB  . GLN A 1 15  ? -8.110  12.815  1.770   1.00 10.04 ? 36  GLN A CB  1 
ATOM   79   C CG  . GLN A 1 15  ? -8.457  11.392  2.150   1.00 10.40 ? 36  GLN A CG  1 
ATOM   80   C CD  . GLN A 1 15  ? -8.614  11.261  3.663   1.00 12.15 ? 36  GLN A CD  1 
ATOM   81   O OE1 . GLN A 1 15  ? -7.663  10.989  4.368   1.00 14.12 ? 36  GLN A OE1 1 
ATOM   82   N NE2 . GLN A 1 15  ? -9.861  11.460  4.150   1.00 14.87 ? 36  GLN A NE2 1 
ATOM   83   N N   . ASP A 1 16  ? -9.830  13.492  -0.943  1.00 10.47 ? 37  ASP A N   1 
ATOM   84   C CA  . ASP A 1 16  ? -11.011 13.100  -1.736  1.00 9.62  ? 37  ASP A CA  1 
ATOM   85   C C   . ASP A 1 16  ? -10.610 12.707  -3.165  1.00 10.24 ? 37  ASP A C   1 
ATOM   86   O O   . ASP A 1 16  ? -11.260 11.867  -3.741  1.00 11.28 ? 37  ASP A O   1 
ATOM   87   C CB  . ASP A 1 16  ? -12.020 14.271  -1.794  1.00 10.38 ? 37  ASP A CB  1 
ATOM   88   C CG  . ASP A 1 16  ? -11.443 15.526  -2.443  1.00 12.80 ? 37  ASP A CG  1 
ATOM   89   O OD1 . ASP A 1 16  ? -10.361 16.040  -2.064  1.00 12.83 ? 37  ASP A OD1 1 
ATOM   90   O OD2 . ASP A 1 16  ? -12.066 15.971  -3.463  1.00 14.56 ? 37  ASP A OD2 1 
ATOM   91   N N   . LYS A 1 17  ? -9.507  13.247  -3.708  1.00 8.77  ? 38  LYS A N   1 
ATOM   92   C CA  . LYS A 1 17  ? -9.076  12.835  -5.041  1.00 9.18  ? 38  LYS A CA  1 
ATOM   93   C C   . LYS A 1 17  ? -8.383  11.447  -5.065  1.00 8.87  ? 38  LYS A C   1 
ATOM   94   O O   . LYS A 1 17  ? -8.159  10.885  -6.128  1.00 8.95  ? 38  LYS A O   1 
ATOM   95   C CB  . LYS A 1 17  ? -8.112  13.891  -5.638  1.00 9.98  ? 38  LYS A CB  1 
ATOM   96   C CG  . LYS A 1 17  ? -8.847  15.239  -5.923  1.00 11.99 ? 38  LYS A CG  1 
ATOM   97   C CD  . LYS A 1 17  ? -7.772  16.175  -6.606  1.00 16.67 ? 38  LYS A CD  1 
ATOM   98   C CE  . LYS A 1 17  ? -8.453  17.371  -7.194  1.00 24.33 ? 38  LYS A CE  1 
ATOM   99   N NZ  . LYS A 1 17  ? -7.291  17.964  -7.961  1.00 27.85 ? 38  LYS A NZ  1 
ATOM   100  N N   . PHE A 1 18  ? -8.014  10.992  -3.856  1.00 9.13  ? 39  PHE A N   1 
ATOM   101  C CA  . PHE A 1 18  ? -7.342  9.713   -3.687  1.00 9.89  ? 39  PHE A CA  1 
ATOM   102  C C   . PHE A 1 18  ? -8.356  8.565   -3.592  1.00 9.36  ? 39  PHE A C   1 
ATOM   103  O O   . PHE A 1 18  ? -7.940  7.393   -3.569  1.00 9.20  ? 39  PHE A O   1 
ATOM   104  C CB  . PHE A 1 18  ? -6.405  9.821   -2.470  1.00 10.59 ? 39  PHE A CB  1 
ATOM   105  C CG  . PHE A 1 18  ? -5.501  8.610   -2.213  1.00 10.37 ? 39  PHE A CG  1 
ATOM   106  C CD1 . PHE A 1 18  ? -4.447  8.268   -3.095  1.00 12.78 ? 39  PHE A CD1 1 
ATOM   107  C CD2 . PHE A 1 18  ? -5.763  7.789   -1.075  1.00 11.22 ? 39  PHE A CD2 1 
ATOM   108  C CE1 . PHE A 1 18  ? -3.698  7.056   -2.774  1.00 12.40 ? 39  PHE A CE1 1 
ATOM   109  C CE2 . PHE A 1 18  ? -5.035  6.657   -0.790  1.00 13.97 ? 39  PHE A CE2 1 
ATOM   110  C CZ  . PHE A 1 18  ? -4.045  6.315   -1.688  1.00 13.61 ? 39  PHE A CZ  1 
ATOM   111  N N   . LEU A 1 19  ? -9.581  8.896   -3.355  1.00 9.09  ? 40  LEU A N   1 
ATOM   112  C CA  . LEU A 1 19  ? -10.586 7.815   -3.145  1.00 9.75  ? 40  LEU A CA  1 
ATOM   113  C C   . LEU A 1 19  ? -10.813 7.011   -4.455  1.00 10.85 ? 40  LEU A C   1 
ATOM   114  O O   . LEU A 1 19  ? -10.462 7.421   -5.566  1.00 10.31 ? 40  LEU A O   1 
ATOM   115  C CB  . LEU A 1 19  ? -11.953 8.476   -2.836  1.00 10.15 ? 40  LEU A CB  1 
ATOM   116  C CG  . LEU A 1 19  ? -11.904 9.373   -1.582  1.00 10.23 ? 40  LEU A CG  1 
ATOM   117  C CD1 . LEU A 1 19  ? -13.345 9.897   -1.371  1.00 11.39 ? 40  LEU A CD1 1 
ATOM   118  C CD2 . LEU A 1 19  ? -11.392 8.683   -0.330  1.00 9.89  ? 40  LEU A CD2 1 
ATOM   119  N N   . GLY A 1 20  ? -11.514 5.874   -4.258  1.00 9.60  ? 41  GLY A N   1 
ATOM   120  C CA  . GLY A 1 20  ? -12.037 5.055   -5.342  1.00 9.78  ? 41  GLY A CA  1 
ATOM   121  C C   . GLY A 1 20  ? -11.198 3.831   -5.606  1.00 9.87  ? 41  GLY A C   1 
ATOM   122  O O   . GLY A 1 20  ? -10.540 3.320   -4.718  1.00 9.96  ? 41  GLY A O   1 
ATOM   123  N N   . ARG A 1 21  ? -11.232 3.388   -6.832  1.00 9.77  ? 42  ARG A N   1 
ATOM   124  C CA  . ARG A 1 21  ? -10.677 2.063   -7.178  1.00 9.70  ? 42  ARG A CA  1 
ATOM   125  C C   . ARG A 1 21  ? -9.204  2.172   -7.579  1.00 9.77  ? 42  ARG A C   1 
ATOM   126  O O   . ARG A 1 21  ? -8.857  3.020   -8.433  1.00 10.21 ? 42  ARG A O   1 
ATOM   127  C CB  . ARG A 1 21  ? -11.447 1.475   -8.392  1.00 11.74 ? 42  ARG A CB  1 
ATOM   128  C CG  . ARG A 1 21  ? -10.926 0.089   -8.829  1.00 14.19 ? 42  ARG A CG  1 
ATOM   129  C CD  . ARG A 1 21  ? -11.769 -0.465  -9.997  1.00 17.66 ? 42  ARG A CD  1 
ATOM   130  N NE  . ARG A 1 21  ? -11.589 0.356   -11.179 1.00 18.62 ? 42  ARG A NE  1 
ATOM   131  C CZ  . ARG A 1 21  ? -12.325 0.263   -12.310 1.00 19.88 ? 42  ARG A CZ  1 
ATOM   132  N NH1 . ARG A 1 21  ? -13.289 -0.617  -12.329 1.00 22.66 ? 42  ARG A NH1 1 
ATOM   133  N NH2 . ARG A 1 21  ? -12.123 1.109   -13.281 1.00 23.22 ? 42  ARG A NH2 1 
ATOM   134  N N   . TRP A 1 22  ? -8.344  1.359   -6.974  1.00 9.79  ? 43  TRP A N   1 
ATOM   135  C CA  . TRP A 1 22  ? -6.901  1.239   -7.297  1.00 9.41  ? 43  TRP A CA  1 
ATOM   136  C C   . TRP A 1 22  ? -6.610  -0.209  -7.493  1.00 10.33 ? 43  TRP A C   1 
ATOM   137  O O   . TRP A 1 22  ? -7.362  -1.097  -7.029  1.00 12.69 ? 43  TRP A O   1 
ATOM   138  C CB  . TRP A 1 22  ? -6.114  1.776   -6.124  1.00 9.24  ? 43  TRP A CB  1 
ATOM   139  C CG  . TRP A 1 22  ? -6.219  3.316   -5.941  1.00 9.49  ? 43  TRP A CG  1 
ATOM   140  C CD1 . TRP A 1 22  ? -7.014  3.966   -5.064  1.00 8.94  ? 43  TRP A CD1 1 
ATOM   141  C CD2 . TRP A 1 22  ? -5.426  4.322   -6.601  1.00 8.76  ? 43  TRP A CD2 1 
ATOM   142  N NE1 . TRP A 1 22  ? -6.686  5.305   -5.027  1.00 9.59  ? 43  TRP A NE1 1 
ATOM   143  C CE2 . TRP A 1 22  ? -5.728  5.565   -5.983  1.00 9.17  ? 43  TRP A CE2 1 
ATOM   144  C CE3 . TRP A 1 22  ? -4.422  4.261   -7.579  1.00 9.16  ? 43  TRP A CE3 1 
ATOM   145  C CZ2 . TRP A 1 22  ? -5.111  6.739   -6.383  1.00 8.89  ? 43  TRP A CZ2 1 
ATOM   146  C CZ3 . TRP A 1 22  ? -3.841  5.480   -7.998  1.00 8.68  ? 43  TRP A CZ3 1 
ATOM   147  C CH2 . TRP A 1 22  ? -4.134  6.654   -7.363  1.00 9.07  ? 43  TRP A CH2 1 
ATOM   148  N N   . PHE A 1 23  ? -5.493  -0.472  -8.118  1.00 9.42  ? 44  PHE A N   1 
ATOM   149  C CA  . PHE A 1 23  ? -4.944  -1.814  -8.239  1.00 10.66 ? 44  PHE A CA  1 
ATOM   150  C C   . PHE A 1 23  ? -3.557  -1.884  -7.631  1.00 10.37 ? 44  PHE A C   1 
ATOM   151  O O   . PHE A 1 23  ? -2.744  -1.012  -7.876  1.00 11.30 ? 44  PHE A O   1 
ATOM   152  C CB  . PHE A 1 23  ? -4.930  -2.295  -9.726  1.00 12.76 ? 44  PHE A CB  1 
ATOM   153  C CG  . PHE A 1 23  ? -6.296  -2.337  -10.318 1.00 13.31 ? 44  PHE A CG  1 
ATOM   154  C CD1 . PHE A 1 23  ? -7.131  -3.465  -10.134 1.00 14.78 ? 44  PHE A CD1 1 
ATOM   155  C CD2 . PHE A 1 23  ? -6.731  -1.218  -10.978 1.00 12.93 ? 44  PHE A CD2 1 
ATOM   156  C CE1 . PHE A 1 23  ? -8.487  -3.371  -10.626 1.00 14.74 ? 44  PHE A CE1 1 
ATOM   157  C CE2 . PHE A 1 23  ? -8.069  -1.143  -11.461 1.00 14.24 ? 44  PHE A CE2 1 
ATOM   158  C CZ  . PHE A 1 23  ? -8.905  -2.242  -11.299 1.00 14.97 ? 44  PHE A CZ  1 
ATOM   159  N N   . SER A 1 24  ? -3.345  -2.910  -6.830  1.00 12.36 ? 45  SER A N   1 
ATOM   160  C CA  . SER A 1 24  ? -2.008  -3.055  -6.158  1.00 14.62 ? 45  SER A CA  1 
ATOM   161  C C   . SER A 1 24  ? -1.167  -3.675  -7.171  1.00 16.65 ? 45  SER A C   1 
ATOM   162  O O   . SER A 1 24  ? -1.304  -4.913  -7.475  1.00 20.79 ? 45  SER A O   1 
ATOM   163  C CB  . SER A 1 24  ? -2.093  -3.917  -4.925  1.00 18.35 ? 45  SER A CB  1 
ATOM   164  O OG  . SER A 1 24  ? -2.578  -5.215  -5.347  1.00 24.88 ? 45  SER A OG  1 
ATOM   165  N N   . ALA A 1 25  ? -0.292  -2.940  -7.797  1.00 13.97 ? 46  ALA A N   1 
ATOM   166  C CA  . ALA A 1 25  ? 0.487   -3.362  -8.936  1.00 14.10 ? 46  ALA A CA  1 
ATOM   167  C C   . ALA A 1 25  ? 1.928   -3.779  -8.622  1.00 16.10 ? 46  ALA A C   1 
ATOM   168  O O   . ALA A 1 25  ? 2.599   -4.449  -9.437  1.00 19.38 ? 46  ALA A O   1 
ATOM   169  C CB  . ALA A 1 25  ? 0.508   -2.249  -10.013 1.00 15.71 ? 46  ALA A CB  1 
ATOM   170  N N   . GLY A 1 26  ? 2.498   -3.347  -7.531  1.00 12.88 ? 47  GLY A N   1 
ATOM   171  C CA  . GLY A 1 26  ? 3.871   -3.753  -7.192  1.00 14.06 ? 47  GLY A CA  1 
ATOM   172  C C   . GLY A 1 26  ? 4.044   -3.511  -5.726  1.00 12.24 ? 47  GLY A C   1 
ATOM   173  O O   . GLY A 1 26  ? 3.323   -2.739  -5.043  1.00 13.22 ? 47  GLY A O   1 
ATOM   174  N N   . LEU A 1 27  ? 5.040   -4.199  -5.204  1.00 11.57 ? 48  LEU A N   1 
ATOM   175  C CA  A LEU A 1 27  ? 5.424   -4.022  -3.818  0.50 12.52 ? 48  LEU A CA  1 
ATOM   176  C CA  B LEU A 1 27  ? 5.472   -3.891  -3.826  0.50 13.28 ? 48  LEU A CA  1 
ATOM   177  C C   . LEU A 1 27  ? 6.909   -4.270  -3.636  1.00 12.41 ? 48  LEU A C   1 
ATOM   178  O O   . LEU A 1 27  ? 7.466   -5.060  -4.433  1.00 14.76 ? 48  LEU A O   1 
ATOM   179  C CB  A LEU A 1 27  ? 4.614   -4.976  -2.949  0.50 15.65 ? 48  LEU A CB  1 
ATOM   180  C CB  B LEU A 1 27  ? 4.588   -4.450  -2.682  0.50 17.15 ? 48  LEU A CB  1 
ATOM   181  C CG  A LEU A 1 27  ? 5.009   -6.370  -2.625  0.50 14.79 ? 48  LEU A CG  1 
ATOM   182  C CG  B LEU A 1 27  ? 4.431   -5.949  -2.449  0.50 18.67 ? 48  LEU A CG  1 
ATOM   183  C CD1 A LEU A 1 27  ? 6.284   -6.530  -1.836  0.50 15.96 ? 48  LEU A CD1 1 
ATOM   184  C CD1 B LEU A 1 27  ? 4.462   -6.896  -3.653  0.50 20.83 ? 48  LEU A CD1 1 
ATOM   185  C CD2 A LEU A 1 27  ? 3.777   -6.844  -1.804  0.50 16.11 ? 48  LEU A CD2 1 
ATOM   186  C CD2 B LEU A 1 27  ? 5.261   -6.458  -1.284  0.50 16.89 ? 48  LEU A CD2 1 
ATOM   187  N N   . ALA A 1 28  ? 7.489   -3.683  -2.591  1.00 12.47 ? 49  ALA A N   1 
ATOM   188  C CA  . ALA A 1 28  ? 8.803   -4.154  -2.153  1.00 11.74 ? 49  ALA A CA  1 
ATOM   189  C C   . ALA A 1 28  ? 8.720   -4.277  -0.659  1.00 13.53 ? 49  ALA A C   1 
ATOM   190  O O   . ALA A 1 28  ? 8.076   -3.481  -0.013  1.00 13.78 ? 49  ALA A O   1 
ATOM   191  C CB  . ALA A 1 28  ? 9.952   -3.202  -2.516  1.00 12.67 ? 49  ALA A CB  1 
ATOM   192  N N   . SER A 1 29  ? 9.410   -5.251  -0.072  1.00 11.96 ? 50  SER A N   1 
ATOM   193  C CA  . SER A 1 29  ? 9.419   -5.330  1.409   1.00 12.56 ? 50  SER A CA  1 
ATOM   194  C C   . SER A 1 29  ? 10.673  -6.032  1.870   1.00 12.87 ? 50  SER A C   1 
ATOM   195  O O   . SER A 1 29  ? 11.217  -6.864  1.124   1.00 14.89 ? 50  SER A O   1 
ATOM   196  C CB  . SER A 1 29  ? 8.161   -6.118  1.855   1.00 13.73 ? 50  SER A CB  1 
ATOM   197  O OG  . SER A 1 29  ? 8.142   -6.207  3.247   1.00 14.85 ? 50  SER A OG  1 
ATOM   198  N N   . ASN A 1 30  ? 11.030  -5.781  3.111   1.00 13.52 ? 51  ASN A N   1 
ATOM   199  C CA  . ASN A 1 30  ? 12.113  -6.574  3.725   1.00 16.21 ? 51  ASN A CA  1 
ATOM   200  C C   . ASN A 1 30  ? 11.594  -7.861  4.365   1.00 19.19 ? 51  ASN A C   1 
ATOM   201  O O   . ASN A 1 30  ? 12.413  -8.637  4.871   1.00 20.67 ? 51  ASN A O   1 
ATOM   202  C CB  . ASN A 1 30  ? 12.854  -5.714  4.753   1.00 16.72 ? 51  ASN A CB  1 
ATOM   203  C CG  . ASN A 1 30  ? 11.974  -5.186  5.927   1.00 19.70 ? 51  ASN A CG  1 
ATOM   204  O OD1 . ASN A 1 30  ? 10.734  -5.289  5.947   1.00 17.40 ? 51  ASN A OD1 1 
ATOM   205  N ND2 . ASN A 1 30  ? 12.631  -4.642  6.964   1.00 20.18 ? 51  ASN A ND2 1 
ATOM   206  N N   . SER A 1 31  ? 10.295  -8.119  4.324   1.00 15.86 ? 52  SER A N   1 
ATOM   207  C CA  . SER A 1 31  ? 9.743   -9.456  4.722   1.00 17.19 ? 52  SER A CA  1 
ATOM   208  C C   . SER A 1 31  ? 9.670   -10.388 3.542   1.00 16.58 ? 52  SER A C   1 
ATOM   209  O O   . SER A 1 31  ? 8.854   -10.189 2.577   1.00 17.24 ? 52  SER A O   1 
ATOM   210  C CB  . SER A 1 31  ? 8.354   -9.247  5.330   1.00 16.91 ? 52  SER A CB  1 
ATOM   211  O OG  . SER A 1 31  ? 7.738   -10.571 5.476   1.00 18.74 ? 52  SER A OG  1 
ATOM   212  N N   . SER A 1 32  ? 10.479  -11.438 3.512   1.00 19.64 ? 53  SER A N   1 
ATOM   213  C CA  . SER A 1 32  ? 10.371  -12.290 2.352   1.00 20.59 ? 53  SER A CA  1 
ATOM   214  C C   . SER A 1 32  ? 9.064   -13.056 2.246   1.00 19.63 ? 53  SER A C   1 
ATOM   215  O O   . SER A 1 32  ? 8.543   -13.229 1.186   1.00 19.50 ? 53  SER A O   1 
ATOM   216  C CB  . SER A 1 32  ? 11.554  -13.278 2.267   1.00 28.19 ? 53  SER A CB  1 
ATOM   217  O OG  . SER A 1 32  ? 11.527  -14.100 3.399   1.00 35.20 ? 53  SER A OG  1 
ATOM   218  N N   . TRP A 1 33  ? 8.490   -13.503 3.383   1.00 17.38 ? 54  TRP A N   1 
ATOM   219  C CA  . TRP A 1 33  ? 7.253   -14.247 3.286   1.00 19.36 ? 54  TRP A CA  1 
ATOM   220  C C   . TRP A 1 33  ? 6.155   -13.336 2.748   1.00 17.21 ? 54  TRP A C   1 
ATOM   221  O O   . TRP A 1 33  ? 5.263   -13.845 2.030   1.00 18.15 ? 54  TRP A O   1 
ATOM   222  C CB  . TRP A 1 33  ? 6.860   -14.883 4.636   1.00 17.15 ? 54  TRP A CB  1 
ATOM   223  C CG  . TRP A 1 33  ? 6.422   -13.948 5.754   1.00 16.91 ? 54  TRP A CG  1 
ATOM   224  C CD1 . TRP A 1 33  ? 7.138   -13.677 6.899   1.00 19.77 ? 54  TRP A CD1 1 
ATOM   225  C CD2 . TRP A 1 33  ? 5.150   -13.250 5.900   1.00 17.77 ? 54  TRP A CD2 1 
ATOM   226  N NE1 . TRP A 1 33  ? 6.389   -12.885 7.741   1.00 20.97 ? 54  TRP A NE1 1 
ATOM   227  C CE2 . TRP A 1 33  ? 5.194   -12.567 7.149   1.00 21.00 ? 54  TRP A CE2 1 
ATOM   228  C CE3 . TRP A 1 33  ? 3.991   -13.134 5.094   1.00 18.25 ? 54  TRP A CE3 1 
ATOM   229  C CZ2 . TRP A 1 33  ? 4.167   -11.737 7.586   1.00 22.25 ? 54  TRP A CZ2 1 
ATOM   230  C CZ3 . TRP A 1 33  ? 2.908   -12.343 5.576   1.00 19.57 ? 54  TRP A CZ3 1 
ATOM   231  C CH2 . TRP A 1 33  ? 3.018   -11.651 6.824   1.00 19.52 ? 54  TRP A CH2 1 
ATOM   232  N N   . LEU A 1 34  ? 6.202   -12.031 3.071   1.00 17.48 ? 55  LEU A N   1 
ATOM   233  C CA  A LEU A 1 34  ? 5.144   -11.113 2.638   0.50 16.49 ? 55  LEU A CA  1 
ATOM   234  C CA  B LEU A 1 34  ? 5.107   -11.195 2.633   0.50 15.64 ? 55  LEU A CA  1 
ATOM   235  C C   . LEU A 1 34  ? 5.218   -10.933 1.132   1.00 16.90 ? 55  LEU A C   1 
ATOM   236  O O   . LEU A 1 34  ? 4.235   -10.955 0.454   1.00 17.74 ? 55  LEU A O   1 
ATOM   237  C CB  A LEU A 1 34  ? 5.302   -9.737  3.315   0.50 18.90 ? 55  LEU A CB  1 
ATOM   238  C CB  B LEU A 1 34  ? 5.020   -9.921  3.479   0.50 16.73 ? 55  LEU A CB  1 
ATOM   239  C CG  A LEU A 1 34  ? 4.209   -8.686  3.058   0.50 20.65 ? 55  LEU A CG  1 
ATOM   240  C CG  B LEU A 1 34  ? 3.840   -8.974  3.185   0.50 17.01 ? 55  LEU A CG  1 
ATOM   241  C CD1 A LEU A 1 34  ? 4.362   -7.976  1.729   0.50 23.06 ? 55  LEU A CD1 1 
ATOM   242  C CD1 B LEU A 1 34  ? 3.482   -8.372  4.519   0.50 16.33 ? 55  LEU A CD1 1 
ATOM   243  C CD2 A LEU A 1 34  ? 2.843   -9.324  3.171   0.50 19.23 ? 55  LEU A CD2 1 
ATOM   244  C CD2 B LEU A 1 34  ? 4.209   -7.825  2.278   0.50 18.52 ? 55  LEU A CD2 1 
ATOM   245  N N   . ARG A 1 35  ? 6.428   -10.721 0.643   1.00 17.35 ? 56  ARG A N   1 
ATOM   246  C CA  . ARG A 1 35  ? 6.600   -10.527 -0.832  1.00 21.89 ? 56  ARG A CA  1 
ATOM   247  C C   . ARG A 1 35  ? 6.147   -11.748 -1.571  1.00 22.08 ? 56  ARG A C   1 
ATOM   248  O O   . ARG A 1 35  ? 5.504   -11.648 -2.615  1.00 22.49 ? 56  ARG A O   1 
ATOM   249  C CB  . ARG A 1 35  ? 8.124   -10.449 -1.167  1.00 25.48 ? 56  ARG A CB  1 
ATOM   250  C CG  . ARG A 1 35  ? 8.795   -9.176  -0.791  1.00 26.71 ? 56  ARG A CG  1 
ATOM   251  C CD  . ARG A 1 35  ? 10.220  -9.061  -1.361  1.00 25.46 ? 56  ARG A CD  1 
ATOM   252  N NE  . ARG A 1 35  ? 11.139  -10.207 -1.298  1.00 23.96 ? 56  ARG A NE  1 
ATOM   253  C CZ  . ARG A 1 35  ? 12.023  -10.379 -0.343  1.00 21.13 ? 56  ARG A CZ  1 
ATOM   254  N NH1 . ARG A 1 35  ? 12.190  -9.555  0.693   1.00 22.03 ? 56  ARG A NH1 1 
ATOM   255  N NH2 . ARG A 1 35  ? 12.847  -11.422 -0.433  1.00 28.43 ? 56  ARG A NH2 1 
ATOM   256  N N   . GLU A 1 36  ? 6.553   -12.906 -1.071  1.00 19.93 ? 57  GLU A N   1 
ATOM   257  C CA  . GLU A 1 36  ? 6.275   -14.182 -1.766  1.00 22.77 ? 57  GLU A CA  1 
ATOM   258  C C   . GLU A 1 36  ? 4.759   -14.501 -1.837  1.00 22.28 ? 57  GLU A C   1 
ATOM   259  O O   . GLU A 1 36  ? 4.179   -14.930 -2.882  1.00 21.59 ? 57  GLU A O   1 
ATOM   260  C CB  . GLU A 1 36  ? 7.088   -15.311 -1.118  1.00 23.79 ? 57  GLU A CB  1 
ATOM   261  C CG  . GLU A 1 36  ? 8.575   -15.068 -1.457  1.00 31.77 ? 57  GLU A CG  1 
ATOM   262  C CD  . GLU A 1 36  ? 9.587   -15.828 -0.606  1.00 47.63 ? 57  GLU A CD  1 
ATOM   263  O OE1 . GLU A 1 36  ? 9.175   -16.582 0.315   1.00 56.32 ? 57  GLU A OE1 1 
ATOM   264  O OE2 . GLU A 1 36  ? 10.814  -15.653 -0.869  1.00 45.58 ? 57  GLU A OE2 1 
ATOM   265  N N   . LYS A 1 37  ? 4.097   -14.289 -0.690  1.00 18.83 ? 58  LYS A N   1 
ATOM   266  C CA  . LYS A 1 37  ? 2.698   -14.501 -0.683  1.00 19.07 ? 58  LYS A CA  1 
ATOM   267  C C   . LYS A 1 37  ? 1.920   -13.487 -1.541  1.00 18.37 ? 58  LYS A C   1 
ATOM   268  O O   . LYS A 1 37  ? 0.997   -13.875 -2.258  1.00 19.56 ? 58  LYS A O   1 
ATOM   269  C CB  . LYS A 1 37  ? 2.159   -14.551 0.776   1.00 19.75 ? 58  LYS A CB  1 
ATOM   270  C CG  . LYS A 1 37  ? 0.634   -14.691 0.834   1.00 20.67 ? 58  LYS A CG  1 
ATOM   271  C CD  . LYS A 1 37  ? 0.102   -15.979 0.310   1.00 22.68 ? 58  LYS A CD  1 
ATOM   272  C CE  . LYS A 1 37  ? 0.772   -17.206 0.913   1.00 20.41 ? 58  LYS A CE  1 
ATOM   273  N NZ  . LYS A 1 37  ? 0.251   -18.563 0.506   1.00 22.75 ? 58  LYS A NZ  1 
ATOM   274  N N   . LYS A 1 38  ? 2.286   -12.212 -1.455  1.00 17.40 ? 59  LYS A N   1 
ATOM   275  C CA  . LYS A 1 38  ? 1.576   -11.254 -2.315  1.00 20.60 ? 59  LYS A CA  1 
ATOM   276  C C   . LYS A 1 38  ? 1.767   -11.628 -3.794  1.00 20.77 ? 59  LYS A C   1 
ATOM   277  O O   . LYS A 1 38  ? 0.813   -11.597 -4.589  1.00 19.59 ? 59  LYS A O   1 
ATOM   278  C CB  . LYS A 1 38  ? 1.971   -9.762  -2.030  1.00 17.50 ? 59  LYS A CB  1 
ATOM   279  C CG  . LYS A 1 38  ? 1.650   -9.224  -0.603  1.00 20.73 ? 59  LYS A CG  1 
ATOM   280  C CD  . LYS A 1 38  ? 0.201   -9.345  -0.192  1.00 22.49 ? 59  LYS A CD  1 
ATOM   281  C CE  . LYS A 1 38  ? 0.006   -8.549  1.114   1.00 20.94 ? 59  LYS A CE  1 
ATOM   282  N NZ  . LYS A 1 38  ? -1.432  -8.644  1.558   1.00 21.03 ? 59  LYS A NZ  1 
ATOM   283  N N   . ALA A 1 39  ? 2.966   -12.013 -4.160  1.00 17.69 ? 60  ALA A N   1 
ATOM   284  C CA  . ALA A 1 39  ? 3.247   -12.334 -5.541  1.00 20.80 ? 60  ALA A CA  1 
ATOM   285  C C   . ALA A 1 39  ? 2.425   -13.534 -6.037  1.00 23.31 ? 60  ALA A C   1 
ATOM   286  O O   . ALA A 1 39  ? 2.042   -13.609 -7.211  1.00 27.56 ? 60  ALA A O   1 
ATOM   287  C CB  . ALA A 1 39  ? 4.768   -12.614 -5.648  1.00 22.35 ? 60  ALA A CB  1 
ATOM   288  N N   . ALA A 1 40  ? 2.104   -14.446 -5.143  1.00 20.44 ? 61  ALA A N   1 
ATOM   289  C CA  . ALA A 1 40  ? 1.397   -15.656 -5.444  1.00 22.26 ? 61  ALA A CA  1 
ATOM   290  C C   . ALA A 1 40  ? -0.108  -15.361 -5.592  1.00 26.76 ? 61  ALA A C   1 
ATOM   291  O O   . ALA A 1 40  ? -0.831  -16.172 -6.154  1.00 30.81 ? 61  ALA A O   1 
ATOM   292  C CB  . ALA A 1 40  ? 1.649   -16.686 -4.340  1.00 22.30 ? 61  ALA A CB  1 
ATOM   293  N N   . LEU A 1 41  ? -0.594  -14.245 -5.071  1.00 24.27 ? 62  LEU A N   1 
ATOM   294  C CA  . LEU A 1 41  ? -2.027  -14.024 -4.977  1.00 28.08 ? 62  LEU A CA  1 
ATOM   295  C C   . LEU A 1 41  ? -2.432  -13.327 -6.267  1.00 33.65 ? 62  LEU A C   1 
ATOM   296  O O   . LEU A 1 41  ? -1.653  -12.480 -6.821  1.00 29.88 ? 62  LEU A O   1 
ATOM   297  C CB  . LEU A 1 41  ? -2.358  -13.129 -3.770  1.00 31.46 ? 62  LEU A CB  1 
ATOM   298  C CG  . LEU A 1 41  ? -3.004  -13.837 -2.571  1.00 40.23 ? 62  LEU A CG  1 
ATOM   299  C CD1 . LEU A 1 41  ? -2.382  -15.146 -2.210  1.00 34.64 ? 62  LEU A CD1 1 
ATOM   300  C CD2 . LEU A 1 41  ? -2.929  -12.931 -1.363  1.00 44.61 ? 62  LEU A CD2 1 
ATOM   301  N N   . SER A 1 42  ? -3.590  -13.751 -6.777  1.00 33.56 ? 63  SER A N   1 
ATOM   302  C CA  . SER A 1 42  ? -4.246  -13.012 -7.835  1.00 30.47 ? 63  SER A CA  1 
ATOM   303  C C   . SER A 1 42  ? -5.140  -11.995 -7.117  1.00 33.33 ? 63  SER A C   1 
ATOM   304  O O   . SER A 1 42  ? -6.206  -12.339 -6.527  1.00 22.91 ? 63  SER A O   1 
ATOM   305  C CB  . SER A 1 42  ? -5.070  -13.886 -8.843  1.00 35.54 ? 63  SER A CB  1 
ATOM   306  O OG  . SER A 1 42  ? -5.613  -15.066 -8.270  1.00 51.22 ? 63  SER A OG  1 
ATOM   307  N N   . MET A 1 43  ? -4.703  -10.754 -7.078  1.00 31.31 ? 64  MET A N   1 
ATOM   308  C CA  . MET A 1 43  ? -5.594  -9.836  -6.355  1.00 31.18 ? 64  MET A CA  1 
ATOM   309  C C   . MET A 1 43  ? -6.363  -8.966  -7.398  1.00 30.21 ? 64  MET A C   1 
ATOM   310  O O   . MET A 1 43  ? -6.047  -8.855  -8.669  1.00 31.59 ? 64  MET A O   1 
ATOM   311  C CB  . MET A 1 43  ? -5.054  -9.221  -5.006  1.00 15.98 ? 64  MET A CB  1 
ATOM   312  C CG  . MET A 1 43  ? -5.353  -7.679  -5.074  1.00 28.96 ? 64  MET A CG  1 
ATOM   313  S SD  . MET A 1 43  ? -5.163  -6.728  -3.554  1.00 51.06 ? 64  MET A SD  1 
ATOM   314  C CE  . MET A 1 43  ? -6.519  -5.582  -3.877  1.00 35.67 ? 64  MET A CE  1 
ATOM   315  N N   . CYS A 1 44  ? -7.510  -8.549  -6.890  1.00 29.01 ? 65  CYS A N   1 
ATOM   316  C CA  . CYS A 1 44  ? -8.480  -7.878  -7.626  1.00 29.84 ? 65  CYS A CA  1 
ATOM   317  C C   . CYS A 1 44  ? -8.390  -6.409  -7.098  1.00 25.35 ? 65  CYS A C   1 
ATOM   318  O O   . CYS A 1 44  ? -7.369  -5.923  -6.599  1.00 20.75 ? 65  CYS A O   1 
ATOM   319  C CB  . CYS A 1 44  ? -9.825  -8.510  -7.325  1.00 30.13 ? 65  CYS A CB  1 
ATOM   320  S SG  . CYS A 1 44  ? -9.937  -10.318 -7.520  1.00 36.43 ? 65  CYS A SG  1 
ATOM   321  N N   . LYS A 1 45  ? -9.476  -5.672  -7.164  1.00 31.09 ? 66  LYS A N   1 
ATOM   322  C CA  . LYS A 1 45  ? -9.252  -4.317  -6.785  1.00 23.40 ? 66  LYS A CA  1 
ATOM   323  C C   . LYS A 1 45  ? -8.750  -3.948  -5.300  1.00 22.30 ? 66  LYS A C   1 
ATOM   324  O O   . LYS A 1 45  ? -8.827  -4.726  -4.306  1.00 21.18 ? 66  LYS A O   1 
ATOM   325  C CB  . LYS A 1 45  ? -10.470 -3.487  -7.209  1.00 25.23 ? 66  LYS A CB  1 
ATOM   326  C CG  . LYS A 1 45  ? -11.865 -3.970  -6.840  1.00 26.80 ? 66  LYS A CG  1 
ATOM   327  C CD  . LYS A 1 45  ? -12.833 -3.227  -7.671  1.00 33.07 ? 66  LYS A CD  1 
ATOM   328  C CE  . LYS A 1 45  ? -14.236 -3.175  -7.085  1.00 36.59 ? 66  LYS A CE  1 
ATOM   329  N NZ  . LYS A 1 45  ? -14.798 -1.811  -7.450  1.00 33.46 ? 66  LYS A NZ  1 
ATOM   330  N N   . SER A 1 46  ? -8.306  -2.706  -5.083  1.00 15.47 ? 67  SER A N   1 
ATOM   331  C CA  . SER A 1 46  ? -8.373  -2.066  -3.791  1.00 15.61 ? 67  SER A CA  1 
ATOM   332  C C   . SER A 1 46  ? -9.394  -0.945  -3.975  1.00 16.79 ? 67  SER A C   1 
ATOM   333  O O   . SER A 1 46  ? -9.655  -0.450  -5.103  1.00 20.10 ? 67  SER A O   1 
ATOM   334  C CB  . SER A 1 46  ? -7.040  -1.530  -3.354  1.00 18.76 ? 67  SER A CB  1 
ATOM   335  O OG  . SER A 1 46  ? -6.195  -2.716  -3.243  1.00 23.79 ? 67  SER A OG  1 
ATOM   336  N N   . VAL A 1 47  ? -10.133 -0.659  -2.947  1.00 11.93 ? 68  VAL A N   1 
ATOM   337  C CA  . VAL A 1 47  ? -11.058 0.474   -2.912  1.00 11.74 ? 68  VAL A CA  1 
ATOM   338  C C   . VAL A 1 47  ? -10.793 1.316   -1.704  1.00 11.66 ? 68  VAL A C   1 
ATOM   339  O O   . VAL A 1 47  ? -10.659 0.816   -0.566  1.00 14.77 ? 68  VAL A O   1 
ATOM   340  C CB  . VAL A 1 47  ? -12.533 0.023   -2.918  1.00 13.67 ? 68  VAL A CB  1 
ATOM   341  C CG1 . VAL A 1 47  ? -13.448 1.244   -2.901  1.00 16.77 ? 68  VAL A CG1 1 
ATOM   342  C CG2 . VAL A 1 47  ? -12.769 -0.781  -4.226  1.00 16.88 ? 68  VAL A CG2 1 
ATOM   343  N N   . VAL A 1 48  ? -10.569 2.604   -1.970  1.00 10.00 ? 69  VAL A N   1 
ATOM   344  C CA  . VAL A 1 48  ? -10.270 3.552   -0.900  1.00 10.21 ? 69  VAL A CA  1 
ATOM   345  C C   . VAL A 1 48  ? -11.508 4.444   -0.650  1.00 10.30 ? 69  VAL A C   1 
ATOM   346  O O   . VAL A 1 48  ? -12.010 5.090   -1.567  1.00 10.58 ? 69  VAL A O   1 
ATOM   347  C CB  . VAL A 1 48  ? -9.117  4.478   -1.352  1.00 9.97  ? 69  VAL A CB  1 
ATOM   348  C CG1 . VAL A 1 48  ? -8.837  5.611   -0.320  1.00 11.45 ? 69  VAL A CG1 1 
ATOM   349  C CG2 . VAL A 1 48  ? -7.836  3.650   -1.472  1.00 10.66 ? 69  VAL A CG2 1 
ATOM   350  N N   . ALA A 1 49  ? -11.980 4.437   0.580   1.00 10.55 ? 70  ALA A N   1 
ATOM   351  C CA  . ALA A 1 49  ? -13.161 5.271   0.916   1.00 11.01 ? 70  ALA A CA  1 
ATOM   352  C C   . ALA A 1 49  ? -12.897 5.919   2.221   1.00 11.61 ? 70  ALA A C   1 
ATOM   353  O O   . ALA A 1 49  ? -12.102 5.480   3.063   1.00 12.32 ? 70  ALA A O   1 
ATOM   354  C CB  . ALA A 1 49  ? -14.442 4.402   1.055   1.00 12.89 ? 70  ALA A CB  1 
ATOM   355  N N   . PRO A 1 50  ? -13.504 7.073   2.527   1.00 10.73 ? 71  PRO A N   1 
ATOM   356  C CA  . PRO A 1 50  ? -13.254 7.776   3.798   1.00 13.27 ? 71  PRO A CA  1 
ATOM   357  C C   . PRO A 1 50  ? -13.817 7.001   4.932   1.00 15.28 ? 71  PRO A C   1 
ATOM   358  O O   . PRO A 1 50  ? -14.889 6.349   4.774   1.00 17.16 ? 71  PRO A O   1 
ATOM   359  C CB  . PRO A 1 50  ? -14.059 9.113   3.630   1.00 16.04 ? 71  PRO A CB  1 
ATOM   360  C CG  . PRO A 1 50  ? -14.656 9.079   2.329   1.00 17.11 ? 71  PRO A CG  1 
ATOM   361  C CD  . PRO A 1 50  ? -14.414 7.767   1.602   1.00 13.05 ? 71  PRO A CD  1 
ATOM   362  N N   . ALA A 1 51  ? -13.114 7.024   6.055   1.00 13.48 ? 72  ALA A N   1 
ATOM   363  C CA  . ALA A 1 51  ? -13.577 6.395   7.297   1.00 15.54 ? 72  ALA A CA  1 
ATOM   364  C C   . ALA A 1 51  ? -14.205 7.511   8.211   1.00 18.37 ? 72  ALA A C   1 
ATOM   365  O O   . ALA A 1 51  ? -13.908 8.705   8.077   1.00 18.84 ? 72  ALA A O   1 
ATOM   366  C CB  . ALA A 1 51  ? -12.357 5.852   8.008   1.00 17.01 ? 72  ALA A CB  1 
ATOM   367  N N   . THR A 1 52  ? -14.967 7.040   9.201   1.00 21.45 ? 73  THR A N   1 
ATOM   368  C CA  A THR A 1 52  ? -15.610 7.927   10.183  0.50 24.79 ? 73  THR A CA  1 
ATOM   369  C CA  B THR A 1 52  ? -15.596 7.999   10.120  0.50 23.93 ? 73  THR A CA  1 
ATOM   370  C C   . THR A 1 52  ? -14.634 8.797   10.986  1.00 23.22 ? 73  THR A C   1 
ATOM   371  O O   . THR A 1 52  ? -14.997 9.900   11.399  1.00 26.98 ? 73  THR A O   1 
ATOM   372  C CB  A THR A 1 52  ? -16.521 7.104   11.145  0.50 25.23 ? 73  THR A CB  1 
ATOM   373  C CB  B THR A 1 52  ? -16.623 7.315   11.036  0.50 24.65 ? 73  THR A CB  1 
ATOM   374  O OG1 A THR A 1 52  ? -17.384 6.265   10.374  0.50 26.12 ? 73  THR A OG1 1 
ATOM   375  O OG1 B THR A 1 52  ? -16.034 6.129   11.571  0.50 23.82 ? 73  THR A OG1 1 
ATOM   376  C CG2 A THR A 1 52  ? -17.391 8.004   12.003  0.50 26.88 ? 73  THR A CG2 1 
ATOM   377  C CG2 B THR A 1 52  ? -17.817 6.959   10.248  0.50 25.26 ? 73  THR A CG2 1 
ATOM   378  N N   . ASP A 1 53  ? -13.398 8.296   11.191  1.00 21.30 ? 74  ASP A N   1 
ATOM   379  C CA  . ASP A 1 53  ? -12.384 9.058   11.952  1.00 23.00 ? 74  ASP A CA  1 
ATOM   380  C C   . ASP A 1 53  ? -11.625 10.152  11.169  1.00 21.36 ? 74  ASP A C   1 
ATOM   381  O O   . ASP A 1 53  ? -10.656 10.786  11.713  1.00 21.94 ? 74  ASP A O   1 
ATOM   382  C CB  . ASP A 1 53  ? -11.408 8.085   12.640  1.00 21.16 ? 74  ASP A CB  1 
ATOM   383  C CG  . ASP A 1 53  ? -10.461 7.336   11.638  1.00 23.97 ? 74  ASP A CG  1 
ATOM   384  O OD1 . ASP A 1 53  ? -10.583 7.545   10.409  1.00 22.58 ? 74  ASP A OD1 1 
ATOM   385  O OD2 . ASP A 1 53  ? -9.582  6.571   12.136  1.00 25.13 ? 74  ASP A OD2 1 
ATOM   386  N N   . GLY A 1 54  ? -12.004 10.417  9.911   1.00 17.91 ? 75  GLY A N   1 
ATOM   387  C CA  . GLY A 1 54  ? -11.315 11.399  9.064   1.00 18.06 ? 75  GLY A CA  1 
ATOM   388  C C   . GLY A 1 54  ? -10.192 10.774  8.198   1.00 14.90 ? 75  GLY A C   1 
ATOM   389  O O   . GLY A 1 54  ? -9.633  11.437  7.326   1.00 17.46 ? 75  GLY A O   1 
ATOM   390  N N   . GLY A 1 55  ? -9.926  9.510   8.419   1.00 14.37 ? 76  GLY A N   1 
ATOM   391  C CA  . GLY A 1 55  ? -8.908  8.749   7.628   1.00 13.73 ? 76  GLY A CA  1 
ATOM   392  C C   . GLY A 1 55  ? -9.586  7.940   6.556   1.00 11.93 ? 76  GLY A C   1 
ATOM   393  O O   . GLY A 1 55  ? -10.542 8.396   5.893   1.00 12.81 ? 76  GLY A O   1 
ATOM   394  N N   . LEU A 1 56  ? -9.002  6.768   6.307   1.00 10.77 ? 77  LEU A N   1 
ATOM   395  C CA  . LEU A 1 56  ? -9.446  5.997   5.106   1.00 10.76 ? 77  LEU A CA  1 
ATOM   396  C C   . LEU A 1 56  ? -9.684  4.551   5.497   1.00 10.83 ? 77  LEU A C   1 
ATOM   397  O O   . LEU A 1 56  ? -8.943  4.004   6.316   1.00 12.73 ? 77  LEU A O   1 
ATOM   398  C CB  . LEU A 1 56  ? -8.322  6.009   4.081   1.00 11.06 ? 77  LEU A CB  1 
ATOM   399  C CG  . LEU A 1 56  ? -8.007  7.351   3.394   1.00 11.05 ? 77  LEU A CG  1 
ATOM   400  C CD1 . LEU A 1 56  ? -6.723  7.238   2.499   1.00 12.14 ? 77  LEU A CD1 1 
ATOM   401  C CD2 . LEU A 1 56  ? -9.298  7.832   2.631   1.00 13.29 ? 77  LEU A CD2 1 
ATOM   402  N N   . ASN A 1 57  ? -10.651 3.954   4.827   1.00 11.22 ? 78  ASN A N   1 
ATOM   403  C CA  . ASN A 1 57  ? -10.753 2.491   4.769   1.00 12.39 ? 78  ASN A CA  1 
ATOM   404  C C   . ASN A 1 57  ? -10.228 1.976   3.464   1.00 12.32 ? 78  ASN A C   1 
ATOM   405  O O   . ASN A 1 57  ? -10.665 2.441   2.355   1.00 14.18 ? 78  ASN A O   1 
ATOM   406  C CB  . ASN A 1 57  ? -12.210 2.081   4.941   1.00 15.62 ? 78  ASN A CB  1 
ATOM   407  C CG  . ASN A 1 57  ? -12.600 2.105   6.375   1.00 18.29 ? 78  ASN A CG  1 
ATOM   408  O OD1 . ASN A 1 57  ? -11.863 1.566   7.254   1.00 19.30 ? 78  ASN A OD1 1 
ATOM   409  N ND2 . ASN A 1 57  ? -13.726 2.681   6.636   1.00 20.87 ? 78  ASN A ND2 1 
ATOM   410  N N   . LEU A 1 58  ? -9.224  1.124   3.527   1.00 12.73 ? 79  LEU A N   1 
ATOM   411  C CA  A LEU A 1 58  ? -8.614  0.558   2.339   0.50 14.11 ? 79  LEU A CA  1 
ATOM   412  C CA  B LEU A 1 58  ? -8.620  0.550   2.323   0.50 12.66 ? 79  LEU A CA  1 
ATOM   413  C C   . LEU A 1 58  ? -9.085  -0.895  2.249   1.00 15.05 ? 79  LEU A C   1 
ATOM   414  O O   . LEU A 1 58  ? -8.673  -1.716  3.121   1.00 14.78 ? 79  LEU A O   1 
ATOM   415  C CB  A LEU A 1 58  ? -7.114  0.576   2.581   0.50 17.70 ? 79  LEU A CB  1 
ATOM   416  C CB  B LEU A 1 58  ? -7.095  0.556   2.460   0.50 13.23 ? 79  LEU A CB  1 
ATOM   417  C CG  A LEU A 1 58  ? -6.063  0.641   1.509   0.50 21.41 ? 79  LEU A CG  1 
ATOM   418  C CG  B LEU A 1 58  ? -6.259  -0.221  1.468   0.50 13.81 ? 79  LEU A CG  1 
ATOM   419  C CD1 A LEU A 1 58  ? -4.741  1.046   2.152   0.50 21.62 ? 79  LEU A CD1 1 
ATOM   420  C CD1 B LEU A 1 58  ? -6.476  0.509   0.125   0.50 12.15 ? 79  LEU A CD1 1 
ATOM   421  C CD2 A LEU A 1 58  ? -6.006  -0.720  0.792   0.50 23.18 ? 79  LEU A CD2 1 
ATOM   422  C CD2 B LEU A 1 58  ? -4.782  -0.171  1.832   0.50 14.10 ? 79  LEU A CD2 1 
ATOM   423  N N   . THR A 1 59  ? -9.873  -1.194  1.238   1.00 14.55 ? 80  THR A N   1 
ATOM   424  C CA  . THR A 1 59  ? -10.507 -2.536  1.130   1.00 14.64 ? 80  THR A CA  1 
ATOM   425  C C   . THR A 1 59  ? -9.977  -3.246  -0.049  1.00 19.91 ? 80  THR A C   1 
ATOM   426  O O   . THR A 1 59  ? -10.279 -2.798  -1.191  1.00 20.56 ? 80  THR A O   1 
ATOM   427  C CB  . THR A 1 59  ? -11.977 -2.408  0.941   1.00 16.32 ? 80  THR A CB  1 
ATOM   428  O OG1 . THR A 1 59  ? -12.613 -1.802  2.076   1.00 18.50 ? 80  THR A OG1 1 
ATOM   429  C CG2 . THR A 1 59  ? -12.646 -3.835  0.725   1.00 19.75 ? 80  THR A CG2 1 
ATOM   430  N N   . SER A 1 60  ? -9.280  -4.366  0.197   1.00 15.64 ? 81  SER A N   1 
ATOM   431  C CA  . SER A 1 60  ? -8.611  -5.112  -0.864  1.00 16.92 ? 81  SER A CA  1 
ATOM   432  C C   . SER A 1 60  ? -9.365  -6.402  -1.057  1.00 16.13 ? 81  SER A C   1 
ATOM   433  O O   . SER A 1 60  ? -9.931  -6.981  -0.093  1.00 17.16 ? 81  SER A O   1 
ATOM   434  C CB  . SER A 1 60  ? -7.219  -5.482  -0.431  1.00 17.49 ? 81  SER A CB  1 
ATOM   435  O OG  . SER A 1 60  ? -6.378  -4.363  -0.156  1.00 31.08 ? 81  SER A OG  1 
ATOM   436  N N   . THR A 1 61  ? -9.357  -6.889  -2.283  1.00 14.94 ? 82  THR A N   1 
ATOM   437  C CA  . THR A 1 61  ? -10.011 -8.123  -2.647  1.00 13.57 ? 82  THR A CA  1 
ATOM   438  C C   . THR A 1 61  ? -9.030  -9.000  -3.362  1.00 15.07 ? 82  THR A C   1 
ATOM   439  O O   . THR A 1 61  ? -8.138  -8.531  -4.091  1.00 15.87 ? 82  THR A O   1 
ATOM   440  C CB  . THR A 1 61  ? -11.257 -7.955  -3.476  1.00 16.10 ? 82  THR A CB  1 
ATOM   441  O OG1 . THR A 1 61  ? -10.925 -7.201  -4.640  1.00 20.62 ? 82  THR A OG1 1 
ATOM   442  C CG2 . THR A 1 61  ? -12.315 -7.181  -2.742  1.00 20.00 ? 82  THR A CG2 1 
ATOM   443  N N   . PHE A 1 62  ? -9.121  -10.308 -3.155  1.00 12.58 ? 83  PHE A N   1 
ATOM   444  C CA  . PHE A 1 62  ? -8.245  -11.268 -3.816  1.00 13.12 ? 83  PHE A CA  1 
ATOM   445  C C   . PHE A 1 62  ? -9.004  -12.566 -4.030  1.00 13.52 ? 83  PHE A C   1 
ATOM   446  O O   . PHE A 1 62  ? -9.935  -12.848 -3.309  1.00 12.21 ? 83  PHE A O   1 
ATOM   447  C CB  . PHE A 1 62  ? -6.927  -11.504 -3.029  1.00 14.11 ? 83  PHE A CB  1 
ATOM   448  C CG  . PHE A 1 62  ? -7.067  -12.160 -1.678  1.00 12.63 ? 83  PHE A CG  1 
ATOM   449  C CD1 . PHE A 1 62  ? -7.305  -11.373 -0.526  1.00 13.91 ? 83  PHE A CD1 1 
ATOM   450  C CD2 . PHE A 1 62  ? -6.952  -13.511 -1.538  1.00 14.23 ? 83  PHE A CD2 1 
ATOM   451  C CE1 . PHE A 1 62  ? -7.460  -12.017 0.741   1.00 13.01 ? 83  PHE A CE1 1 
ATOM   452  C CE2 . PHE A 1 62  ? -7.053  -14.139 -0.292  1.00 16.13 ? 83  PHE A CE2 1 
ATOM   453  C CZ  . PHE A 1 62  ? -7.356  -13.402 0.869   1.00 12.73 ? 83  PHE A CZ  1 
ATOM   454  N N   . LEU A 1 63  ? -8.531  -13.384 -4.979  1.00 13.57 ? 84  LEU A N   1 
ATOM   455  C CA  . LEU A 1 63  ? -9.184  -14.664 -5.260  1.00 16.78 ? 84  LEU A CA  1 
ATOM   456  C C   . LEU A 1 63  ? -8.588  -15.802 -4.485  1.00 14.61 ? 84  LEU A C   1 
ATOM   457  O O   . LEU A 1 63  ? -7.334  -15.891 -4.349  1.00 18.86 ? 84  LEU A O   1 
ATOM   458  C CB  . LEU A 1 63  ? -9.018  -14.974 -6.772  1.00 19.52 ? 84  LEU A CB  1 
ATOM   459  C CG  . LEU A 1 63  ? -9.639  -16.302 -7.162  1.00 23.34 ? 84  LEU A CG  1 
ATOM   460  C CD1 . LEU A 1 63  ? -11.182 -16.282 -7.086  1.00 28.69 ? 84  LEU A CD1 1 
ATOM   461  C CD2 . LEU A 1 63  ? -9.169  -16.709 -8.574  1.00 31.06 ? 84  LEU A CD2 1 
ATOM   462  N N   . ARG A 1 64  ? -9.396  -16.636 -3.842  1.00 15.02 ? 85  ARG A N   1 
ATOM   463  C CA  . ARG A 1 64  ? -8.840  -17.883 -3.370  1.00 16.94 ? 85  ARG A CA  1 
ATOM   464  C C   . ARG A 1 64  ? -9.850  -18.959 -3.784  1.00 14.39 ? 85  ARG A C   1 
ATOM   465  O O   . ARG A 1 64  ? -11.016 -18.865 -3.467  1.00 15.61 ? 85  ARG A O   1 
ATOM   466  C CB  . ARG A 1 64  ? -8.629  -17.863 -1.864  1.00 21.35 ? 85  ARG A CB  1 
ATOM   467  C CG  . ARG A 1 64  ? -7.773  -19.055 -1.416  1.00 21.29 ? 85  ARG A CG  1 
ATOM   468  C CD  . ARG A 1 64  ? -7.849  -19.259 0.052   1.00 23.47 ? 85  ARG A CD  1 
ATOM   469  N NE  . ARG A 1 64  ? -7.003  -18.279 0.775   1.00 23.19 ? 85  ARG A NE  1 
ATOM   470  C CZ  . ARG A 1 64  ? -7.426  -17.469 1.700   1.00 21.62 ? 85  ARG A CZ  1 
ATOM   471  N NH1 . ARG A 1 64  ? -8.735  -17.389 1.893   1.00 25.07 ? 85  ARG A NH1 1 
ATOM   472  N NH2 . ARG A 1 64  ? -6.533  -16.690 2.332   1.00 21.51 ? 85  ARG A NH2 1 
ATOM   473  N N   . LYS A 1 65  ? -9.319  -19.990 -4.452  1.00 17.39 ? 86  LYS A N   1 
ATOM   474  C CA  . LYS A 1 65  ? -10.194 -21.081 -4.970  1.00 16.38 ? 86  LYS A CA  1 
ATOM   475  C C   . LYS A 1 65  ? -11.344 -20.505 -5.797  1.00 15.47 ? 86  LYS A C   1 
ATOM   476  O O   . LYS A 1 65  ? -11.091 -19.854 -6.794  1.00 17.96 ? 86  LYS A O   1 
ATOM   477  C CB  . LYS A 1 65  ? -10.545 -21.919 -3.789  1.00 19.28 ? 86  LYS A CB  1 
ATOM   478  C CG  . LYS A 1 65  ? -11.080 -23.314 -4.107  1.00 29.70 ? 86  LYS A CG  1 
ATOM   479  C CD  . LYS A 1 65  ? -11.228 -24.126 -2.821  1.00 31.79 ? 86  LYS A CD  1 
ATOM   480  C CE  . LYS A 1 65  ? -11.975 -25.398 -3.207  1.00 40.34 ? 86  LYS A CE  1 
ATOM   481  N NZ  . LYS A 1 65  ? -12.266 -26.248 -2.026  1.00 41.51 ? 86  LYS A NZ  1 
ATOM   482  N N   . ASN A 1 66  ? -12.618 -20.648 -5.366  1.00 13.91 ? 87  ASN A N   1 
ATOM   483  C CA  . ASN A 1 66  ? -13.747 -20.146 -6.140  1.00 15.72 ? 87  ASN A CA  1 
ATOM   484  C C   . ASN A 1 66  ? -14.337 -18.860 -5.633  1.00 15.24 ? 87  ASN A C   1 
ATOM   485  O O   . ASN A 1 66  ? -15.468 -18.508 -5.992  1.00 17.10 ? 87  ASN A O   1 
ATOM   486  C CB  . ASN A 1 66  ? -14.878 -21.226 -6.103  1.00 15.85 ? 87  ASN A CB  1 
ATOM   487  C CG  . ASN A 1 66  ? -14.421 -22.547 -6.687  1.00 16.38 ? 87  ASN A CG  1 
ATOM   488  O OD1 . ASN A 1 66  ? -14.470 -23.637 -6.017  1.00 20.52 ? 87  ASN A OD1 1 
ATOM   489  N ND2 . ASN A 1 66  ? -13.874 -22.470 -7.896  1.00 15.34 ? 87  ASN A ND2 1 
ATOM   490  N N   . GLN A 1 67  ? -13.608 -18.167 -4.776  1.00 14.40 ? 88  GLN A N   1 
ATOM   491  C CA  . GLN A 1 67  ? -14.217 -17.039 -4.109  1.00 12.65 ? 88  GLN A CA  1 
ATOM   492  C C   . GLN A 1 67  ? -13.270 -15.828 -3.984  1.00 12.07 ? 88  GLN A C   1 
ATOM   493  O O   . GLN A 1 67  ? -12.065 -15.950 -3.958  1.00 15.60 ? 88  GLN A O   1 
ATOM   494  C CB  . GLN A 1 67  ? -14.868 -17.453 -2.766  1.00 16.12 ? 88  GLN A CB  1 
ATOM   495  C CG  . GLN A 1 67  ? -13.793 -17.836 -1.774  1.00 15.32 ? 88  GLN A CG  1 
ATOM   496  C CD  . GLN A 1 67  ? -14.465 -18.788 -0.647  1.00 14.09 ? 88  GLN A CD  1 
ATOM   497  O OE1 . GLN A 1 67  ? -14.946 -19.953 -0.862  1.00 13.89 ? 88  GLN A OE1 1 
ATOM   498  N NE2 . GLN A 1 67  ? -14.379 -18.286 0.537   1.00 13.89 ? 88  GLN A NE2 1 
ATOM   499  N N   . CYS A 1 68  ? -13.896 -14.660 -3.958  1.00 11.36 ? 89  CYS A N   1 
ATOM   500  C CA  A CYS A 1 68  ? -13.215 -13.351 -3.861  0.50 12.03 ? 89  CYS A CA  1 
ATOM   501  C CA  B CYS A 1 68  ? -13.195 -13.373 -3.819  0.50 13.04 ? 89  CYS A CA  1 
ATOM   502  C C   . CYS A 1 68  ? -13.350 -12.913 -2.374  1.00 11.80 ? 89  CYS A C   1 
ATOM   503  O O   . CYS A 1 68  ? -14.444 -12.585 -1.907  1.00 12.29 ? 89  CYS A O   1 
ATOM   504  C CB  A CYS A 1 68  ? -13.959 -12.343 -4.742  0.50 11.30 ? 89  CYS A CB  1 
ATOM   505  C CB  B CYS A 1 68  ? -13.875 -12.366 -4.704  0.50 13.76 ? 89  CYS A CB  1 
ATOM   506  S SG  A CYS A 1 68  ? -13.178 -10.718 -4.734  0.50 15.04 ? 89  CYS A SG  1 
ATOM   507  S SG  B CYS A 1 68  ? -13.341 -12.693 -6.356  0.50 23.05 ? 89  CYS A SG  1 
ATOM   508  N N   . GLU A 1 69  ? -12.213 -12.921 -1.646  1.00 10.03 ? 90  GLU A N   1 
ATOM   509  C CA  A GLU A 1 69  ? -12.186 -12.504 -0.266  0.70 10.31 ? 90  GLU A CA  1 
ATOM   510  C CA  B GLU A 1 69  ? -12.210 -12.498 -0.236  0.30 10.04 ? 90  GLU A CA  1 
ATOM   511  C C   . GLU A 1 69  ? -11.980 -10.990 -0.148  1.00 11.31 ? 90  GLU A C   1 
ATOM   512  O O   . GLU A 1 69  ? -11.325 -10.425 -0.995  1.00 12.94 ? 90  GLU A O   1 
ATOM   513  C CB  A GLU A 1 69  ? -10.936 -13.184 0.364   0.70 10.70 ? 90  GLU A CB  1 
ATOM   514  C CB  B GLU A 1 69  ? -11.097 -13.211 0.570   0.30 9.07  ? 90  GLU A CB  1 
ATOM   515  C CG  A GLU A 1 69  ? -11.177 -14.701 0.652   0.70 12.76 ? 90  GLU A CG  1 
ATOM   516  C CG  B GLU A 1 69  ? -11.115 -14.741 0.429   0.30 8.28  ? 90  GLU A CG  1 
ATOM   517  C CD  A GLU A 1 69  ? -12.359 -14.871 1.568   0.70 15.67 ? 90  GLU A CD  1 
ATOM   518  C CD  B GLU A 1 69  ? -12.375 -15.374 0.999   0.30 7.92  ? 90  GLU A CD  1 
ATOM   519  O OE1 A GLU A 1 69  ? -12.476 -14.201 2.624   0.70 15.46 ? 90  GLU A OE1 1 
ATOM   520  O OE1 B GLU A 1 69  ? -13.299 -14.729 1.636   0.30 7.19  ? 90  GLU A OE1 1 
ATOM   521  O OE2 A GLU A 1 69  ? -13.265 -15.602 1.200   0.70 19.20 ? 90  GLU A OE2 1 
ATOM   522  O OE2 B GLU A 1 69  ? -12.431 -16.594 0.845   0.30 7.42  ? 90  GLU A OE2 1 
ATOM   523  N N   . THR A 1 70  ? -12.566 -10.375 0.884   1.00 11.06 ? 91  THR A N   1 
ATOM   524  C CA  . THR A 1 70  ? -12.455 -8.944  1.097   1.00 12.48 ? 91  THR A CA  1 
ATOM   525  C C   . THR A 1 70  ? -11.794 -8.710  2.446   1.00 12.41 ? 91  THR A C   1 
ATOM   526  O O   . THR A 1 70  ? -12.136 -9.311  3.475   1.00 12.04 ? 91  THR A O   1 
ATOM   527  C CB  . THR A 1 70  ? -13.903 -8.406  1.147   1.00 13.02 ? 91  THR A CB  1 
ATOM   528  O OG1 . THR A 1 70  ? -14.569 -8.760  -0.105  1.00 18.06 ? 91  THR A OG1 1 
ATOM   529  C CG2 . THR A 1 70  ? -13.906 -6.880  1.328   1.00 16.05 ? 91  THR A CG2 1 
ATOM   530  N N   . ARG A 1 71  ? -10.880 -7.737  2.437   1.00 11.79 ? 92  ARG A N   1 
ATOM   531  C CA  . ARG A 1 71  ? -10.146 -7.330  3.670   1.00 11.86 ? 92  ARG A CA  1 
ATOM   532  C C   . ARG A 1 71  ? -10.136 -5.821  3.804   1.00 12.87 ? 92  ARG A C   1 
ATOM   533  O O   . ARG A 1 71  ? -9.784  -5.161  2.841   1.00 16.60 ? 92  ARG A O   1 
ATOM   534  C CB  . ARG A 1 71  ? -8.690  -7.816  3.659   1.00 11.82 ? 92  ARG A CB  1 
ATOM   535  C CG  . ARG A 1 71  ? -8.497  -9.369  3.526   1.00 11.73 ? 92  ARG A CG  1 
ATOM   536  C CD  . ARG A 1 71  ? -9.022  -10.064 4.774   1.00 12.08 ? 92  ARG A CD  1 
ATOM   537  N NE  . ARG A 1 71  ? -8.822  -11.520 4.592   1.00 12.52 ? 92  ARG A NE  1 
ATOM   538  C CZ  . ARG A 1 71  ? -9.842  -12.349 4.284   1.00 11.55 ? 92  ARG A CZ  1 
ATOM   539  N NH1 . ARG A 1 71  ? -11.120 -11.964 4.038   1.00 11.21 ? 92  ARG A NH1 1 
ATOM   540  N NH2 . ARG A 1 71  ? -9.494  -13.629 4.170   1.00 11.05 ? 92  ARG A NH2 1 
ATOM   541  N N   . THR A 1 72  ? -10.474 -5.297  4.967   1.00 13.06 ? 93  THR A N   1 
ATOM   542  C CA  . THR A 1 72  ? -10.522 -3.821  5.090   1.00 13.80 ? 93  THR A CA  1 
ATOM   543  C C   . THR A 1 72  ? -9.575  -3.421  6.188   1.00 15.41 ? 93  THR A C   1 
ATOM   544  O O   . THR A 1 72  ? -9.530  -3.983  7.277   1.00 16.58 ? 93  THR A O   1 
ATOM   545  C CB  . THR A 1 72  ? -11.919 -3.313  5.423   1.00 16.07 ? 93  THR A CB  1 
ATOM   546  O OG1 . THR A 1 72  ? -12.798 -3.591  4.332   1.00 17.45 ? 93  THR A OG1 1 
ATOM   547  C CG2 . THR A 1 72  ? -11.941 -1.783  5.614   1.00 17.29 ? 93  THR A CG2 1 
ATOM   548  N N   . MET A 1 73  ? -8.705  -2.468  5.828   1.00 13.41 ? 94  MET A N   1 
ATOM   549  C CA  . MET A 1 73  ? -7.707  -1.872  6.763   1.00 15.32 ? 94  MET A CA  1 
ATOM   550  C C   . MET A 1 73  ? -8.123  -0.452  7.084   1.00 14.45 ? 94  MET A C   1 
ATOM   551  O O   . MET A 1 73  ? -8.276  0.348   6.148   1.00 14.35 ? 94  MET A O   1 
ATOM   552  C CB  . MET A 1 73  ? -6.333  -1.862  6.159   1.00 16.18 ? 94  MET A CB  1 
ATOM   553  C CG  . MET A 1 73  ? -5.756  -3.289  6.162   1.00 18.88 ? 94  MET A CG  1 
ATOM   554  S SD  . MET A 1 73  ? -4.260  -3.303  5.153   1.00 29.12 ? 94  MET A SD  1 
ATOM   555  C CE  . MET A 1 73  ? -3.177  -2.451  6.230   1.00 30.34 ? 94  MET A CE  1 
ATOM   556  N N   . LEU A 1 74  ? -8.201  -0.096  8.343   1.00 12.95 ? 95  LEU A N   1 
ATOM   557  C CA  . LEU A 1 74  ? -8.450  1.291   8.773   1.00 12.38 ? 95  LEU A CA  1 
ATOM   558  C C   . LEU A 1 74  ? -7.181  2.074   8.885   1.00 12.64 ? 95  LEU A C   1 
ATOM   559  O O   . LEU A 1 74  ? -6.288  1.700   9.674   1.00 13.39 ? 95  LEU A O   1 
ATOM   560  C CB  . LEU A 1 74  ? -9.234  1.311   10.101  1.00 14.58 ? 95  LEU A CB  1 
ATOM   561  C CG  . LEU A 1 74  ? -9.356  2.722   10.708  1.00 15.71 ? 95  LEU A CG  1 
ATOM   562  C CD1 . LEU A 1 74  ? -10.267 3.562   9.811   1.00 16.00 ? 95  LEU A CD1 1 
ATOM   563  C CD2 . LEU A 1 74  ? -10.027 2.618   12.086  1.00 18.31 ? 95  LEU A CD2 1 
ATOM   564  N N   . LEU A 1 75  ? -7.052  3.089   8.039   1.00 11.83 ? 96  LEU A N   1 
ATOM   565  C CA  . LEU A 1 75  ? -5.861  3.945   8.071   1.00 11.48 ? 96  LEU A CA  1 
ATOM   566  C C   . LEU A 1 75  ? -6.300  5.220   8.823   1.00 12.91 ? 96  LEU A C   1 
ATOM   567  O O   . LEU A 1 75  ? -7.049  6.068   8.341   1.00 12.19 ? 96  LEU A O   1 
ATOM   568  C CB  . LEU A 1 75  ? -5.398  4.302   6.665   1.00 11.78 ? 96  LEU A CB  1 
ATOM   569  C CG  . LEU A 1 75  ? -5.104  3.096   5.783   1.00 16.68 ? 96  LEU A CG  1 
ATOM   570  C CD1 . LEU A 1 75  ? -4.469  3.651   4.514   1.00 17.75 ? 96  LEU A CD1 1 
ATOM   571  C CD2 . LEU A 1 75  ? -4.046  2.231   6.347   1.00 18.14 ? 96  LEU A CD2 1 
ATOM   572  N N   . GLN A 1 76  ? -5.844  5.293   10.071  1.00 11.77 ? 97  GLN A N   1 
ATOM   573  C CA  . GLN A 1 76  ? -6.290  6.404   10.947  1.00 13.33 ? 97  GLN A CA  1 
ATOM   574  C C   . GLN A 1 76  ? -5.404  7.625   10.617  1.00 11.92 ? 97  GLN A C   1 
ATOM   575  O O   . GLN A 1 76  ? -4.235  7.460   10.324  1.00 12.79 ? 97  GLN A O   1 
ATOM   576  C CB  . GLN A 1 76  ? -6.063  5.990   12.361  1.00 15.27 ? 97  GLN A CB  1 
ATOM   577  C CG  . GLN A 1 76  ? -6.807  4.717   12.679  1.00 18.24 ? 97  GLN A CG  1 
ATOM   578  C CD  . GLN A 1 76  ? -6.492  4.154   14.029  1.00 26.68 ? 97  GLN A CD  1 
ATOM   579  O OE1 . GLN A 1 76  ? -5.997  3.028   14.127  1.00 30.66 ? 97  GLN A OE1 1 
ATOM   580  N NE2 . GLN A 1 76  ? -6.753  4.936   15.113  1.00 24.88 ? 97  GLN A NE2 1 
ATOM   581  N N   . PRO A 1 77  ? -5.932  8.876   10.656  1.00 12.71 ? 98  PRO A N   1 
ATOM   582  C CA  . PRO A 1 77  ? -5.083  10.028  10.365  1.00 13.41 ? 98  PRO A CA  1 
ATOM   583  C C   . PRO A 1 77  ? -3.964  10.153  11.321  1.00 13.98 ? 98  PRO A C   1 
ATOM   584  O O   . PRO A 1 77  ? -4.184  9.851   12.543  1.00 16.64 ? 98  PRO A O   1 
ATOM   585  C CB  . PRO A 1 77  ? -6.040  11.234  10.566  1.00 15.27 ? 98  PRO A CB  1 
ATOM   586  C CG  . PRO A 1 77  ? -7.345  10.669  10.272  1.00 15.53 ? 98  PRO A CG  1 
ATOM   587  C CD  . PRO A 1 77  ? -7.311  9.249   10.892  1.00 15.34 ? 98  PRO A CD  1 
ATOM   588  N N   . ALA A 1 78  ? -2.757  10.477  10.898  1.00 12.81 ? 99  ALA A N   1 
ATOM   589  C CA  . ALA A 1 78  ? -1.584  10.537  11.760  1.00 12.48 ? 99  ALA A CA  1 
ATOM   590  C C   . ALA A 1 78  ? -1.130  11.997  11.951  1.00 16.72 ? 99  ALA A C   1 
ATOM   591  O O   . ALA A 1 78  ? -0.101  12.172  12.664  1.00 27.46 ? 99  ALA A O   1 
ATOM   592  C CB  . ALA A 1 78  ? -0.423  9.696   11.279  1.00 14.94 ? 99  ALA A CB  1 
ATOM   593  N N   . GLY A 1 79  ? -1.903  12.931  11.528  1.00 18.37 ? 100 GLY A N   1 
ATOM   594  C CA  . GLY A 1 79  ? -1.568  14.304  11.945  1.00 22.76 ? 100 GLY A CA  1 
ATOM   595  C C   . GLY A 1 79  ? -0.921  15.190  10.879  1.00 21.29 ? 100 GLY A C   1 
ATOM   596  O O   . GLY A 1 79  ? -0.647  16.357  11.151  1.00 16.98 ? 100 GLY A O   1 
ATOM   597  N N   . SER A 1 80  ? -0.599  14.635  9.686   1.00 20.80 ? 101 SER A N   1 
ATOM   598  C CA  . SER A 1 80  ? -0.254  15.472  8.475   1.00 19.29 ? 101 SER A CA  1 
ATOM   599  C C   . SER A 1 80  ? -1.079  14.819  7.395   1.00 17.76 ? 101 SER A C   1 
ATOM   600  O O   . SER A 1 80  ? -1.212  13.569  7.395   1.00 17.03 ? 101 SER A O   1 
ATOM   601  C CB  . SER A 1 80  ? 1.145   15.201  8.007   1.00 21.99 ? 101 SER A CB  1 
ATOM   602  O OG  . SER A 1 80  ? 2.049   15.569  8.979   1.00 33.67 ? 101 SER A OG  1 
ATOM   603  N N   . LEU A 1 81  ? -1.627  15.623  6.496   1.00 17.01 ? 102 LEU A N   1 
ATOM   604  C CA  . LEU A 1 81  ? -2.450  15.106  5.446   1.00 16.87 ? 102 LEU A CA  1 
ATOM   605  C C   . LEU A 1 81  ? -1.607  14.214  4.542   1.00 14.18 ? 102 LEU A C   1 
ATOM   606  O O   . LEU A 1 81  ? -0.510  14.614  4.086   1.00 16.73 ? 102 LEU A O   1 
ATOM   607  C CB  . LEU A 1 81  ? -3.105  16.249  4.589   1.00 16.67 ? 102 LEU A CB  1 
ATOM   608  C CG  . LEU A 1 81  ? -3.933  17.162  5.544   1.00 22.38 ? 102 LEU A CG  1 
ATOM   609  C CD1 . LEU A 1 81  ? -4.533  18.225  4.670   1.00 21.81 ? 102 LEU A CD1 1 
ATOM   610  C CD2 . LEU A 1 81  ? -5.107  16.440  6.197   1.00 25.14 ? 102 LEU A CD2 1 
ATOM   611  N N   . GLY A 1 82  ? -2.132  12.986  4.351   1.00 13.51 ? 103 GLY A N   1 
ATOM   612  C CA  . GLY A 1 82  ? -1.396  12.018  3.503   1.00 12.30 ? 103 GLY A CA  1 
ATOM   613  C C   . GLY A 1 82  ? -0.617  11.035  4.374   1.00 11.53 ? 103 GLY A C   1 
ATOM   614  O O   . GLY A 1 82  ? -0.083  10.059  3.864   1.00 11.37 ? 103 GLY A O   1 
ATOM   615  N N   . SER A 1 83  ? -0.615  11.221  5.713   1.00 11.79 ? 104 SER A N   1 
ATOM   616  C CA  A SER A 1 83  ? 0.050   10.221  6.552   0.50 11.96 ? 104 SER A CA  1 
ATOM   617  C CA  B SER A 1 83  ? 0.080   10.346  6.669   0.50 11.66 ? 104 SER A CA  1 
ATOM   618  C C   . SER A 1 83  ? -0.964  9.623   7.571   1.00 11.17 ? 104 SER A C   1 
ATOM   619  O O   . SER A 1 83  ? -1.888  10.274  8.060   1.00 11.26 ? 104 SER A O   1 
ATOM   620  C CB  A SER A 1 83  ? 1.220   10.854  7.236   0.50 15.11 ? 104 SER A CB  1 
ATOM   621  C CB  B SER A 1 83  ? 0.987   11.239  7.509   0.50 13.64 ? 104 SER A CB  1 
ATOM   622  O OG  A SER A 1 83  ? 0.611   11.526  8.296   0.50 17.61 ? 104 SER A OG  1 
ATOM   623  O OG  B SER A 1 83  ? 1.671   10.406  8.452   0.50 17.60 ? 104 SER A OG  1 
ATOM   624  N N   . TYR A 1 84  ? -0.835  8.281   7.732   1.00 10.48 ? 105 TYR A N   1 
ATOM   625  C CA  . TYR A 1 84  ? -1.812  7.466   8.476   1.00 10.75 ? 105 TYR A CA  1 
ATOM   626  C C   . TYR A 1 84  ? -1.077  6.557   9.409   1.00 11.16 ? 105 TYR A C   1 
ATOM   627  O O   . TYR A 1 84  ? 0.145   6.266   9.276   1.00 11.45 ? 105 TYR A O   1 
ATOM   628  C CB  . TYR A 1 84  ? -2.702  6.680   7.454   1.00 11.23 ? 105 TYR A CB  1 
ATOM   629  C CG  . TYR A 1 84  ? -3.403  7.580   6.490   1.00 10.35 ? 105 TYR A CG  1 
ATOM   630  C CD1 . TYR A 1 84  ? -4.687  8.145   6.786   1.00 9.85  ? 105 TYR A CD1 1 
ATOM   631  C CD2 . TYR A 1 84  ? -2.790  7.889   5.232   1.00 10.56 ? 105 TYR A CD2 1 
ATOM   632  C CE1 . TYR A 1 84  ? -5.287  8.989   5.853   1.00 10.06 ? 105 TYR A CE1 1 
ATOM   633  C CE2 . TYR A 1 84  ? -3.423  8.736   4.313   1.00 10.76 ? 105 TYR A CE2 1 
ATOM   634  C CZ  . TYR A 1 84  ? -4.653  9.300   4.644   1.00 10.20 ? 105 TYR A CZ  1 
ATOM   635  O OH  . TYR A 1 84  ? -5.284  10.129  3.741   1.00 10.63 ? 105 TYR A OH  1 
ATOM   636  N N   . SER A 1 85  ? -1.885  5.930   10.249  1.00 12.82 ? 106 SER A N   1 
ATOM   637  C CA  A SER A 1 85  ? -1.345  4.863   11.082  0.35 13.04 ? 106 SER A CA  1 
ATOM   638  C CA  B SER A 1 85  ? -1.404  4.890   11.174  0.35 13.32 ? 106 SER A CA  1 
ATOM   639  C CA  C SER A 1 85  ? -1.388  4.913   11.152  0.30 12.67 ? 106 SER A CA  1 
ATOM   640  C C   . SER A 1 85  ? -2.334  3.702   11.003  1.00 12.26 ? 106 SER A C   1 
ATOM   641  O O   . SER A 1 85  ? -3.545  3.874   10.958  1.00 12.79 ? 106 SER A O   1 
ATOM   642  C CB  A SER A 1 85  ? -1.080  5.288   12.527  0.35 14.10 ? 106 SER A CB  1 
ATOM   643  C CB  B SER A 1 85  ? -1.462  5.328   12.637  0.35 15.34 ? 106 SER A CB  1 
ATOM   644  C CB  C SER A 1 85  ? -1.348  5.460   12.579  0.30 13.63 ? 106 SER A CB  1 
ATOM   645  O OG  A SER A 1 85  ? -2.320  5.617   13.127  0.35 14.37 ? 106 SER A OG  1 
ATOM   646  O OG  B SER A 1 85  ? -0.619  6.420   12.847  0.35 16.32 ? 106 SER A OG  1 
ATOM   647  O OG  C SER A 1 85  ? -1.125  4.438   13.505  0.30 12.20 ? 106 SER A OG  1 
ATOM   648  N N   . TYR A 1 86  ? -1.781  2.495   10.960  1.00 13.26 ? 107 TYR A N   1 
ATOM   649  C CA  . TYR A 1 86  ? -2.567  1.282   10.892  1.00 12.76 ? 107 TYR A CA  1 
ATOM   650  C C   . TYR A 1 86  ? -2.204  0.392   12.083  1.00 11.88 ? 107 TYR A C   1 
ATOM   651  O O   . TYR A 1 86  ? -1.035  0.045   12.247  1.00 13.84 ? 107 TYR A O   1 
ATOM   652  C CB  . TYR A 1 86  ? -2.274  0.542   9.547   1.00 12.45 ? 107 TYR A CB  1 
ATOM   653  C CG  . TYR A 1 86  ? -2.915  -0.847  9.503   1.00 12.59 ? 107 TYR A CG  1 
ATOM   654  C CD1 . TYR A 1 86  ? -4.287  -0.987  9.582   1.00 13.53 ? 107 TYR A CD1 1 
ATOM   655  C CD2 . TYR A 1 86  ? -2.083  -2.025  9.492   1.00 14.68 ? 107 TYR A CD2 1 
ATOM   656  C CE1 . TYR A 1 86  ? -4.898  -2.280  9.624   1.00 13.93 ? 107 TYR A CE1 1 
ATOM   657  C CE2 . TYR A 1 86  ? -2.662  -3.292  9.508   1.00 17.55 ? 107 TYR A CE2 1 
ATOM   658  C CZ  . TYR A 1 86  ? -4.032  -3.393  9.551   1.00 16.26 ? 107 TYR A CZ  1 
ATOM   659  O OH  . TYR A 1 86  ? -4.622  -4.665  9.586   1.00 20.89 ? 107 TYR A OH  1 
ATOM   660  N N   . ARG A 1 87  ? -3.208  -0.029  12.807  1.00 12.37 ? 108 ARG A N   1 
ATOM   661  C CA  A ARG A 1 87  ? -2.997  -0.967  13.923  0.70 13.53 ? 108 ARG A CA  1 
ATOM   662  C CA  B ARG A 1 87  ? -2.995  -0.962  13.921  0.30 13.64 ? 108 ARG A CA  1 
ATOM   663  C C   . ARG A 1 87  ? -3.383  -2.381  13.496  1.00 12.79 ? 108 ARG A C   1 
ATOM   664  O O   . ARG A 1 87  ? -4.482  -2.591  12.988  1.00 14.49 ? 108 ARG A O   1 
ATOM   665  C CB  A ARG A 1 87  ? -3.885  -0.556  15.080  0.70 16.78 ? 108 ARG A CB  1 
ATOM   666  C CB  B ARG A 1 87  ? -3.815  -0.519  15.122  0.30 15.81 ? 108 ARG A CB  1 
ATOM   667  C CG  A ARG A 1 87  ? -3.743  -1.459  16.347  0.70 23.12 ? 108 ARG A CG  1 
ATOM   668  C CG  B ARG A 1 87  ? -3.959  -1.579  16.225  0.30 19.02 ? 108 ARG A CG  1 
ATOM   669  C CD  A ARG A 1 87  ? -2.322  -1.410  16.905  0.70 27.19 ? 108 ARG A CD  1 
ATOM   670  C CD  B ARG A 1 87  ? -2.791  -1.554  17.187  0.30 22.03 ? 108 ARG A CD  1 
ATOM   671  N NE  A ARG A 1 87  ? -2.124  -2.280  18.077  0.70 31.80 ? 108 ARG A NE  1 
ATOM   672  N NE  B ARG A 1 87  ? -3.168  -2.249  18.417  0.30 22.97 ? 108 ARG A NE  1 
ATOM   673  C CZ  A ARG A 1 87  ? -0.957  -2.438  18.694  0.70 30.49 ? 108 ARG A CZ  1 
ATOM   674  C CZ  B ARG A 1 87  ? -2.744  -3.468  18.755  0.30 22.15 ? 108 ARG A CZ  1 
ATOM   675  N NH1 A ARG A 1 87  ? 0.139   -1.768  18.263  0.70 26.14 ? 108 ARG A NH1 1 
ATOM   676  N NH1 B ARG A 1 87  ? -1.883  -4.125  18.004  0.30 19.84 ? 108 ARG A NH1 1 
ATOM   677  N NH2 A ARG A 1 87  ? -0.893  -3.250  19.760  0.70 33.25 ? 108 ARG A NH2 1 
ATOM   678  N NH2 B ARG A 1 87  ? -3.148  -4.000  19.887  0.30 24.75 ? 108 ARG A NH2 1 
ATOM   679  N N   . SER A 1 88  ? -2.434  -3.307  13.656  1.00 13.65 ? 109 SER A N   1 
ATOM   680  C CA  . SER A 1 88  ? -2.677  -4.702  13.331  1.00 14.11 ? 109 SER A CA  1 
ATOM   681  C C   . SER A 1 88  ? -2.796  -5.518  14.626  1.00 14.08 ? 109 SER A C   1 
ATOM   682  O O   . SER A 1 88  ? -1.772  -5.839  15.239  1.00 17.38 ? 109 SER A O   1 
ATOM   683  C CB  . SER A 1 88  ? -1.547  -5.236  12.471  1.00 15.01 ? 109 SER A CB  1 
ATOM   684  O OG  . SER A 1 88  ? -1.674  -6.649  12.305  1.00 16.64 ? 109 SER A OG  1 
ATOM   685  N N   . PRO A 1 89  ? -3.994  -5.850  15.042  1.00 15.20 ? 110 PRO A N   1 
ATOM   686  C CA  . PRO A 1 89  ? -4.043  -6.647  16.277  1.00 15.90 ? 110 PRO A CA  1 
ATOM   687  C C   . PRO A 1 89  ? -3.420  -7.994  16.128  1.00 14.92 ? 110 PRO A C   1 
ATOM   688  O O   . PRO A 1 89  ? -2.773  -8.450  17.089  1.00 16.92 ? 110 PRO A O   1 
ATOM   689  C CB  . PRO A 1 89  ? -5.545  -6.821  16.561  1.00 16.53 ? 110 PRO A CB  1 
ATOM   690  C CG  . PRO A 1 89  ? -6.218  -5.783  15.655  1.00 22.19 ? 110 PRO A CG  1 
ATOM   691  C CD  . PRO A 1 89  ? -5.289  -5.486  14.474  1.00 15.26 ? 110 PRO A CD  1 
ATOM   692  N N   . HIS A 1 90  ? -3.487  -8.596  14.929  1.00 12.61 ? 111 HIS A N   1 
ATOM   693  C CA  . HIS A 1 90  ? -2.851  -9.953  14.886  1.00 12.54 ? 111 HIS A CA  1 
ATOM   694  C C   . HIS A 1 90  ? -1.378  -9.903  15.006  1.00 14.06 ? 111 HIS A C   1 
ATOM   695  O O   . HIS A 1 90  ? -0.762  -10.943 15.385  1.00 16.70 ? 111 HIS A O   1 
ATOM   696  C CB  . HIS A 1 90  ? -3.250  -10.656 13.566  1.00 13.38 ? 111 HIS A CB  1 
ATOM   697  C CG  . HIS A 1 90  ? -4.717  -10.976 13.467  1.00 13.57 ? 111 HIS A CG  1 
ATOM   698  N ND1 . HIS A 1 90  ? -5.283  -11.504 12.308  1.00 12.97 ? 111 HIS A ND1 1 
ATOM   699  C CD2 . HIS A 1 90  ? -5.744  -10.840 14.361  1.00 13.05 ? 111 HIS A CD2 1 
ATOM   700  C CE1 . HIS A 1 90  ? -6.586  -11.648 12.487  1.00 13.40 ? 111 HIS A CE1 1 
ATOM   701  N NE2 . HIS A 1 90  ? -6.889  -11.283 13.736  1.00 13.49 ? 111 HIS A NE2 1 
ATOM   702  N N   . TRP A 1 91  ? -0.711  -8.789  14.639  1.00 13.81 ? 112 TRP A N   1 
ATOM   703  C CA  . TRP A 1 91  ? 0.709   -8.712  14.731  1.00 13.90 ? 112 TRP A CA  1 
ATOM   704  C C   . TRP A 1 91  ? 1.155   -7.928  15.947  1.00 14.13 ? 112 TRP A C   1 
ATOM   705  O O   . TRP A 1 91  ? 2.355   -7.665  16.107  1.00 18.50 ? 112 TRP A O   1 
ATOM   706  C CB  . TRP A 1 91  ? 1.313   -8.186  13.406  1.00 13.71 ? 112 TRP A CB  1 
ATOM   707  C CG  . TRP A 1 91  ? 1.179   -9.140  12.295  1.00 14.66 ? 112 TRP A CG  1 
ATOM   708  C CD1 . TRP A 1 91  ? 0.217   -9.173  11.341  1.00 17.14 ? 112 TRP A CD1 1 
ATOM   709  C CD2 . TRP A 1 91  ? 2.049   -10.256 12.051  1.00 14.67 ? 112 TRP A CD2 1 
ATOM   710  N NE1 . TRP A 1 91  ? 0.407   -10.255 10.502  1.00 15.92 ? 112 TRP A NE1 1 
ATOM   711  C CE2 . TRP A 1 91  ? 1.534   -10.930 10.912  1.00 14.49 ? 112 TRP A CE2 1 
ATOM   712  C CE3 . TRP A 1 91  ? 3.152   -10.732 12.708  1.00 14.16 ? 112 TRP A CE3 1 
ATOM   713  C CZ2 . TRP A 1 91  ? 2.159   -12.075 10.394  1.00 14.18 ? 112 TRP A CZ2 1 
ATOM   714  C CZ3 . TRP A 1 91  ? 3.798   -11.904 12.177  1.00 15.50 ? 112 TRP A CZ3 1 
ATOM   715  C CH2 . TRP A 1 91  ? 3.219   -12.555 11.068  1.00 15.01 ? 112 TRP A CH2 1 
ATOM   716  N N   . GLY A 1 92  ? 0.202   -7.426  16.714  1.00 14.55 ? 113 GLY A N   1 
ATOM   717  C CA  . GLY A 1 92  ? 0.517   -6.648  17.972  1.00 16.02 ? 113 GLY A CA  1 
ATOM   718  C C   . GLY A 1 92  ? 1.305   -5.421  17.687  1.00 17.15 ? 113 GLY A C   1 
ATOM   719  O O   . GLY A 1 92  ? 2.158   -5.003  18.483  1.00 18.94 ? 113 GLY A O   1 
ATOM   720  N N   . SER A 1 93  ? 1.075   -4.803  16.516  1.00 14.19 ? 114 SER A N   1 
ATOM   721  C CA  . SER A 1 93  ? 1.934   -3.750  16.069  1.00 16.36 ? 114 SER A CA  1 
ATOM   722  C C   . SER A 1 93  ? 1.171   -2.650  15.347  1.00 13.62 ? 114 SER A C   1 
ATOM   723  O O   . SER A 1 93  ? 0.037   -2.807  14.884  1.00 14.12 ? 114 SER A O   1 
ATOM   724  C CB  . SER A 1 93  ? 2.912   -4.318  15.032  1.00 18.37 ? 114 SER A CB  1 
ATOM   725  O OG  . SER A 1 93  ? 3.788   -5.285  15.609  1.00 19.73 ? 114 SER A OG  1 
ATOM   726  N N   . THR A 1 94  ? 1.770   -1.424  15.358  1.00 13.34 ? 115 THR A N   1 
ATOM   727  C CA  . THR A 1 94  ? 1.210   -0.307  14.614  1.00 12.24 ? 115 THR A CA  1 
ATOM   728  C C   . THR A 1 94  ? 2.244   0.061   13.540  1.00 12.30 ? 115 THR A C   1 
ATOM   729  O O   . THR A 1 94  ? 3.451   -0.132  13.711  1.00 14.25 ? 115 THR A O   1 
ATOM   730  C CB  . THR A 1 94  ? 1.050   0.895   15.598  1.00 15.24 ? 115 THR A CB  1 
ATOM   731  O OG1 . THR A 1 94  ? 0.038   0.488   16.554  1.00 20.37 ? 115 THR A OG1 1 
ATOM   732  C CG2 . THR A 1 94  ? 0.545   2.105   14.973  1.00 20.71 ? 115 THR A CG2 1 
ATOM   733  N N   . TYR A 1 95  ? 1.704   0.596   12.436  1.00 12.71 ? 116 TYR A N   1 
ATOM   734  C CA  . TYR A 1 95  ? 2.568   0.956   11.255  1.00 14.05 ? 116 TYR A CA  1 
ATOM   735  C C   . TYR A 1 95  ? 2.161   2.343   10.790  1.00 12.96 ? 116 TYR A C   1 
ATOM   736  O O   . TYR A 1 95  ? 1.005   2.691   10.800  1.00 14.99 ? 116 TYR A O   1 
ATOM   737  C CB  . TYR A 1 95  ? 2.295   -0.057  10.105  1.00 14.46 ? 116 TYR A CB  1 
ATOM   738  C CG  . TYR A 1 95  ? 2.473   -1.519  10.498  1.00 11.74 ? 116 TYR A CG  1 
ATOM   739  C CD1 . TYR A 1 95  ? 1.504   -2.198  11.190  1.00 12.91 ? 116 TYR A CD1 1 
ATOM   740  C CD2 . TYR A 1 95  ? 3.651   -2.173  10.206  1.00 13.96 ? 116 TYR A CD2 1 
ATOM   741  C CE1 . TYR A 1 95  ? 1.696   -3.502  11.647  1.00 15.34 ? 116 TYR A CE1 1 
ATOM   742  C CE2 . TYR A 1 95  ? 3.851   -3.484  10.630  1.00 15.27 ? 116 TYR A CE2 1 
ATOM   743  C CZ  . TYR A 1 95  ? 2.832   -4.154  11.304  1.00 14.32 ? 116 TYR A CZ  1 
ATOM   744  O OH  . TYR A 1 95  ? 3.096   -5.415  11.777  1.00 16.81 ? 116 TYR A OH  1 
ATOM   745  N N   . SER A 1 96  ? 3.156   3.110   10.396  1.00 11.87 ? 117 SER A N   1 
ATOM   746  C CA  A SER A 1 96  ? 2.952   4.370   9.642   0.70 13.04 ? 117 SER A CA  1 
ATOM   747  C CA  B SER A 1 96  ? 2.951   4.352   9.646   0.30 12.03 ? 117 SER A CA  1 
ATOM   748  C C   . SER A 1 96  ? 2.764   4.000   8.183   1.00 12.70 ? 117 SER A C   1 
ATOM   749  O O   . SER A 1 96  ? 3.472   3.172   7.642   1.00 14.86 ? 117 SER A O   1 
ATOM   750  C CB  A SER A 1 96  ? 4.210   5.208   9.839   0.70 14.72 ? 117 SER A CB  1 
ATOM   751  C CB  B SER A 1 96  ? 4.125   5.324   9.849   0.30 11.61 ? 117 SER A CB  1 
ATOM   752  O OG  A SER A 1 96  ? 4.323   6.331   8.983   0.70 20.65 ? 117 SER A OG  1 
ATOM   753  O OG  B SER A 1 96  ? 5.404   4.840   9.428   0.30 10.51 ? 117 SER A OG  1 
ATOM   754  N N   . VAL A 1 97  ? 1.754   4.623   7.604   1.00 11.81 ? 118 VAL A N   1 
ATOM   755  C CA  . VAL A 1 97  ? 1.483   4.494   6.153   1.00 12.21 ? 118 VAL A CA  1 
ATOM   756  C C   . VAL A 1 97  ? 1.436   5.871   5.559   1.00 12.91 ? 118 VAL A C   1 
ATOM   757  O O   . VAL A 1 97  ? 0.577   6.682   5.954   1.00 13.35 ? 118 VAL A O   1 
ATOM   758  C CB  . VAL A 1 97  ? 0.147   3.774   5.915   1.00 13.25 ? 118 VAL A CB  1 
ATOM   759  C CG1 . VAL A 1 97  ? -0.160  3.634   4.378   1.00 15.34 ? 118 VAL A CG1 1 
ATOM   760  C CG2 . VAL A 1 97  ? 0.146   2.403   6.565   1.00 14.69 ? 118 VAL A CG2 1 
ATOM   761  N N   . SER A 1 98  ? 2.282   6.166   4.554   1.00 12.57 ? 119 SER A N   1 
ATOM   762  C CA  . SER A 1 98  ? 2.337   7.546   3.936   1.00 12.46 ? 119 SER A CA  1 
ATOM   763  C C   . SER A 1 98  ? 2.018   7.428   2.483   1.00 10.01 ? 119 SER A C   1 
ATOM   764  O O   . SER A 1 98  ? 2.603   6.533   1.794   1.00 11.00 ? 119 SER A O   1 
ATOM   765  C CB  . SER A 1 98  ? 3.725   8.080   4.030   1.00 15.05 ? 119 SER A CB  1 
ATOM   766  O OG  . SER A 1 98  ? 3.969   8.215   5.455   1.00 23.00 ? 119 SER A OG  1 
ATOM   767  N N   . VAL A 1 99  ? 1.199   8.322   1.964   1.00 9.71  ? 120 VAL A N   1 
ATOM   768  C CA  . VAL A 1 99  ? 1.123   8.531   0.474   1.00 9.15  ? 120 VAL A CA  1 
ATOM   769  C C   . VAL A 1 99  ? 2.278   9.433   0.104   1.00 9.57  ? 120 VAL A C   1 
ATOM   770  O O   . VAL A 1 99  ? 2.159   10.632  0.308   1.00 10.44 ? 120 VAL A O   1 
ATOM   771  C CB  . VAL A 1 99  ? -0.232  9.115   0.071   1.00 9.69  ? 120 VAL A CB  1 
ATOM   772  C CG1 . VAL A 1 99  ? -0.293  9.204   -1.459  1.00 9.85  ? 120 VAL A CG1 1 
ATOM   773  C CG2 . VAL A 1 99  ? -1.417  8.165   0.530   1.00 9.80  ? 120 VAL A CG2 1 
ATOM   774  N N   . VAL A 1 100 ? 3.387   8.860   -0.365  1.00 9.09  ? 121 VAL A N   1 
ATOM   775  C CA  . VAL A 1 100 ? 4.593   9.662   -0.617  1.00 10.43 ? 121 VAL A CA  1 
ATOM   776  C C   . VAL A 1 100 ? 4.402   10.519  -1.883  1.00 10.24 ? 121 VAL A C   1 
ATOM   777  O O   . VAL A 1 100 ? 4.847   11.694  -1.905  1.00 11.12 ? 121 VAL A O   1 
ATOM   778  C CB  . VAL A 1 100 ? 5.757   8.748   -0.812  1.00 11.75 ? 121 VAL A CB  1 
ATOM   779  C CG1 . VAL A 1 100 ? 7.019   9.582   -1.121  1.00 14.34 ? 121 VAL A CG1 1 
ATOM   780  C CG2 . VAL A 1 100 ? 6.007   7.884   0.471   1.00 13.28 ? 121 VAL A CG2 1 
ATOM   781  N N   . GLU A 1 101 ? 3.731   9.983   -2.893  1.00 9.35  ? 122 GLU A N   1 
ATOM   782  C CA  . GLU A 1 101 ? 3.575   10.721  -4.186  1.00 9.41  ? 122 GLU A CA  1 
ATOM   783  C C   . GLU A 1 101 ? 2.368   10.174  -4.891  1.00 9.25  ? 122 GLU A C   1 
ATOM   784  O O   . GLU A 1 101 ? 2.158   8.923   -4.959  1.00 9.42  ? 122 GLU A O   1 
ATOM   785  C CB  . GLU A 1 101 ? 4.857   10.455  -5.013  1.00 10.28 ? 122 GLU A CB  1 
ATOM   786  C CG  . GLU A 1 101 ? 4.843   11.189  -6.308  1.00 11.60 ? 122 GLU A CG  1 
ATOM   787  C CD  . GLU A 1 101 ? 6.133   10.933  -7.074  1.00 12.51 ? 122 GLU A CD  1 
ATOM   788  O OE1 . GLU A 1 101 ? 7.268   10.941  -6.499  1.00 15.46 ? 122 GLU A OE1 1 
ATOM   789  O OE2 . GLU A 1 101 ? 6.004   10.675  -8.284  1.00 13.22 ? 122 GLU A OE2 1 
ATOM   790  N N   . THR A 1 102 ? 1.491   11.044  -5.412  1.00 9.35  ? 123 THR A N   1 
ATOM   791  C CA  . THR A 1 102 ? 0.403   10.565  -6.265  1.00 8.48  ? 123 THR A CA  1 
ATOM   792  C C   . THR A 1 102 ? 0.021   11.697  -7.192  1.00 9.91  ? 123 THR A C   1 
ATOM   793  O O   . THR A 1 102 ? 0.089   12.870  -6.837  1.00 11.13 ? 123 THR A O   1 
ATOM   794  C CB  . THR A 1 102 ? -0.803  10.111  -5.383  1.00 8.51  ? 123 THR A CB  1 
ATOM   795  O OG1 . THR A 1 102 ? -1.843  9.665   -6.241  1.00 8.62  ? 123 THR A OG1 1 
ATOM   796  C CG2 . THR A 1 102 ? -1.384  11.289  -4.568  1.00 9.82  ? 123 THR A CG2 1 
ATOM   797  N N   . ASP A 1 103 ? -0.422  11.321  -8.374  1.00 9.07  ? 124 ASP A N   1 
ATOM   798  C CA  . ASP A 1 103 ? -1.093  12.249  -9.277  1.00 10.36 ? 124 ASP A CA  1 
ATOM   799  C C   . ASP A 1 103 ? -2.595  12.073  -9.268  1.00 9.60  ? 124 ASP A C   1 
ATOM   800  O O   . ASP A 1 103 ? -3.302  12.698  -10.089 1.00 9.85  ? 124 ASP A O   1 
ATOM   801  C CB  . ASP A 1 103 ? -0.553  12.130  -10.685 1.00 9.95  ? 124 ASP A CB  1 
ATOM   802  C CG  . ASP A 1 103 ? -0.954  10.895  -11.378 1.00 12.97 ? 124 ASP A CG  1 
ATOM   803  O OD1 . ASP A 1 103 ? -1.473  9.967   -10.782 1.00 11.59 ? 124 ASP A OD1 1 
ATOM   804  O OD2 . ASP A 1 103 ? -0.681  10.785  -12.616 1.00 14.88 ? 124 ASP A OD2 1 
ATOM   805  N N   . TYR A 1 104 ? -3.097  11.230  -8.347  1.00 8.24  ? 125 TYR A N   1 
ATOM   806  C CA  . TYR A 1 104 ? -4.565  10.958  -8.199  1.00 8.95  ? 125 TYR A CA  1 
ATOM   807  C C   . TYR A 1 104 ? -5.200  10.189  -9.353  1.00 9.27  ? 125 TYR A C   1 
ATOM   808  O O   . TYR A 1 104 ? -6.026  9.283   -9.070  1.00 9.93  ? 125 TYR A O   1 
ATOM   809  C CB  . TYR A 1 104 ? -5.406  12.226  -7.877  1.00 8.41  ? 125 TYR A CB  1 
ATOM   810  C CG  . TYR A 1 104 ? -4.809  13.028  -6.729  1.00 9.23  ? 125 TYR A CG  1 
ATOM   811  C CD1 . TYR A 1 104 ? -4.890  12.530  -5.437  1.00 9.24  ? 125 TYR A CD1 1 
ATOM   812  C CD2 . TYR A 1 104 ? -4.093  14.194  -6.997  1.00 9.24  ? 125 TYR A CD2 1 
ATOM   813  C CE1 . TYR A 1 104 ? -4.342  13.234  -4.359  1.00 9.36  ? 125 TYR A CE1 1 
ATOM   814  C CE2 . TYR A 1 104 ? -3.511  14.897  -5.926  1.00 11.36 ? 125 TYR A CE2 1 
ATOM   815  C CZ  . TYR A 1 104 ? -3.644  14.371  -4.638  1.00 10.15 ? 125 TYR A CZ  1 
ATOM   816  O OH  . TYR A 1 104 ? -3.068  15.073  -3.581  1.00 11.43 ? 125 TYR A OH  1 
ATOM   817  N N   . ASP A 1 105 ? -4.817  10.471  -10.563 1.00 10.23 ? 126 ASP A N   1 
ATOM   818  C CA  . ASP A 1 105 ? -5.590  9.937   -11.751 1.00 10.41 ? 126 ASP A CA  1 
ATOM   819  C C   . ASP A 1 105 ? -4.876  8.761   -12.332 1.00 9.84  ? 126 ASP A C   1 
ATOM   820  O O   . ASP A 1 105 ? -5.522  8.032   -13.128 1.00 10.34 ? 126 ASP A O   1 
ATOM   821  C CB  . ASP A 1 105 ? -5.771  11.048  -12.809 1.00 11.92 ? 126 ASP A CB  1 
ATOM   822  C CG  . ASP A 1 105 ? -6.589  12.164  -12.309 1.00 16.08 ? 126 ASP A CG  1 
ATOM   823  O OD1 . ASP A 1 105 ? -7.417  12.050  -11.398 1.00 15.28 ? 126 ASP A OD1 1 
ATOM   824  O OD2 . ASP A 1 105 ? -6.398  13.260  -12.920 1.00 21.07 ? 126 ASP A OD2 1 
ATOM   825  N N   . GLN A 1 106 ? -3.632  8.447   -11.956 1.00 10.95 ? 127 GLN A N   1 
ATOM   826  C CA  . GLN A 1 106 ? -2.922  7.337   -12.549 1.00 11.10 ? 127 GLN A CA  1 
ATOM   827  C C   . GLN A 1 106 ? -2.225  6.471   -11.504 1.00 10.20 ? 127 GLN A C   1 
ATOM   828  O O   . GLN A 1 106 ? -2.265  5.212   -11.632 1.00 10.15 ? 127 GLN A O   1 
ATOM   829  C CB  . GLN A 1 106 ? -1.866  7.781   -13.571 1.00 13.80 ? 127 GLN A CB  1 
ATOM   830  C CG  . GLN A 1 106 ? -2.420  8.535   -14.844 1.00 17.93 ? 127 GLN A CG  1 
ATOM   831  C CD  . GLN A 1 106 ? -3.448  7.789   -15.655 1.00 27.07 ? 127 GLN A CD  1 
ATOM   832  O OE1 . GLN A 1 106 ? -3.570  6.568   -15.611 1.00 31.69 ? 127 GLN A OE1 1 
ATOM   833  N NE2 . GLN A 1 106 ? -4.265  8.580   -16.403 1.00 34.19 ? 127 GLN A NE2 1 
ATOM   834  N N   . TYR A 1 107 ? -1.523  7.070   -10.530 1.00 9.43  ? 128 TYR A N   1 
ATOM   835  C CA  . TYR A 1 107 ? -0.682  6.204   -9.714  1.00 9.64  ? 128 TYR A CA  1 
ATOM   836  C C   . TYR A 1 107 ? -0.540  6.782   -8.318  1.00 8.64  ? 128 TYR A C   1 
ATOM   837  O O   . TYR A 1 107 ? -0.756  8.021   -8.110  1.00 9.28  ? 128 TYR A O   1 
ATOM   838  C CB  . TYR A 1 107 ? 0.766   6.028   -10.268 1.00 9.30  ? 128 TYR A CB  1 
ATOM   839  C CG  . TYR A 1 107 ? 1.643   7.313   -10.102 1.00 8.90  ? 128 TYR A CG  1 
ATOM   840  C CD1 . TYR A 1 107 ? 1.620   8.362   -11.042 1.00 9.45  ? 128 TYR A CD1 1 
ATOM   841  C CD2 . TYR A 1 107 ? 2.446   7.483   -8.967  1.00 10.56 ? 128 TYR A CD2 1 
ATOM   842  C CE1 . TYR A 1 107 ? 2.354   9.481   -10.868 1.00 9.07  ? 128 TYR A CE1 1 
ATOM   843  C CE2 . TYR A 1 107 ? 3.204   8.646   -8.823  1.00 10.39 ? 128 TYR A CE2 1 
ATOM   844  C CZ  . TYR A 1 107 ? 3.097   9.648   -9.762  1.00 9.75  ? 128 TYR A CZ  1 
ATOM   845  O OH  . TYR A 1 107 ? 3.829   10.856  -9.699  1.00 12.14 ? 128 TYR A OH  1 
ATOM   846  N N   . ALA A 1 108 ? -0.159  5.918   -7.356  1.00 8.47  ? 129 ALA A N   1 
ATOM   847  C CA  . ALA A 1 108 ? 0.257   6.433   -6.032  1.00 8.75  ? 129 ALA A CA  1 
ATOM   848  C C   . ALA A 1 108 ? 1.339   5.520   -5.525  1.00 9.56  ? 129 ALA A C   1 
ATOM   849  O O   . ALA A 1 108 ? 1.374   4.290   -5.823  1.00 10.80 ? 129 ALA A O   1 
ATOM   850  C CB  . ALA A 1 108 ? -0.893  6.387   -5.020  1.00 9.73  ? 129 ALA A CB  1 
ATOM   851  N N   . LEU A 1 109 ? 2.337   6.141   -4.895  1.00 9.03  ? 130 LEU A N   1 
ATOM   852  C CA  . LEU A 1 109 ? 3.478   5.452   -4.274  1.00 9.57  ? 130 LEU A CA  1 
ATOM   853  C C   . LEU A 1 109 ? 3.270   5.556   -2.757  1.00 8.47  ? 130 LEU A C   1 
ATOM   854  O O   . LEU A 1 109 ? 3.203   6.679   -2.231  1.00 9.30  ? 130 LEU A O   1 
ATOM   855  C CB  . LEU A 1 109 ? 4.801   6.099   -4.648  1.00 9.57  ? 130 LEU A CB  1 
ATOM   856  C CG  . LEU A 1 109 ? 5.039   6.277   -6.152  1.00 9.85  ? 130 LEU A CG  1 
ATOM   857  C CD1 . LEU A 1 109 ? 6.454   6.906   -6.308  1.00 11.17 ? 130 LEU A CD1 1 
ATOM   858  C CD2 . LEU A 1 109 ? 5.031   4.902   -6.819  1.00 13.37 ? 130 LEU A CD2 1 
ATOM   859  N N   . LEU A 1 110 ? 3.150   4.396   -2.111  1.00 9.10  ? 131 LEU A N   1 
ATOM   860  C CA  . LEU A 1 110 ? 2.969   4.376   -0.635  1.00 10.91 ? 131 LEU A CA  1 
ATOM   861  C C   . LEU A 1 110 ? 4.164   3.779   0.017   1.00 10.25 ? 131 LEU A C   1 
ATOM   862  O O   . LEU A 1 110 ? 4.875   2.941   -0.566  1.00 11.18 ? 131 LEU A O   1 
ATOM   863  C CB  . LEU A 1 110 ? 1.701   3.566   -0.329  1.00 11.20 ? 131 LEU A CB  1 
ATOM   864  C CG  . LEU A 1 110 ? 0.388   4.422   -0.256  1.00 14.67 ? 131 LEU A CG  1 
ATOM   865  C CD1 . LEU A 1 110 ? 0.004   5.007   -1.576  1.00 17.19 ? 131 LEU A CD1 1 
ATOM   866  C CD2 . LEU A 1 110 ? -0.788  3.588   0.327   1.00 17.69 ? 131 LEU A CD2 1 
ATOM   867  N N   . TYR A 1 111 ? 4.420   4.208   1.278   1.00 10.97 ? 132 TYR A N   1 
ATOM   868  C CA  . TYR A 1 111 ? 5.510   3.648   2.040   1.00 11.33 ? 132 TYR A CA  1 
ATOM   869  C C   . TYR A 1 111 ? 4.986   3.368   3.460   1.00 12.36 ? 132 TYR A C   1 
ATOM   870  O O   . TYR A 1 111 ? 4.321   4.256   4.072   1.00 12.66 ? 132 TYR A O   1 
ATOM   871  C CB  . TYR A 1 111 ? 6.703   4.604   2.089   1.00 13.54 ? 132 TYR A CB  1 
ATOM   872  C CG  . TYR A 1 111 ? 7.863   4.030   2.924   1.00 13.64 ? 132 TYR A CG  1 
ATOM   873  C CD1 . TYR A 1 111 ? 8.671   3.002   2.387   1.00 14.36 ? 132 TYR A CD1 1 
ATOM   874  C CD2 . TYR A 1 111 ? 8.074   4.463   4.223   1.00 16.54 ? 132 TYR A CD2 1 
ATOM   875  C CE1 . TYR A 1 111 ? 9.717   2.394   3.196   1.00 17.70 ? 132 TYR A CE1 1 
ATOM   876  C CE2 . TYR A 1 111 ? 9.126   3.903   4.991   1.00 20.92 ? 132 TYR A CE2 1 
ATOM   877  C CZ  . TYR A 1 111 ? 9.888   2.905   4.473   1.00 20.07 ? 132 TYR A CZ  1 
ATOM   878  O OH  . TYR A 1 111 ? 10.943  2.329   5.213   1.00 24.37 ? 132 TYR A OH  1 
ATOM   879  N N   . SER A 1 112 ? 5.245   2.175   3.948   1.00 11.22 ? 133 SER A N   1 
ATOM   880  C CA  . SER A 1 112 ? 4.765   1.749   5.302   1.00 11.83 ? 133 SER A CA  1 
ATOM   881  C C   . SER A 1 112 ? 5.948   1.264   6.108   1.00 12.47 ? 133 SER A C   1 
ATOM   882  O O   . SER A 1 112 ? 6.805   0.583   5.591   1.00 13.33 ? 133 SER A O   1 
ATOM   883  C CB  . SER A 1 112 ? 3.778   0.597   5.120   1.00 12.60 ? 133 SER A CB  1 
ATOM   884  O OG  . SER A 1 112 ? 2.596   1.031   4.374   1.00 16.69 ? 133 SER A OG  1 
ATOM   885  N N   . GLN A 1 113 ? 5.937   1.589   7.403   1.00 14.47 ? 134 GLN A N   1 
ATOM   886  C CA  . GLN A 1 113 ? 6.987   1.070   8.244   1.00 16.22 ? 134 GLN A CA  1 
ATOM   887  C C   . GLN A 1 113 ? 6.423   0.812   9.613   1.00 15.21 ? 134 GLN A C   1 
ATOM   888  O O   . GLN A 1 113 ? 5.588   1.553   10.108  1.00 15.81 ? 134 GLN A O   1 
ATOM   889  C CB  . GLN A 1 113 ? 8.212   1.950   8.251   1.00 20.75 ? 134 GLN A CB  1 
ATOM   890  C CG  . GLN A 1 113 ? 8.056   3.321   8.786   1.00 27.10 ? 134 GLN A CG  1 
ATOM   891  C CD  . GLN A 1 113 ? 9.452   4.063   8.793   1.00 32.07 ? 134 GLN A CD  1 
ATOM   892  O OE1 . GLN A 1 113 ? 9.528   5.203   9.239   1.00 45.19 ? 134 GLN A OE1 1 
ATOM   893  N NE2 . GLN A 1 113 ? 10.521  3.418   8.236   1.00 33.42 ? 134 GLN A NE2 1 
ATOM   894  N N   . GLY A 1 114 ? 7.014   -0.197  10.263  1.00 14.51 ? 135 GLY A N   1 
ATOM   895  C CA  . GLY A 1 114 ? 6.532   -0.410  11.643  1.00 15.79 ? 135 GLY A CA  1 
ATOM   896  C C   . GLY A 1 114 ? 6.856   0.771   12.528  1.00 20.93 ? 135 GLY A C   1 
ATOM   897  O O   . GLY A 1 114 ? 7.865   1.503   12.358  1.00 20.43 ? 135 GLY A O   1 
ATOM   898  N N   . SER A 1 115 ? 5.984   1.020   13.481  1.00 19.97 ? 136 SER A N   1 
ATOM   899  C CA  . SER A 1 115 ? 6.266   2.098   14.454  1.00 22.81 ? 136 SER A CA  1 
ATOM   900  C C   . SER A 1 115 ? 6.276   1.629   15.870  1.00 26.40 ? 136 SER A C   1 
ATOM   901  O O   . SER A 1 115 ? 7.008   2.182   16.694  1.00 28.46 ? 136 SER A O   1 
ATOM   902  C CB  . SER A 1 115 ? 5.367   3.332   14.333  1.00 28.82 ? 136 SER A CB  1 
ATOM   903  O OG  . SER A 1 115 ? 3.995   3.073   14.278  1.00 35.30 ? 136 SER A OG  1 
ATOM   904  N N   . LYS A 1 116 ? 5.537   0.594   16.170  1.00 23.10 ? 137 LYS A N   1 
ATOM   905  C CA  . LYS A 1 116 ? 5.465   0.146   17.577  1.00 25.69 ? 137 LYS A CA  1 
ATOM   906  C C   . LYS A 1 116 ? 5.149   -1.311  17.524  1.00 24.58 ? 137 LYS A C   1 
ATOM   907  O O   . LYS A 1 116 ? 4.386   -1.806  16.655  1.00 21.23 ? 137 LYS A O   1 
ATOM   908  C CB  . LYS A 1 116 ? 4.329   0.877   18.306  1.00 29.97 ? 137 LYS A CB  1 
ATOM   909  C CG  . LYS A 1 116 ? 4.252   0.664   19.810  1.00 40.94 ? 137 LYS A CG  1 
ATOM   910  C CD  . LYS A 1 116 ? 3.315   1.692   20.472  1.00 46.63 ? 137 LYS A CD  1 
ATOM   911  C CE  . LYS A 1 116 ? 3.941   3.087   20.626  1.00 48.94 ? 137 LYS A CE  1 
ATOM   912  N NZ  . LYS A 1 116 ? 3.177   3.972   21.574  1.00 49.34 ? 137 LYS A NZ  1 
ATOM   913  N N   . GLY A 1 117 ? 5.714   -2.070  18.462  1.00 22.54 ? 138 GLY A N   1 
ATOM   914  C CA  . GLY A 1 117 ? 5.480   -3.487  18.519  1.00 23.79 ? 138 GLY A CA  1 
ATOM   915  C C   . GLY A 1 117 ? 6.535   -4.364  17.833  1.00 23.62 ? 138 GLY A C   1 
ATOM   916  O O   . GLY A 1 117 ? 7.534   -3.877  17.306  1.00 25.91 ? 138 GLY A O   1 
ATOM   917  N N   . PRO A 1 118 ? 6.281   -5.660  17.806  1.00 26.93 ? 139 PRO A N   1 
ATOM   918  C CA  . PRO A 1 118 ? 7.201   -6.601  17.232  1.00 30.61 ? 139 PRO A CA  1 
ATOM   919  C C   . PRO A 1 118 ? 7.487   -6.295  15.753  1.00 29.77 ? 139 PRO A C   1 
ATOM   920  O O   . PRO A 1 118 ? 8.583   -6.664  15.248  1.00 33.14 ? 139 PRO A O   1 
ATOM   921  C CB  . PRO A 1 118 ? 6.521   -7.970  17.440  1.00 33.98 ? 139 PRO A CB  1 
ATOM   922  C CG  . PRO A 1 118 ? 5.198   -7.700  18.027  1.00 31.99 ? 139 PRO A CG  1 
ATOM   923  C CD  . PRO A 1 118 ? 5.159   -6.292  18.530  1.00 27.06 ? 139 PRO A CD  1 
ATOM   924  N N   . GLY A 1 119 ? 6.543   -5.619  15.084  1.00 25.48 ? 140 GLY A N   1 
ATOM   925  C CA  . GLY A 1 119 ? 6.654   -5.246  13.649  1.00 26.07 ? 140 GLY A CA  1 
ATOM   926  C C   . GLY A 1 119 ? 7.438   -3.985  13.345  1.00 27.37 ? 140 GLY A C   1 
ATOM   927  O O   . GLY A 1 119 ? 7.497   -3.551  12.211  1.00 24.60 ? 140 GLY A O   1 
ATOM   928  N N   . GLU A 1 120 ? 8.062   -3.393  14.360  1.00 24.70 ? 141 GLU A N   1 
ATOM   929  C CA  . GLU A 1 120 ? 8.817   -2.151  14.236  1.00 25.38 ? 141 GLU A CA  1 
ATOM   930  C C   . GLU A 1 120 ? 9.793   -2.126  13.110  1.00 27.41 ? 141 GLU A C   1 
ATOM   931  O O   . GLU A 1 120 ? 9.947   -1.073  12.506  1.00 32.80 ? 141 GLU A O   1 
ATOM   932  C CB  . GLU A 1 120 ? 9.593   -1.826  15.521  1.00 33.98 ? 141 GLU A CB  1 
ATOM   933  C CG  . GLU A 1 120 ? 9.093   -0.531  16.129  1.00 43.01 ? 141 GLU A CG  1 
ATOM   934  C CD  . GLU A 1 120 ? 9.942   -0.163  17.315  1.00 45.02 ? 141 GLU A CD  1 
ATOM   935  O OE1 . GLU A 1 120 ? 9.897   -0.900  18.322  1.00 46.07 ? 141 GLU A OE1 1 
ATOM   936  O OE2 . GLU A 1 120 ? 10.692  0.829   17.192  1.00 48.97 ? 141 GLU A OE2 1 
ATOM   937  N N   . ASP A 1 121 ? 10.440  -3.256  12.814  1.00 23.88 ? 142 ASP A N   1 
ATOM   938  C CA  . ASP A 1 121 ? 11.488  -3.286  11.790  1.00 25.16 ? 142 ASP A CA  1 
ATOM   939  C C   . ASP A 1 121 ? 10.942  -3.387  10.346  1.00 25.74 ? 142 ASP A C   1 
ATOM   940  O O   . ASP A 1 121 ? 11.729  -3.324  9.375   1.00 24.00 ? 142 ASP A O   1 
ATOM   941  C CB  . ASP A 1 121 ? 12.417  -4.484  11.988  1.00 25.74 ? 142 ASP A CB  1 
ATOM   942  N N   . PHE A 1 122 ? 9.665   -3.700  10.215  1.00 18.98 ? 143 PHE A N   1 
ATOM   943  C CA  . PHE A 1 122 ? 9.027   -3.973  8.902   1.00 16.10 ? 143 PHE A CA  1 
ATOM   944  C C   . PHE A 1 122 ? 9.005   -2.715  8.046   1.00 14.31 ? 143 PHE A C   1 
ATOM   945  O O   . PHE A 1 122 ? 8.795   -1.588  8.517   1.00 14.23 ? 143 PHE A O   1 
ATOM   946  C CB  . PHE A 1 122 ? 7.583   -4.360  9.190   1.00 16.09 ? 143 PHE A CB  1 
ATOM   947  C CG  . PHE A 1 122 ? 6.780   -4.614  7.938   1.00 14.63 ? 143 PHE A CG  1 
ATOM   948  C CD1 . PHE A 1 122 ? 6.997   -5.751  7.192   1.00 14.37 ? 143 PHE A CD1 1 
ATOM   949  C CD2 . PHE A 1 122 ? 5.933   -3.601  7.473   1.00 14.39 ? 143 PHE A CD2 1 
ATOM   950  C CE1 . PHE A 1 122 ? 6.262   -6.007  6.003   1.00 15.82 ? 143 PHE A CE1 1 
ATOM   951  C CE2 . PHE A 1 122 ? 5.172   -3.816  6.286   1.00 16.10 ? 143 PHE A CE2 1 
ATOM   952  C CZ  . PHE A 1 122 ? 5.331   -5.030  5.542   1.00 14.38 ? 143 PHE A CZ  1 
ATOM   953  N N   . ARG A 1 123 ? 9.290   -2.929  6.737   1.00 12.86 ? 144 ARG A N   1 
ATOM   954  C CA  . ARG A 1 123 ? 9.229   -1.816  5.723   1.00 14.24 ? 144 ARG A CA  1 
ATOM   955  C C   . ARG A 1 123 ? 8.603   -2.394  4.482   1.00 12.18 ? 144 ARG A C   1 
ATOM   956  O O   . ARG A 1 123 ? 8.866   -3.491  4.013   1.00 11.82 ? 144 ARG A O   1 
ATOM   957  C CB  . ARG A 1 123 ? 10.650  -1.250  5.366   1.00 16.41 ? 144 ARG A CB  1 
ATOM   958  C CG  . ARG A 1 123 ? 11.415  -0.842  6.641   1.00 19.25 ? 144 ARG A CG  1 
ATOM   959  C CD  . ARG A 1 123 ? 12.742  -0.186  6.242   1.00 26.34 ? 144 ARG A CD  1 
ATOM   960  N NE  . ARG A 1 123 ? 13.517  -0.924  5.246   1.00 29.92 ? 144 ARG A NE  1 
ATOM   961  C CZ  . ARG A 1 123 ? 13.864  -0.384  4.061   1.00 36.76 ? 144 ARG A CZ  1 
ATOM   962  N NH1 . ARG A 1 123 ? 13.399  0.841   3.715   1.00 31.61 ? 144 ARG A NH1 1 
ATOM   963  N NH2 . ARG A 1 123 ? 14.644  -1.089  3.224   1.00 41.22 ? 144 ARG A NH2 1 
ATOM   964  N N   . MET A 1 124 ? 7.778   -1.532  3.850   1.00 12.68 ? 145 MET A N   1 
ATOM   965  C CA  . MET A 1 124 ? 7.130   -1.931  2.569   1.00 12.07 ? 145 MET A CA  1 
ATOM   966  C C   . MET A 1 124 ? 6.810   -0.687  1.720   1.00 12.69 ? 145 MET A C   1 
ATOM   967  O O   . MET A 1 124 ? 6.289   0.278   2.176   1.00 13.86 ? 145 MET A O   1 
ATOM   968  C CB  . MET A 1 124 ? 5.837   -2.672  2.865   1.00 13.83 ? 145 MET A CB  1 
ATOM   969  C CG  . MET A 1 124 ? 5.082   -3.080  1.597   1.00 16.25 ? 145 MET A CG  1 
ATOM   970  S SD  . MET A 1 124 ? 3.686   -4.139  1.993   1.00 18.54 ? 145 MET A SD  1 
ATOM   971  C CE  . MET A 1 124 ? 2.658   -2.990  2.815   1.00 20.08 ? 145 MET A CE  1 
ATOM   972  N N   . ALA A 1 125 ? 7.147   -0.771  0.435   1.00 11.15 ? 146 ALA A N   1 
ATOM   973  C CA  . ALA A 1 125 ? 6.707   0.249   -0.543  1.00 11.78 ? 146 ALA A CA  1 
ATOM   974  C C   . ALA A 1 125 ? 5.649   -0.385  -1.381  1.00 11.43 ? 146 ALA A C   1 
ATOM   975  O O   . ALA A 1 125 ? 5.741   -1.600  -1.736  1.00 12.21 ? 146 ALA A O   1 
ATOM   976  C CB  . ALA A 1 125 ? 7.879   0.597   -1.476  1.00 12.69 ? 146 ALA A CB  1 
ATOM   977  N N   . THR A 1 126 ? 4.634   0.369   -1.794  1.00 11.27 ? 147 THR A N   1 
ATOM   978  C CA  . THR A 1 126 ? 3.506   -0.207  -2.574  1.00 12.03 ? 147 THR A CA  1 
ATOM   979  C C   . THR A 1 126 ? 3.235   0.728   -3.756  1.00 11.10 ? 147 THR A C   1 
ATOM   980  O O   . THR A 1 126 ? 3.210   1.963   -3.636  1.00 12.12 ? 147 THR A O   1 
ATOM   981  C CB  . THR A 1 126 ? 2.231   -0.243  -1.728  1.00 16.19 ? 147 THR A CB  1 
ATOM   982  O OG1 . THR A 1 126 ? 2.566   -1.028  -0.500  1.00 17.54 ? 147 THR A OG1 1 
ATOM   983  C CG2 . THR A 1 126 ? 1.137   -1.003  -2.480  1.00 21.45 ? 147 THR A CG2 1 
ATOM   984  N N   . LEU A 1 127 ? 2.993   0.125   -4.905  1.00 11.45 ? 148 LEU A N   1 
ATOM   985  C CA  . LEU A 1 127 ? 2.546   0.839   -6.113  1.00 10.88 ? 148 LEU A CA  1 
ATOM   986  C C   . LEU A 1 127 ? 1.084   0.560   -6.272  1.00 10.09 ? 148 LEU A C   1 
ATOM   987  O O   . LEU A 1 127 ? 0.651   -0.614  -6.460  1.00 11.55 ? 148 LEU A O   1 
ATOM   988  C CB  . LEU A 1 127 ? 3.303   0.256   -7.313  1.00 11.33 ? 148 LEU A CB  1 
ATOM   989  C CG  . LEU A 1 127 ? 2.794   0.765   -8.620  1.00 11.87 ? 148 LEU A CG  1 
ATOM   990  C CD1 . LEU A 1 127 ? 2.944   2.295   -8.826  1.00 13.44 ? 148 LEU A CD1 1 
ATOM   991  C CD2 . LEU A 1 127 ? 3.549   0.171   -9.844  1.00 13.76 ? 148 LEU A CD2 1 
ATOM   992  N N   . TYR A 1 128 ? 0.324   1.622   -6.331  1.00 9.97  ? 149 TYR A N   1 
ATOM   993  C CA  . TYR A 1 128 ? -1.101  1.620   -6.749  1.00 11.13 ? 149 TYR A CA  1 
ATOM   994  C C   . TYR A 1 128 ? -1.234  2.259   -8.083  1.00 9.42  ? 149 TYR A C   1 
ATOM   995  O O   . TYR A 1 128 ? -0.660  3.319   -8.348  1.00 9.54  ? 149 TYR A O   1 
ATOM   996  C CB  . TYR A 1 128 ? -2.031  2.342   -5.697  1.00 13.48 ? 149 TYR A CB  1 
ATOM   997  C CG  . TYR A 1 128 ? -2.307  1.425   -4.515  1.00 16.13 ? 149 TYR A CG  1 
ATOM   998  C CD1 . TYR A 1 128 ? -3.052  0.220   -4.628  1.00 20.04 ? 149 TYR A CD1 1 
ATOM   999  C CD2 . TYR A 1 128 ? -1.620  1.653   -3.337  1.00 23.85 ? 149 TYR A CD2 1 
ATOM   1000 C CE1 . TYR A 1 128 ? -3.209  -0.611  -3.491  1.00 20.64 ? 149 TYR A CE1 1 
ATOM   1001 C CE2 . TYR A 1 128 ? -1.844  0.837   -2.241  1.00 28.36 ? 149 TYR A CE2 1 
ATOM   1002 C CZ  . TYR A 1 128 ? -2.626  -0.266  -2.361  1.00 25.47 ? 149 TYR A CZ  1 
ATOM   1003 O OH  . TYR A 1 128 ? -2.682  -1.049  -1.176  1.00 33.31 ? 149 TYR A OH  1 
ATOM   1004 N N   . SER A 1 129 ? -1.994  1.631   -8.962  1.00 10.15 ? 150 SER A N   1 
ATOM   1005 C CA  . SER A 1 129 ? -2.310  2.132   -10.293 1.00 10.67 ? 150 SER A CA  1 
ATOM   1006 C C   . SER A 1 129 ? -3.799  2.225   -10.493 1.00 11.03 ? 150 SER A C   1 
ATOM   1007 O O   . SER A 1 129 ? -4.561  1.361   -9.985  1.00 10.15 ? 150 SER A O   1 
ATOM   1008 C CB  . SER A 1 129 ? -1.634  1.308   -11.435 1.00 15.80 ? 150 SER A CB  1 
ATOM   1009 O OG  . SER A 1 129 ? -1.886  -0.030  -11.234 1.00 23.31 ? 150 SER A OG  1 
ATOM   1010 N N   . ARG A 1 130 ? -4.254  3.191   -11.258 1.00 9.86  ? 151 ARG A N   1 
ATOM   1011 C CA  . ARG A 1 130 ? -5.682  3.290   -11.521 1.00 9.56  ? 151 ARG A CA  1 
ATOM   1012 C C   . ARG A 1 130 ? -6.126  2.235   -12.499 1.00 12.57 ? 151 ARG A C   1 
ATOM   1013 O O   . ARG A 1 130 ? -7.335  1.950   -12.599 1.00 14.75 ? 151 ARG A O   1 
ATOM   1014 C CB  . ARG A 1 130 ? -6.080  4.717   -11.998 1.00 10.49 ? 151 ARG A CB  1 
ATOM   1015 C CG  . ARG A 1 130 ? -6.078  5.757   -10.829 1.00 9.49  ? 151 ARG A CG  1 
ATOM   1016 C CD  . ARG A 1 130 ? -7.162  5.463   -9.817  1.00 9.20  ? 151 ARG A CD  1 
ATOM   1017 N NE  . ARG A 1 130 ? -7.275  6.695   -8.977  1.00 9.39  ? 151 ARG A NE  1 
ATOM   1018 C CZ  . ARG A 1 130 ? -8.121  6.850   -7.981  1.00 8.68  ? 151 ARG A CZ  1 
ATOM   1019 N NH1 . ARG A 1 130 ? -9.018  5.894   -7.695  1.00 9.97  ? 151 ARG A NH1 1 
ATOM   1020 N NH2 . ARG A 1 130 ? -8.125  8.017   -7.294  1.00 8.41  ? 151 ARG A NH2 1 
ATOM   1021 N N   . THR A 1 131 ? -5.225  1.714   -13.295 1.00 14.38 ? 152 THR A N   1 
ATOM   1022 C CA  . THR A 1 131 ? -5.592  0.595   -14.157 1.00 16.56 ? 152 THR A CA  1 
ATOM   1023 C C   . THR A 1 131 ? -4.816  -0.621  -13.812 1.00 13.84 ? 152 THR A C   1 
ATOM   1024 O O   . THR A 1 131 ? -3.822  -0.617  -13.109 1.00 14.32 ? 152 THR A O   1 
ATOM   1025 C CB  . THR A 1 131 ? -5.428  0.922   -15.683 1.00 23.20 ? 152 THR A CB  1 
ATOM   1026 O OG1 . THR A 1 131 ? -4.059  0.988   -15.975 1.00 24.52 ? 152 THR A OG1 1 
ATOM   1027 C CG2 . THR A 1 131 ? -6.050  2.241   -16.111 1.00 25.64 ? 152 THR A CG2 1 
ATOM   1028 N N   . GLN A 1 132 ? -5.287  -1.732  -14.364 1.00 16.24 ? 153 GLN A N   1 
ATOM   1029 C CA  . GLN A 1 132 ? -4.688  -3.017  -14.104 1.00 18.34 ? 153 GLN A CA  1 
ATOM   1030 C C   . GLN A 1 132 ? -3.434  -3.232  -14.988 1.00 21.39 ? 153 GLN A C   1 
ATOM   1031 O O   . GLN A 1 132 ? -2.684  -4.241  -14.815 1.00 26.70 ? 153 GLN A O   1 
ATOM   1032 C CB  . GLN A 1 132 ? -5.721  -4.124  -14.493 1.00 24.06 ? 153 GLN A CB  1 
ATOM   1033 C CG  . GLN A 1 132 ? -6.782  -4.350  -13.450 1.00 27.64 ? 153 GLN A CG  1 
ATOM   1034 C CD  . GLN A 1 132 ? -7.529  -5.662  -13.692 1.00 34.10 ? 153 GLN A CD  1 
ATOM   1035 O OE1 . GLN A 1 132 ? -7.172  -6.695  -13.131 1.00 44.38 ? 153 GLN A OE1 1 
ATOM   1036 N NE2 . GLN A 1 132 ? -8.529  -5.617  -14.555 1.00 45.93 ? 153 GLN A NE2 1 
ATOM   1037 N N   . THR A 1 133 ? -3.221  -2.342  -15.909 1.00 20.62 ? 154 THR A N   1 
ATOM   1038 C CA  . THR A 1 133 ? -2.000  -2.443  -16.704 1.00 24.13 ? 154 THR A CA  1 
ATOM   1039 C C   . THR A 1 133 ? -1.153  -1.171  -16.462 1.00 21.29 ? 154 THR A C   1 
ATOM   1040 O O   . THR A 1 133 ? -1.224  -0.273  -17.276 1.00 25.69 ? 154 THR A O   1 
ATOM   1041 C CB  . THR A 1 133 ? -2.378  -2.705  -18.166 1.00 26.10 ? 154 THR A CB  1 
ATOM   1042 O OG1 . THR A 1 133 ? -3.330  -1.740  -18.636 1.00 32.77 ? 154 THR A OG1 1 
ATOM   1043 C CG2 . THR A 1 133 ? -3.055  -4.061  -18.283 1.00 25.67 ? 154 THR A CG2 1 
ATOM   1044 N N   . PRO A 1 134 ? -0.296  -1.188  -15.447 1.00 19.82 ? 155 PRO A N   1 
ATOM   1045 C CA  . PRO A 1 134 ? 0.566   0.016   -15.296 1.00 20.55 ? 155 PRO A CA  1 
ATOM   1046 C C   . PRO A 1 134 ? 1.511   0.201   -16.514 1.00 18.53 ? 155 PRO A C   1 
ATOM   1047 O O   . PRO A 1 134 ? 2.033   -0.751  -17.028 1.00 19.66 ? 155 PRO A O   1 
ATOM   1048 C CB  . PRO A 1 134 ? 1.309   -0.207  -13.975 1.00 20.08 ? 155 PRO A CB  1 
ATOM   1049 C CG  . PRO A 1 134 ? 1.279   -1.677  -13.728 1.00 23.29 ? 155 PRO A CG  1 
ATOM   1050 C CD  . PRO A 1 134 ? -0.023  -2.135  -14.357 1.00 21.19 ? 155 PRO A CD  1 
ATOM   1051 N N   . ARG A 1 135 ? 1.641   1.438   -16.955 1.00 18.12 ? 156 ARG A N   1 
ATOM   1052 C CA  . ARG A 1 135 ? 2.584   1.680   -18.058 1.00 16.49 ? 156 ARG A CA  1 
ATOM   1053 C C   . ARG A 1 135 ? 4.032   1.459   -17.656 1.00 14.26 ? 156 ARG A C   1 
ATOM   1054 O O   . ARG A 1 135 ? 4.417   1.514   -16.445 1.00 13.45 ? 156 ARG A O   1 
ATOM   1055 C CB  . ARG A 1 135 ? 2.383   3.079   -18.659 1.00 19.60 ? 156 ARG A CB  1 
ATOM   1056 C CG  . ARG A 1 135 ? 2.538   4.188   -17.716 1.00 22.00 ? 156 ARG A CG  1 
ATOM   1057 C CD  . ARG A 1 135 ? 1.863   5.446   -18.314 1.00 24.49 ? 156 ARG A CD  1 
ATOM   1058 N NE  . ARG A 1 135 ? 2.634   5.814   -19.499 1.00 24.83 ? 156 ARG A NE  1 
ATOM   1059 C CZ  . ARG A 1 135 ? 2.216   6.684   -20.421 1.00 30.11 ? 156 ARG A CZ  1 
ATOM   1060 N NH1 . ARG A 1 135 ? 1.033   7.330   -20.296 1.00 30.64 ? 156 ARG A NH1 1 
ATOM   1061 N NH2 . ARG A 1 135 ? 3.046   6.959   -21.446 1.00 22.37 ? 156 ARG A NH2 1 
ATOM   1062 N N   . ALA A 1 136 ? 4.919   1.246   -18.598 1.00 13.56 ? 157 ALA A N   1 
ATOM   1063 C CA  . ALA A 1 136 ? 6.296   1.005   -18.342 1.00 14.02 ? 157 ALA A CA  1 
ATOM   1064 C C   . ALA A 1 136 ? 6.915   2.128   -17.490 1.00 12.87 ? 157 ALA A C   1 
ATOM   1065 O O   . ALA A 1 136 ? 7.721   1.851   -16.623 1.00 13.49 ? 157 ALA A O   1 
ATOM   1066 C CB  . ALA A 1 136 ? 7.047   0.937   -19.733 1.00 16.04 ? 157 ALA A CB  1 
ATOM   1067 N N   . GLU A 1 137 ? 6.592   3.378   -17.838 1.00 12.01 ? 158 GLU A N   1 
ATOM   1068 C CA  . GLU A 1 137 ? 7.183   4.504   -17.093 1.00 11.60 ? 158 GLU A CA  1 
ATOM   1069 C C   . GLU A 1 137 ? 6.788   4.463   -15.636 1.00 10.36 ? 158 GLU A C   1 
ATOM   1070 O O   . GLU A 1 137 ? 7.666   4.906   -14.806 1.00 11.22 ? 158 GLU A O   1 
ATOM   1071 C CB  . GLU A 1 137 ? 6.669   5.793   -17.707 1.00 13.63 ? 158 GLU A CB  1 
ATOM   1072 C CG  . GLU A 1 137 ? 7.134   5.994   -19.166 1.00 16.01 ? 158 GLU A CG  1 
ATOM   1073 C CD  . GLU A 1 137 ? 6.099   5.566   -20.162 1.00 19.44 ? 158 GLU A CD  1 
ATOM   1074 O OE1 . GLU A 1 137 ? 5.324   4.602   -19.959 1.00 16.36 ? 158 GLU A OE1 1 
ATOM   1075 O OE2 . GLU A 1 137 ? 6.154   6.257   -21.260 1.00 20.54 ? 158 GLU A OE2 1 
ATOM   1076 N N   . LEU A 1 138 ? 5.580   3.976   -15.341 1.00 11.58 ? 159 LEU A N   1 
ATOM   1077 C CA  . LEU A 1 138 ? 5.200   3.908   -13.898 1.00 10.93 ? 159 LEU A CA  1 
ATOM   1078 C C   . LEU A 1 138 ? 5.897   2.767   -13.244 1.00 10.50 ? 159 LEU A C   1 
ATOM   1079 O O   . LEU A 1 138 ? 6.326   2.867   -12.046 1.00 11.72 ? 159 LEU A O   1 
ATOM   1080 C CB  . LEU A 1 138 ? 3.652   3.747   -13.781 1.00 13.16 ? 159 LEU A CB  1 
ATOM   1081 C CG  . LEU A 1 138 ? 3.168   3.479   -12.328 1.00 13.07 ? 159 LEU A CG  1 
ATOM   1082 C CD1 . LEU A 1 138 ? 3.580   4.724   -11.454 1.00 13.57 ? 159 LEU A CD1 1 
ATOM   1083 C CD2 . LEU A 1 138 ? 1.637   3.256   -12.311 1.00 15.07 ? 159 LEU A CD2 1 
ATOM   1084 N N   . LYS A 1 139 ? 6.140   1.622   -13.909 1.00 10.63 ? 160 LYS A N   1 
ATOM   1085 C CA  . LYS A 1 139 ? 6.917   0.550   -13.312 1.00 11.38 ? 160 LYS A CA  1 
ATOM   1086 C C   . LYS A 1 139 ? 8.329   1.036   -13.082 1.00 12.10 ? 160 LYS A C   1 
ATOM   1087 O O   . LYS A 1 139 ? 8.950   0.711   -12.030 1.00 12.49 ? 160 LYS A O   1 
ATOM   1088 C CB  . LYS A 1 139 ? 6.944   -0.695  -14.193 1.00 14.39 ? 160 LYS A CB  1 
ATOM   1089 C CG  . LYS A 1 139 ? 5.550   -1.371  -14.236 1.00 17.41 ? 160 LYS A CG  1 
ATOM   1090 C CD  . LYS A 1 139 ? 5.335   -2.263  -15.503 1.00 24.33 ? 160 LYS A CD  1 
ATOM   1091 C CE  . LYS A 1 139 ? 5.862   -3.661  -15.531 1.00 37.51 ? 160 LYS A CE  1 
ATOM   1092 N NZ  . LYS A 1 139 ? 5.320   -4.105  -16.860 1.00 37.75 ? 160 LYS A NZ  1 
ATOM   1093 N N   . GLU A 1 140 ? 8.955   1.804   -14.048 1.00 10.88 ? 161 GLU A N   1 
ATOM   1094 C CA  . GLU A 1 140 ? 10.264  2.310   -13.813 1.00 12.45 ? 161 GLU A CA  1 
ATOM   1095 C C   . GLU A 1 140 ? 10.291  3.351   -12.650 1.00 11.03 ? 161 GLU A C   1 
ATOM   1096 O O   . GLU A 1 140 ? 11.243  3.352   -11.811 1.00 11.77 ? 161 GLU A O   1 
ATOM   1097 C CB  . GLU A 1 140 ? 10.800  3.044   -15.085 1.00 15.18 ? 161 GLU A CB  1 
ATOM   1098 C CG  . GLU A 1 140 ? 10.987  1.963   -16.204 1.00 22.39 ? 161 GLU A CG  1 
ATOM   1099 C CD  . GLU A 1 140 ? 11.554  2.563   -17.490 1.00 34.80 ? 161 GLU A CD  1 
ATOM   1100 O OE1 . GLU A 1 140 ? 12.484  3.416   -17.403 1.00 38.82 ? 161 GLU A OE1 1 
ATOM   1101 O OE2 . GLU A 1 140 ? 11.079  2.145   -18.561 1.00 36.08 ? 161 GLU A OE2 1 
ATOM   1102 N N   . LYS A 1 141 ? 9.250   4.208   -12.528 1.00 9.98  ? 162 LYS A N   1 
ATOM   1103 C CA  . LYS A 1 141 ? 9.170   5.138   -11.387 1.00 9.30  ? 162 LYS A CA  1 
ATOM   1104 C C   . LYS A 1 141 ? 9.131   4.294   -10.093 1.00 9.44  ? 162 LYS A C   1 
ATOM   1105 O O   . LYS A 1 141 ? 9.824   4.650   -9.135  1.00 10.01 ? 162 LYS A O   1 
ATOM   1106 C CB  . LYS A 1 141 ? 7.903   5.965   -11.499 1.00 9.41  ? 162 LYS A CB  1 
ATOM   1107 C CG  . LYS A 1 141 ? 7.588   6.727   -10.163 1.00 10.29 ? 162 LYS A CG  1 
ATOM   1108 C CD  . LYS A 1 141 ? 6.368   7.615   -10.383 1.00 9.70  ? 162 LYS A CD  1 
ATOM   1109 C CE  . LYS A 1 141 ? 6.647   8.936   -11.168 1.00 12.10 ? 162 LYS A CE  1 
ATOM   1110 N NZ  . LYS A 1 141 ? 7.537   9.894   -10.446 1.00 12.42 ? 162 LYS A NZ  1 
ATOM   1111 N N   . PHE A 1 142 ? 8.353   3.184   -10.086 1.00 10.56 ? 163 PHE A N   1 
ATOM   1112 C CA  . PHE A 1 142 ? 8.289   2.405   -8.823  1.00 11.47 ? 163 PHE A CA  1 
ATOM   1113 C C   . PHE A 1 142 ? 9.590   1.803   -8.478  1.00 11.72 ? 163 PHE A C   1 
ATOM   1114 O O   . PHE A 1 142 ? 10.010  1.859   -7.286  1.00 11.54 ? 163 PHE A O   1 
ATOM   1115 C CB  . PHE A 1 142 ? 7.166   1.348   -8.939  1.00 12.26 ? 163 PHE A CB  1 
ATOM   1116 C CG  . PHE A 1 142 ? 7.022   0.594   -7.634  1.00 11.39 ? 163 PHE A CG  1 
ATOM   1117 C CD1 . PHE A 1 142 ? 6.627   1.314   -6.474  1.00 10.50 ? 163 PHE A CD1 1 
ATOM   1118 C CD2 . PHE A 1 142 ? 7.246   -0.758  -7.616  1.00 12.14 ? 163 PHE A CD2 1 
ATOM   1119 C CE1 . PHE A 1 142 ? 6.462   0.597   -5.260  1.00 13.38 ? 163 PHE A CE1 1 
ATOM   1120 C CE2 . PHE A 1 142 ? 7.076   -1.458  -6.375  1.00 11.30 ? 163 PHE A CE2 1 
ATOM   1121 C CZ  . PHE A 1 142 ? 6.668   -0.753  -5.288  1.00 11.06 ? 163 PHE A CZ  1 
ATOM   1122 N N   . THR A 1 143 ? 10.302  1.241   -9.444  1.00 10.67 ? 164 THR A N   1 
ATOM   1123 C CA  A THR A 1 143 ? 11.605  0.648   -9.131  0.70 12.32 ? 164 THR A CA  1 
ATOM   1124 C CA  B THR A 1 143 ? 11.544  0.605   -9.072  0.30 11.41 ? 164 THR A CA  1 
ATOM   1125 C C   . THR A 1 143 ? 12.545  1.664   -8.590  1.00 11.22 ? 164 THR A C   1 
ATOM   1126 O O   . THR A 1 143 ? 13.312  1.414   -7.628  1.00 12.85 ? 164 THR A O   1 
ATOM   1127 C CB  A THR A 1 143 ? 12.241  0.028   -10.397 0.70 13.98 ? 164 THR A CB  1 
ATOM   1128 C CB  B THR A 1 143 ? 12.074  -0.321  -10.194 0.30 11.61 ? 164 THR A CB  1 
ATOM   1129 O OG1 A THR A 1 143 ? 11.473  -1.129  -10.810 0.70 16.68 ? 164 THR A OG1 1 
ATOM   1130 O OG1 B THR A 1 143 ? 12.402  0.462   -11.337 0.30 11.84 ? 164 THR A OG1 1 
ATOM   1131 C CG2 A THR A 1 143 ? 13.732  -0.418  -10.083 0.70 16.58 ? 164 THR A CG2 1 
ATOM   1132 C CG2 B THR A 1 143 ? 11.064  -1.384  -10.590 0.30 12.67 ? 164 THR A CG2 1 
ATOM   1133 N N   . ALA A 1 144 ? 12.533  2.887   -9.174  1.00 10.59 ? 165 ALA A N   1 
ATOM   1134 C CA  . ALA A 1 144 ? 13.434  3.900   -8.694  1.00 10.75 ? 165 ALA A CA  1 
ATOM   1135 C C   . ALA A 1 144 ? 13.079  4.416   -7.314  1.00 11.28 ? 165 ALA A C   1 
ATOM   1136 O O   . ALA A 1 144 ? 13.948  4.728   -6.489  1.00 11.19 ? 165 ALA A O   1 
ATOM   1137 C CB  . ALA A 1 144 ? 13.430  5.015   -9.701  1.00 11.00 ? 165 ALA A CB  1 
ATOM   1138 N N   . PHE A 1 145 ? 11.765  4.463   -7.017  1.00 11.35 ? 166 PHE A N   1 
ATOM   1139 C CA  . PHE A 1 145 ? 11.263  4.829   -5.651  1.00 12.30 ? 166 PHE A CA  1 
ATOM   1140 C C   . PHE A 1 145 ? 11.669  3.754   -4.670  1.00 12.30 ? 166 PHE A C   1 
ATOM   1141 O O   . PHE A 1 145 ? 12.165  4.165   -3.612  1.00 13.24 ? 166 PHE A O   1 
ATOM   1142 C CB  . PHE A 1 145 ? 9.734   4.898   -5.764  1.00 12.17 ? 166 PHE A CB  1 
ATOM   1143 C CG  . PHE A 1 145 ? 9.056   5.027   -4.360  1.00 13.47 ? 166 PHE A CG  1 
ATOM   1144 C CD1 . PHE A 1 145 ? 9.168   6.182   -3.635  1.00 18.07 ? 166 PHE A CD1 1 
ATOM   1145 C CD2 . PHE A 1 145 ? 8.300   4.001   -3.935  1.00 13.53 ? 166 PHE A CD2 1 
ATOM   1146 C CE1 . PHE A 1 145 ? 8.450   6.319   -2.383  1.00 21.41 ? 166 PHE A CE1 1 
ATOM   1147 C CE2 . PHE A 1 145 ? 7.538   4.125   -2.746  1.00 17.10 ? 166 PHE A CE2 1 
ATOM   1148 C CZ  . PHE A 1 145 ? 7.681   5.229   -1.966  1.00 18.68 ? 166 PHE A CZ  1 
ATOM   1149 N N   . CYS A 1 146 ? 11.557  2.480   -5.030  1.00 12.65 ? 167 CYS A N   1 
ATOM   1150 C CA  . CYS A 1 146 ? 11.973  1.413   -4.123  1.00 13.74 ? 167 CYS A CA  1 
ATOM   1151 C C   . CYS A 1 146 ? 13.465  1.568   -3.855  1.00 16.18 ? 167 CYS A C   1 
ATOM   1152 O O   . CYS A 1 146 ? 13.887  1.447   -2.688  1.00 16.72 ? 167 CYS A O   1 
ATOM   1153 C CB  . CYS A 1 146 ? 11.675  0.046   -4.733  1.00 13.47 ? 167 CYS A CB  1 
ATOM   1154 S SG  . CYS A 1 146 ? 9.896   -0.296  -4.671  1.00 13.86 ? 167 CYS A SG  1 
ATOM   1155 N N   . LYS A 1 147 ? 14.294  1.793   -4.860  1.00 15.31 ? 168 LYS A N   1 
ATOM   1156 C CA  . LYS A 1 147 ? 15.757  1.919   -4.639  1.00 14.97 ? 168 LYS A CA  1 
ATOM   1157 C C   . LYS A 1 147 ? 16.035  3.132   -3.773  1.00 17.68 ? 168 LYS A C   1 
ATOM   1158 O O   . LYS A 1 147 ? 16.931  3.014   -2.890  1.00 20.73 ? 168 LYS A O   1 
ATOM   1159 C CB  . LYS A 1 147 ? 16.413  2.068   -6.014  1.00 16.45 ? 168 LYS A CB  1 
ATOM   1160 C CG  . LYS A 1 147 ? 16.442  0.789   -6.774  1.00 22.99 ? 168 LYS A CG  1 
ATOM   1161 C CD  . LYS A 1 147 ? 17.159  0.903   -8.134  1.00 31.50 ? 168 LYS A CD  1 
ATOM   1162 C CE  . LYS A 1 147 ? 18.516  1.497   -7.824  1.00 27.53 ? 168 LYS A CE  1 
ATOM   1163 N NZ  . LYS A 1 147 ? 19.404  0.868   -8.857  1.00 42.48 ? 168 LYS A NZ  1 
ATOM   1164 N N   . ALA A 1 148 ? 15.354  4.265   -3.902  1.00 17.25 ? 169 ALA A N   1 
ATOM   1165 C CA  . ALA A 1 148 ? 15.536  5.410   -3.029  1.00 17.05 ? 169 ALA A CA  1 
ATOM   1166 C C   . ALA A 1 148 ? 15.228  5.044   -1.560  1.00 20.87 ? 169 ALA A C   1 
ATOM   1167 O O   . ALA A 1 148 ? 15.804  5.651   -0.660  1.00 24.20 ? 169 ALA A O   1 
ATOM   1168 C CB  . ALA A 1 148 ? 14.716  6.599   -3.483  1.00 17.39 ? 169 ALA A CB  1 
ATOM   1169 N N   . GLN A 1 149 ? 14.423  4.003   -1.360  1.00 18.94 ? 170 GLN A N   1 
ATOM   1170 C CA  . GLN A 1 149 ? 14.085  3.516   0.034   1.00 22.14 ? 170 GLN A CA  1 
ATOM   1171 C C   . GLN A 1 149 ? 14.961  2.411   0.494   1.00 24.43 ? 170 GLN A C   1 
ATOM   1172 O O   . GLN A 1 149 ? 14.651  1.814   1.552   1.00 30.25 ? 170 GLN A O   1 
ATOM   1173 C CB  . GLN A 1 149 ? 12.589  3.181   0.104   1.00 21.42 ? 170 GLN A CB  1 
ATOM   1174 C CG  . GLN A 1 149 ? 11.680  4.351   -0.226  1.00 23.45 ? 170 GLN A CG  1 
ATOM   1175 C CD  . GLN A 1 149 ? 11.658  5.437   0.839   1.00 36.77 ? 170 GLN A CD  1 
ATOM   1176 O OE1 . GLN A 1 149 ? 10.969  5.328   1.858   1.00 45.32 ? 170 GLN A OE1 1 
ATOM   1177 N NE2 . GLN A 1 149 ? 12.399  6.481   0.616   1.00 32.24 ? 170 GLN A NE2 1 
ATOM   1178 N N   . GLY A 1 150 ? 16.017  2.036   -0.200  1.00 22.61 ? 171 GLY A N   1 
ATOM   1179 C CA  . GLY A 1 150 ? 16.942  0.983   0.248   1.00 24.83 ? 171 GLY A CA  1 
ATOM   1180 C C   . GLY A 1 150 ? 16.561  -0.424  -0.153  1.00 27.83 ? 171 GLY A C   1 
ATOM   1181 O O   . GLY A 1 150 ? 17.188  -1.394  0.268   1.00 32.50 ? 171 GLY A O   1 
ATOM   1182 N N   . PHE A 1 151 ? 15.556  -0.582  -1.021  1.00 22.94 ? 172 PHE A N   1 
ATOM   1183 C CA  . PHE A 1 151 ? 15.205  -1.892  -1.401  1.00 22.52 ? 172 PHE A CA  1 
ATOM   1184 C C   . PHE A 1 151 ? 16.086  -2.320  -2.534  1.00 28.58 ? 172 PHE A C   1 
ATOM   1185 O O   . PHE A 1 151 ? 16.279  -1.578  -3.499  1.00 31.15 ? 172 PHE A O   1 
ATOM   1186 C CB  . PHE A 1 151 ? 13.688  -1.994  -1.791  1.00 16.94 ? 172 PHE A CB  1 
ATOM   1187 C CG  . PHE A 1 151 ? 12.786  -1.798  -0.651  1.00 17.80 ? 172 PHE A CG  1 
ATOM   1188 C CD1 . PHE A 1 151 ? 12.607  -2.819  0.313   1.00 18.59 ? 172 PHE A CD1 1 
ATOM   1189 C CD2 . PHE A 1 151 ? 12.064  -0.644  -0.513  1.00 16.64 ? 172 PHE A CD2 1 
ATOM   1190 C CE1 . PHE A 1 151 ? 11.755  -2.555  1.341   1.00 17.28 ? 172 PHE A CE1 1 
ATOM   1191 C CE2 . PHE A 1 151 ? 11.180  -0.384  0.508   1.00 17.68 ? 172 PHE A CE2 1 
ATOM   1192 C CZ  . PHE A 1 151 ? 10.991  -1.424  1.490   1.00 16.36 ? 172 PHE A CZ  1 
ATOM   1193 N N   . THR A 1 152 ? 16.610  -3.511  -2.429  1.00 29.72 ? 173 THR A N   1 
ATOM   1194 C CA  . THR A 1 152 ? 17.362  -4.086  -3.529  1.00 31.21 ? 173 THR A CA  1 
ATOM   1195 C C   . THR A 1 152 ? 16.407  -4.628  -4.562  1.00 30.80 ? 173 THR A C   1 
ATOM   1196 O O   . THR A 1 152 ? 15.272  -4.985  -4.259  1.00 30.23 ? 173 THR A O   1 
ATOM   1197 C CB  . THR A 1 152 ? 18.376  -5.175  -3.063  1.00 31.53 ? 173 THR A CB  1 
ATOM   1198 O OG1 . THR A 1 152 ? 17.696  -6.274  -2.392  1.00 36.04 ? 173 THR A OG1 1 
ATOM   1199 C CG2 . THR A 1 152 ? 19.425  -4.566  -2.119  1.00 37.74 ? 173 THR A CG2 1 
ATOM   1200 N N   . GLU A 1 153 ? 16.871  -4.736  -5.788  1.00 32.46 ? 174 GLU A N   1 
ATOM   1201 C CA  . GLU A 1 153 ? 16.072  -5.282  -6.866  1.00 29.78 ? 174 GLU A CA  1 
ATOM   1202 C C   . GLU A 1 153 ? 15.375  -6.601  -6.562  1.00 28.51 ? 174 GLU A C   1 
ATOM   1203 O O   . GLU A 1 153 ? 14.247  -6.806  -7.008  1.00 26.44 ? 174 GLU A O   1 
ATOM   1204 C CB  . GLU A 1 153 ? 16.955  -5.503  -8.090  1.00 38.99 ? 174 GLU A CB  1 
ATOM   1205 C CG  . GLU A 1 153 ? 16.192  -5.482  -9.404  1.00 50.47 ? 174 GLU A CG  1 
ATOM   1206 C CD  . GLU A 1 153 ? 16.225  -4.108  -10.093 1.00 58.37 ? 174 GLU A CD  1 
ATOM   1207 O OE1 . GLU A 1 153 ? 17.334  -3.687  -10.542 1.00 56.85 ? 174 GLU A OE1 1 
ATOM   1208 O OE2 . GLU A 1 153 ? 15.133  -3.467  -10.200 1.00 54.84 ? 174 GLU A OE2 1 
ATOM   1209 N N   . ASP A 1 154 ? 16.023  -7.495  -5.817  1.00 27.15 ? 175 ASP A N   1 
ATOM   1210 C CA  . ASP A 1 154 ? 15.443  -8.815  -5.560  1.00 30.08 ? 175 ASP A CA  1 
ATOM   1211 C C   . ASP A 1 154 ? 14.237  -8.724  -4.605  1.00 26.33 ? 175 ASP A C   1 
ATOM   1212 O O   . ASP A 1 154 ? 13.528  -9.699  -4.374  1.00 27.56 ? 175 ASP A O   1 
ATOM   1213 C CB  . ASP A 1 154 ? 16.523  -9.773  -4.977  1.00 41.43 ? 175 ASP A CB  1 
ATOM   1214 C CG  . ASP A 1 154 ? 17.566  -9.041  -4.099  1.00 56.21 ? 175 ASP A CG  1 
ATOM   1215 O OD1 . ASP A 1 154 ? 17.242  -8.687  -2.944  1.00 62.75 ? 175 ASP A OD1 1 
ATOM   1216 O OD2 . ASP A 1 154 ? 18.723  -8.827  -4.562  1.00 58.41 ? 175 ASP A OD2 1 
ATOM   1217 N N   . THR A 1 155 ? 14.053  -7.547  -4.004  1.00 22.48 ? 176 THR A N   1 
ATOM   1218 C CA  . THR A 1 155 ? 12.952  -7.371  -3.048  1.00 19.67 ? 176 THR A CA  1 
ATOM   1219 C C   . THR A 1 155 ? 11.741  -6.686  -3.660  1.00 18.25 ? 176 THR A C   1 
ATOM   1220 O O   . THR A 1 155 ? 10.731  -6.465  -2.929  1.00 18.16 ? 176 THR A O   1 
ATOM   1221 C CB  . THR A 1 155 ? 13.354  -6.673  -1.739  1.00 21.55 ? 176 THR A CB  1 
ATOM   1222 O OG1 . THR A 1 155 ? 13.673  -5.268  -1.897  1.00 25.04 ? 176 THR A OG1 1 
ATOM   1223 C CG2 . THR A 1 155 ? 14.504  -7.401  -1.081  1.00 24.90 ? 176 THR A CG2 1 
ATOM   1224 N N   . ILE A 1 156 ? 11.837  -6.398  -4.956  1.00 18.90 ? 177 ILE A N   1 
ATOM   1225 C CA  . ILE A 1 156 ? 10.818  -5.595  -5.689  1.00 18.38 ? 177 ILE A CA  1 
ATOM   1226 C C   . ILE A 1 156 ? 10.003  -6.596  -6.499  1.00 20.41 ? 177 ILE A C   1 
ATOM   1227 O O   . ILE A 1 156 ? 10.604  -7.376  -7.234  1.00 22.55 ? 177 ILE A O   1 
ATOM   1228 C CB  . ILE A 1 156 ? 11.445  -4.489  -6.563  1.00 17.60 ? 177 ILE A CB  1 
ATOM   1229 C CG1 . ILE A 1 156 ? 12.224  -3.524  -5.713  1.00 20.56 ? 177 ILE A CG1 1 
ATOM   1230 C CG2 . ILE A 1 156 ? 10.304  -3.746  -7.329  1.00 19.77 ? 177 ILE A CG2 1 
ATOM   1231 C CD1 . ILE A 1 156 ? 13.124  -2.545  -6.506  1.00 22.22 ? 177 ILE A CD1 1 
ATOM   1232 N N   . VAL A 1 157 ? 8.693   -6.666  -6.318  1.00 15.84 ? 178 VAL A N   1 
ATOM   1233 C CA  A VAL A 1 157 ? 7.820   -7.610  -7.026  0.70 18.92 ? 178 VAL A CA  1 
ATOM   1234 C CA  B VAL A 1 157 ? 7.871   -7.564  -7.132  0.30 16.27 ? 178 VAL A CA  1 
ATOM   1235 C C   . VAL A 1 157 ? 6.752   -6.823  -7.764  1.00 17.09 ? 178 VAL A C   1 
ATOM   1236 O O   . VAL A 1 157 ? 6.111   -5.967  -7.146  1.00 17.10 ? 178 VAL A O   1 
ATOM   1237 C CB  A VAL A 1 157 ? 7.204   -8.566  -5.944  0.70 23.49 ? 178 VAL A CB  1 
ATOM   1238 C CB  B VAL A 1 157 ? 7.309   -8.779  -6.349  0.30 15.83 ? 178 VAL A CB  1 
ATOM   1239 C CG1 A VAL A 1 157 ? 6.053   -9.415  -6.464  0.70 26.56 ? 178 VAL A CG1 1 
ATOM   1240 C CG1 B VAL A 1 157 ? 8.437   -9.725  -5.997  0.30 16.94 ? 178 VAL A CG1 1 
ATOM   1241 C CG2 A VAL A 1 157 ? 8.274   -9.443  -5.276  0.70 28.68 ? 178 VAL A CG2 1 
ATOM   1242 C CG2 B VAL A 1 157 ? 6.477   -8.357  -5.116  0.30 13.82 ? 178 VAL A CG2 1 
ATOM   1243 N N   . PHE A 1 158 ? 6.528   -7.114  -9.027  1.00 18.34 ? 179 PHE A N   1 
ATOM   1244 C CA  . PHE A 1 158 ? 5.336   -6.622  -9.711  1.00 19.38 ? 179 PHE A CA  1 
ATOM   1245 C C   . PHE A 1 158 ? 4.296   -7.677  -9.635  1.00 25.90 ? 179 PHE A C   1 
ATOM   1246 O O   . PHE A 1 158 ? 4.586   -8.862  -9.891  1.00 28.23 ? 179 PHE A O   1 
ATOM   1247 C CB  . PHE A 1 158 ? 5.701   -6.184  -11.140 1.00 19.48 ? 179 PHE A CB  1 
ATOM   1248 C CG  . PHE A 1 158 ? 6.502   -4.954  -11.139 1.00 18.67 ? 179 PHE A CG  1 
ATOM   1249 C CD1 . PHE A 1 158 ? 5.893   -3.686  -11.039 1.00 18.09 ? 179 PHE A CD1 1 
ATOM   1250 C CD2 . PHE A 1 158 ? 7.874   -4.988  -11.173 1.00 21.38 ? 179 PHE A CD2 1 
ATOM   1251 C CE1 . PHE A 1 158 ? 6.706   -2.568  -10.970 1.00 16.89 ? 179 PHE A CE1 1 
ATOM   1252 C CE2 . PHE A 1 158 ? 8.665   -3.867  -11.145 1.00 21.24 ? 179 PHE A CE2 1 
ATOM   1253 C CZ  . PHE A 1 158 ? 8.055   -2.615  -11.037 1.00 20.13 ? 179 PHE A CZ  1 
ATOM   1254 N N   . LEU A 1 159 ? 3.077   -7.293  -9.258  1.00 25.06 ? 180 LEU A N   1 
ATOM   1255 C CA  . LEU A 1 159 ? 2.038   -8.223  -9.073  1.00 28.91 ? 180 LEU A CA  1 
ATOM   1256 C C   . LEU A 1 159 ? 1.335   -8.426  -10.444 1.00 38.66 ? 180 LEU A C   1 
ATOM   1257 O O   . LEU A 1 159 ? 0.707   -7.518  -10.929 1.00 40.50 ? 180 LEU A O   1 
ATOM   1258 C CB  . LEU A 1 159 ? 1.156   -7.762  -7.921  1.00 26.46 ? 180 LEU A CB  1 
ATOM   1259 C CG  . LEU A 1 159 ? 1.958   -7.456  -6.640  1.00 30.19 ? 180 LEU A CG  1 
ATOM   1260 C CD1 . LEU A 1 159 ? 1.122   -6.775  -5.601  1.00 23.28 ? 180 LEU A CD1 1 
ATOM   1261 C CD2 . LEU A 1 159 ? 2.605   -8.698  -6.037  1.00 28.81 ? 180 LEU A CD2 1 
ATOM   1262 N N   . PRO A 1 160 ? 1.528   -9.605  -11.096 1.00 48.22 ? 181 PRO A N   1 
ATOM   1263 C CA  . PRO A 1 160 ? 1.018   -9.746  -12.485 1.00 54.21 ? 181 PRO A CA  1 
ATOM   1264 C C   . PRO A 1 160 ? -0.500  -9.568  -12.577 1.00 53.90 ? 181 PRO A C   1 
ATOM   1265 O O   . PRO A 1 160 ? -1.030  -9.001  -13.563 1.00 55.46 ? 181 PRO A O   1 
ATOM   1266 C CB  . PRO A 1 160 ? 1.429   -11.179 -12.878 1.00 51.35 ? 181 PRO A CB  1 
ATOM   1267 C CG  . PRO A 1 160 ? 1.601   -11.905 -11.574 1.00 49.93 ? 181 PRO A CG  1 
ATOM   1268 C CD  . PRO A 1 160 ? 2.078   -10.877 -10.579 1.00 51.00 ? 181 PRO A CD  1 
ATOM   1269 N N   . GLN A 1 161 ? -1.190  -10.032 -11.540 1.00 43.95 ? 182 GLN A N   1 
ATOM   1270 C CA  . GLN A 1 161 ? -2.616  -9.995  -11.536 1.00 51.25 ? 182 GLN A CA  1 
ATOM   1271 C C   . GLN A 1 161 ? -3.072  -10.176 -10.146 1.00 61.83 ? 182 GLN A C   1 
ATOM   1272 O O   . GLN A 1 161 ? -4.222  -10.628 -9.926  1.00 76.76 ? 182 GLN A O   1 
ATOM   1273 C CB  . GLN A 1 161 ? -3.244  -11.100 -12.430 1.00 66.69 ? 182 GLN A CB  1 
ATOM   1274 C CG  . GLN A 1 161 ? -4.431  -10.598 -13.222 1.00 48.68 ? 182 GLN A CG  1 
ATOM   1275 C CD  . GLN A 1 161 ? -3.999  -9.432  -14.074 1.00 60.32 ? 182 GLN A CD  1 
ATOM   1276 O OE1 . GLN A 1 161 ? -4.247  -8.273  -13.753 1.00 58.64 ? 182 GLN A OE1 1 
ATOM   1277 N NE2 . GLN A 1 161 ? -3.280  -9.738  -15.131 1.00 65.72 ? 182 GLN A NE2 1 
ATOM   1278 N N   . THR A 1 162 ? -2.206  -9.823  -9.191  1.00 36.36 ? 183 THR A N   1 
ATOM   1279 C CA  . THR A 1 162 ? -2.784  -9.472  -7.939  1.00 47.54 ? 183 THR A CA  1 
ATOM   1280 C C   . THR A 1 162 ? -3.169  -8.011  -8.051  1.00 43.64 ? 183 THR A C   1 
ATOM   1281 O O   . THR A 1 162 ? -4.097  -7.459  -7.358  1.00 41.14 ? 183 THR A O   1 
ATOM   1282 C CB  . THR A 1 162 ? -1.956  -9.839  -6.730  1.00 36.44 ? 183 THR A CB  1 
ATOM   1283 O OG1 . THR A 1 162 ? -2.110  -8.840  -5.712  1.00 53.31 ? 183 THR A OG1 1 
ATOM   1284 C CG2 . THR A 1 162 ? -0.487  -10.169 -7.114  1.00 59.15 ? 183 THR A CG2 1 
ATOM   1285 N N   . ASP A 1 163 ? -2.378  -7.432  -8.940  1.00 36.60 ? 184 ASP A N   1 
ATOM   1286 C CA  . ASP A 1 163 ? -2.603  -6.232  -9.652  1.00 32.24 ? 184 ASP A CA  1 
ATOM   1287 C C   . ASP A 1 163 ? -4.004  -6.036  -10.163 1.00 23.45 ? 184 ASP A C   1 
ATOM   1288 O O   . ASP A 1 163 ? -4.899  -5.660  -9.393  1.00 56.07 ? 184 ASP A O   1 
ATOM   1289 C CB  . ASP A 1 163 ? -1.738  -6.191  -10.854 1.00 41.13 ? 184 ASP A CB  1 
ATOM   1290 C CG  . ASP A 1 163 ? -2.303  -5.261  -11.857 1.00 36.36 ? 184 ASP A CG  1 
ATOM   1291 O OD1 . ASP A 1 163 ? -3.556  -5.272  -11.871 1.00 18.40 ? 184 ASP A OD1 1 
ATOM   1292 O OD2 . ASP A 1 163 ? -1.561  -4.520  -12.526 1.00 47.76 ? 184 ASP A OD2 1 
HETATM 1293 C C5  . PG0 B 2 .   ? -2.244  -13.251 2.204   1.00 49.40 ? 201 PG0 A C5  1 
HETATM 1294 O O2  . PG0 B 2 .   ? -1.872  -11.903 2.428   1.00 41.76 ? 201 PG0 A O2  1 
HETATM 1295 C C4  . PG0 B 2 .   ? -0.532  -11.901 2.969   1.00 42.54 ? 201 PG0 A C4  1 
HETATM 1296 C C3  . PG0 B 2 .   ? -0.405  -11.083 4.248   1.00 37.62 ? 201 PG0 A C3  1 
HETATM 1297 O O1  . PG0 B 2 .   ? -0.818  -9.732  4.065   1.00 41.30 ? 201 PG0 A O1  1 
HETATM 1298 C C2  . PG0 B 2 .   ? -0.401  -8.760  5.038   1.00 36.68 ? 201 PG0 A C2  1 
HETATM 1299 C C1  . PG0 B 2 .   ? 0.002   -7.413  4.397   1.00 45.34 ? 201 PG0 A C1  1 
HETATM 1300 O OTT . PG0 B 2 .   ? -0.992  -6.456  3.991   1.00 47.20 ? 201 PG0 A OTT 1 
HETATM 1301 C C5  . PG0 C 2 .   ? -13.102 -8.489  6.667   1.00 50.35 ? 202 PG0 A C5  1 
HETATM 1302 O O2  . PG0 C 2 .   ? -12.501 -7.183  6.491   1.00 43.83 ? 202 PG0 A O2  1 
HETATM 1303 C C4  . PG0 C 2 .   ? -11.460 -6.926  7.428   1.00 38.17 ? 202 PG0 A C4  1 
HETATM 1304 C C3  . PG0 C 2 .   ? -10.166 -7.732  7.280   1.00 35.41 ? 202 PG0 A C3  1 
HETATM 1305 O O1  . PG0 C 2 .   ? -9.048  -7.002  7.846   1.00 42.06 ? 202 PG0 A O1  1 
HETATM 1306 C C2  . PG0 C 2 .   ? -7.767  -7.615  7.824   1.00 42.58 ? 202 PG0 A C2  1 
HETATM 1307 C C1  . PG0 C 2 .   ? -6.906  -6.856  6.821   1.00 38.94 ? 202 PG0 A C1  1 
HETATM 1308 O OTT . PG0 C 2 .   ? -5.768  -7.645  6.393   1.00 43.96 ? 202 PG0 A OTT 1 
HETATM 1309 C C2  . 1PG D 3 .   ? 4.484   -8.006  8.902   1.00 36.22 ? 203 1PG A C2  1 
HETATM 1310 C C1  . 1PG D 3 .   ? 5.336   -6.891  10.974  1.00 29.74 ? 203 1PG A C1  1 
HETATM 1311 O O1  . 1PG D 3 .   ? 5.125   -8.113  10.209  1.00 49.43 ? 203 1PG A O1  1 
HETATM 1312 O O2  . 1PG D 3 .   ? 2.386   -6.753  8.540   1.00 43.58 ? 203 1PG A O2  1 
HETATM 1313 C C3  . 1PG D 3 .   ? 2.959   -8.019  8.907   1.00 39.03 ? 203 1PG A C3  1 
HETATM 1314 C C4  . 1PG D 3 .   ? 0.974   -6.761  8.613   1.00 44.28 ? 203 1PG A C4  1 
HETATM 1315 C C5  . 1PG D 3 .   ? 0.351   -5.387  8.353   1.00 47.68 ? 203 1PG A C5  1 
HETATM 1316 O O3  . 1PG D 3 .   ? 0.899   -4.813  7.165   1.00 46.58 ? 203 1PG A O3  1 
HETATM 1317 C C6  . 1PG D 3 .   ? 1.382   -3.521  7.428   1.00 41.80 ? 203 1PG A C6  1 
HETATM 1318 C C7  . 1PG D 3 .   ? 1.277   -2.802  6.125   1.00 40.28 ? 203 1PG A C7  1 
HETATM 1319 O O4  . 1PG D 3 .   ? 0.206   -1.884  6.110   1.00 40.77 ? 203 1PG A O4  1 
HETATM 1320 C C8  . 1PG D 3 .   ? -0.417  -2.020  4.855   1.00 45.95 ? 203 1PG A C8  1 
HETATM 1321 C C9  . 1PG D 3 .   ? -0.086  -0.813  4.001   1.00 41.79 ? 203 1PG A C9  1 
HETATM 1322 O O5  . 1PG D 3 .   ? -1.036  -0.630  2.947   1.00 53.75 ? 203 1PG A O5  1 
HETATM 1323 C C10 . 1PG D 3 .   ? -1.461  -1.835  2.327   1.00 45.51 ? 203 1PG A C10 1 
HETATM 1324 C C11 . 1PG D 3 .   ? -0.856  -1.800  0.952   1.00 47.69 ? 203 1PG A C11 1 
HETATM 1325 O O6  . 1PG D 3 .   ? -0.406  -3.121  0.680   1.00 46.98 ? 203 1PG A O6  1 
HETATM 1326 O O   . HOH E 4 .   ? -1.394  -9.841  -3.880  1.00 33.87 ? 301 HOH A O   1 
HETATM 1327 O O   . HOH E 4 .   ? -2.559  1.972   -14.680 1.00 31.67 ? 302 HOH A O   1 
HETATM 1328 O O   . HOH E 4 .   ? 1.456   -3.712  -0.596  1.00 40.95 ? 303 HOH A O   1 
HETATM 1329 O O   . HOH E 4 .   ? -6.854  -7.036  -10.722 1.00 39.93 ? 304 HOH A O   1 
HETATM 1330 O O   . HOH E 4 .   ? -2.227  -18.933 0.346   1.00 40.29 ? 305 HOH A O   1 
HETATM 1331 O O   . HOH E 4 .   ? -13.133 -14.282 5.048   1.00 28.04 ? 306 HOH A O   1 
HETATM 1332 O O   . HOH E 4 .   ? -4.462  -3.144  -1.455  1.00 38.36 ? 307 HOH A O   1 
HETATM 1333 O O   . HOH E 4 .   ? -5.075  -16.335 -6.146  1.00 33.95 ? 308 HOH A O   1 
HETATM 1334 O O   . HOH E 4 .   ? -10.885 -18.588 0.616   1.00 28.00 ? 309 HOH A O   1 
HETATM 1335 O O   . HOH E 4 .   ? 9.795   3.686   -20.190 1.00 37.43 ? 310 HOH A O   1 
HETATM 1336 O O   . HOH E 4 .   ? -12.941 -28.698 -1.504  1.00 32.93 ? 311 HOH A O   1 
HETATM 1337 O O   . HOH E 4 .   ? 2.168   -2.014  19.867  1.00 45.18 ? 312 HOH A O   1 
HETATM 1338 O O   . HOH E 4 .   ? 11.902  7.886   -1.515  1.00 38.54 ? 313 HOH A O   1 
HETATM 1339 O O   . HOH E 4 .   ? -12.789 0.190   9.261   1.00 33.95 ? 314 HOH A O   1 
HETATM 1340 O O   . HOH E 4 .   ? -9.861  13.962  6.732   1.00 43.82 ? 315 HOH A O   1 
HETATM 1341 O O   . HOH E 4 .   ? -14.482 -5.950  5.325   1.00 52.54 ? 316 HOH A O   1 
HETATM 1342 O O   . HOH E 4 .   ? 10.078  -6.036  13.200  1.00 33.80 ? 317 HOH A O   1 
HETATM 1343 O O   . HOH E 4 .   ? -14.874 -21.012 -9.828  1.00 37.55 ? 318 HOH A O   1 
HETATM 1344 O O   . HOH E 4 .   ? -5.832  9.098   14.434  1.00 38.98 ? 319 HOH A O   1 
HETATM 1345 O O   . HOH E 4 .   ? -5.856  1.115   12.330  1.00 14.89 ? 320 HOH A O   1 
HETATM 1346 O O   . HOH E 4 .   ? -1.443  17.039  -4.237  1.00 14.09 ? 321 HOH A O   1 
HETATM 1347 O O   . HOH E 4 .   ? -3.060  15.240  -10.736 1.00 34.07 ? 322 HOH A O   1 
HETATM 1348 O O   . HOH E 4 .   ? -2.738  8.057   14.052  1.00 31.28 ? 323 HOH A O   1 
HETATM 1349 O O   . HOH E 4 .   ? 5.582   -15.969 -4.867  1.00 30.74 ? 324 HOH A O   1 
HETATM 1350 O O   . HOH E 4 .   ? -15.772 -11.164 -0.098  1.00 16.95 ? 325 HOH A O   1 
HETATM 1351 O O   . HOH E 4 .   ? -4.345  13.741  -14.541 1.00 40.55 ? 326 HOH A O   1 
HETATM 1352 O O   . HOH E 4 .   ? 9.717   11.110  -7.528  1.00 18.15 ? 327 HOH A O   1 
HETATM 1353 O O   . HOH E 4 .   ? -7.284  -4.703  9.710   1.00 36.81 ? 328 HOH A O   1 
HETATM 1354 O O   . HOH E 4 .   ? -9.445  2.652   -11.123 1.00 17.88 ? 329 HOH A O   1 
HETATM 1355 O O   . HOH E 4 .   ? -13.530 5.171   11.651  1.00 38.21 ? 330 HOH A O   1 
HETATM 1356 O O   . HOH E 4 .   ? 6.386   13.729  -2.733  1.00 23.71 ? 331 HOH A O   1 
HETATM 1357 O O   . HOH E 4 .   ? 3.731   9.106   -22.913 1.00 23.55 ? 332 HOH A O   1 
HETATM 1358 O O   . HOH E 4 .   ? -9.765  -27.093 -1.505  1.00 41.36 ? 333 HOH A O   1 
HETATM 1359 O O   . HOH E 4 .   ? -8.112  14.058  -9.741  1.00 29.06 ? 334 HOH A O   1 
HETATM 1360 O O   . HOH E 4 .   ? -2.991  -6.942  9.970   1.00 28.77 ? 335 HOH A O   1 
HETATM 1361 O O   . HOH E 4 .   ? -6.901  -1.422  12.726  1.00 22.00 ? 336 HOH A O   1 
HETATM 1362 O O   . HOH E 4 .   ? 2.220   7.967   9.569   1.00 21.82 ? 337 HOH A O   1 
HETATM 1363 O O   . HOH E 4 .   ? 10.580  0.154   10.180  1.00 41.24 ? 338 HOH A O   1 
HETATM 1364 O O   . HOH E 4 .   ? 0.221   16.822  2.323   1.00 15.90 ? 339 HOH A O   1 
HETATM 1365 O O   . HOH E 4 .   ? -15.528 -15.955 2.646   1.00 14.94 ? 340 HOH A O   1 
HETATM 1366 O O   . HOH E 4 .   ? 3.218   0.539   1.627   1.00 13.36 ? 341 HOH A O   1 
HETATM 1367 O O   . HOH E 4 .   ? -4.770  12.701  4.957   1.00 33.46 ? 342 HOH A O   1 
HETATM 1368 O O   . HOH E 4 .   ? 4.419   3.164   -22.086 1.00 21.00 ? 343 HOH A O   1 
HETATM 1369 O O   . HOH E 4 .   ? 10.237  -13.819 5.792   1.00 37.67 ? 344 HOH A O   1 
HETATM 1370 O O   . HOH E 4 .   ? 2.337   -5.853  21.085  1.00 27.66 ? 345 HOH A O   1 
HETATM 1371 O O   . HOH E 4 .   ? -12.983 0.862   1.529   1.00 19.15 ? 346 HOH A O   1 
HETATM 1372 O O   . HOH E 4 .   ? -3.707  -12.114 10.143  1.00 17.39 ? 347 HOH A O   1 
HETATM 1373 O O   . HOH E 4 .   ? -4.139  11.330  -16.411 1.00 39.30 ? 348 HOH A O   1 
HETATM 1374 O O   . HOH E 4 .   ? 1.961   -5.056  -12.049 1.00 34.45 ? 349 HOH A O   1 
HETATM 1375 O O   . HOH E 4 .   ? 7.880   12.055  -12.138 1.00 22.82 ? 350 HOH A O   1 
HETATM 1376 O O   . HOH E 4 .   ? 2.240   5.020   13.395  1.00 39.07 ? 351 HOH A O   1 
HETATM 1377 O O   . HOH E 4 .   ? -15.579 3.684   4.479   1.00 21.00 ? 352 HOH A O   1 
HETATM 1378 O O   . HOH E 4 .   ? 0.853   9.852   -14.731 1.00 24.17 ? 353 HOH A O   1 
HETATM 1379 O O   . HOH E 4 .   ? -12.398 10.431  6.236   1.00 18.07 ? 354 HOH A O   1 
HETATM 1380 O O   . HOH E 4 .   ? -8.301  8.145   -13.150 1.00 19.06 ? 355 HOH A O   1 
HETATM 1381 O O   . HOH E 4 .   ? 9.246   -11.323 7.702   1.00 32.08 ? 356 HOH A O   1 
HETATM 1382 O O   . HOH E 4 .   ? -3.547  13.434  9.321   1.00 27.56 ? 357 HOH A O   1 
HETATM 1383 O O   . HOH E 4 .   ? -6.751  15.931  2.168   1.00 16.36 ? 358 HOH A O   1 
HETATM 1384 O O   . HOH E 4 .   ? 12.455  -11.476 5.502   1.00 41.62 ? 359 HOH A O   1 
HETATM 1385 O O   . HOH E 4 .   ? -6.879  -3.835  2.632   1.00 22.96 ? 360 HOH A O   1 
HETATM 1386 O O   . HOH E 4 .   ? 2.308   -3.555  -17.163 1.00 35.19 ? 361 HOH A O   1 
HETATM 1387 O O   . HOH E 4 .   ? 5.265   5.747   6.387   1.00 17.37 ? 362 HOH A O   1 
HETATM 1388 O O   . HOH E 4 .   ? 16.337  5.836   2.110   1.00 45.37 ? 363 HOH A O   1 
HETATM 1389 O O   . HOH E 4 .   ? -14.353 -12.080 2.551   1.00 21.56 ? 364 HOH A O   1 
HETATM 1390 O O   . HOH E 4 .   ? -3.899  12.018  7.051   1.00 19.30 ? 365 HOH A O   1 
HETATM 1391 O O   . HOH E 4 .   ? 3.713   6.734   22.018  1.00 32.70 ? 366 HOH A O   1 
HETATM 1392 O O   . HOH E 4 .   ? -4.689  -7.902  12.440  1.00 20.20 ? 367 HOH A O   1 
HETATM 1393 O O   . HOH E 4 .   ? -3.576  -10.737 0.456   1.00 43.74 ? 368 HOH A O   1 
HETATM 1394 O O   . HOH E 4 .   ? -0.201  3.359   -15.915 1.00 29.74 ? 369 HOH A O   1 
HETATM 1395 O O   . HOH E 4 .   ? -7.880  -1.750  -15.581 1.00 30.60 ? 370 HOH A O   1 
HETATM 1396 O O   . HOH E 4 .   ? -0.236  15.717  -6.872  1.00 28.27 ? 371 HOH A O   1 
HETATM 1397 O O   . HOH E 4 .   ? 11.380  10.666  1.908   1.00 42.16 ? 372 HOH A O   1 
HETATM 1398 O O   . HOH E 4 .   ? -6.596  -20.288 -5.318  1.00 43.01 ? 373 HOH A O   1 
HETATM 1399 O O   . HOH E 4 .   ? 16.672  -4.673  0.199   1.00 45.93 ? 374 HOH A O   1 
HETATM 1400 O O   . HOH E 4 .   ? -0.834  7.316   -18.111 1.00 38.21 ? 375 HOH A O   1 
HETATM 1401 O O   . HOH E 4 .   ? 1.906   20.585  1.516   1.00 21.58 ? 376 HOH A O   1 
HETATM 1402 O O   . HOH E 4 .   ? 14.034  -14.560 4.733   1.00 48.74 ? 377 HOH A O   1 
HETATM 1403 O O   . HOH E 4 .   ? 7.120   15.943  0.331   1.00 43.10 ? 378 HOH A O   1 
HETATM 1404 O O   . HOH E 4 .   ? 6.915   15.499  3.385   1.00 33.32 ? 379 HOH A O   1 
HETATM 1405 O O   . HOH E 4 .   ? -4.075  1.077   -18.868 1.00 42.83 ? 380 HOH A O   1 
HETATM 1406 O O   . HOH E 4 .   ? 5.015   -16.707 1.669   1.00 28.63 ? 381 HOH A O   1 
HETATM 1407 O O   . HOH E 4 .   ? -8.344  -2.183  10.346  1.00 19.46 ? 382 HOH A O   1 
HETATM 1408 O O   . HOH E 4 .   ? -11.807 -4.159  -3.247  1.00 23.48 ? 383 HOH A O   1 
HETATM 1409 O O   . HOH E 4 .   ? -0.810  18.407  6.607   1.00 25.04 ? 384 HOH A O   1 
HETATM 1410 O O   . HOH E 4 .   ? -1.547  -10.405 8.353   1.00 31.39 ? 385 HOH A O   1 
HETATM 1411 O O   . HOH E 4 .   ? -6.734  11.975  6.947   1.00 28.87 ? 386 HOH A O   1 
HETATM 1412 O O   . HOH E 4 .   ? 11.712  -1.082  -13.719 1.00 31.39 ? 387 HOH A O   1 
HETATM 1413 O O   . HOH E 4 .   ? -2.401  12.361  -14.370 1.00 34.28 ? 388 HOH A O   1 
HETATM 1414 O O   . HOH E 4 .   ? -4.127  19.756  1.312   1.00 20.66 ? 389 HOH A O   1 
HETATM 1415 O O   . HOH E 4 .   ? 1.708   -19.343 -1.961  1.00 33.72 ? 390 HOH A O   1 
HETATM 1416 O O   . HOH E 4 .   ? -2.451  4.034   -14.367 1.00 35.20 ? 391 HOH A O   1 
HETATM 1417 O O   . HOH E 4 .   ? 10.638  -12.152 -3.569  1.00 43.01 ? 392 HOH A O   1 
HETATM 1418 O O   . HOH E 4 .   ? -14.406 -2.769  -10.453 1.00 40.72 ? 393 HOH A O   1 
HETATM 1419 O O   . HOH E 4 .   ? -17.140 7.093   6.720   1.00 37.32 ? 394 HOH A O   1 
HETATM 1420 O O   . HOH E 4 .   ? 18.729  0.242   -3.170  1.00 42.29 ? 395 HOH A O   1 
HETATM 1421 O O   . HOH E 4 .   ? -15.103 3.972   9.190   1.00 33.10 ? 396 HOH A O   1 
HETATM 1422 O O   . HOH E 4 .   ? 14.215  2.828   -12.520 1.00 38.09 ? 397 HOH A O   1 
HETATM 1423 O O   . HOH E 4 .   ? 11.994  -6.606  -9.901  1.00 46.54 ? 398 HOH A O   1 
HETATM 1424 O O   . HOH E 4 .   ? 0.411   10.305  -20.952 1.00 31.68 ? 399 HOH A O   1 
HETATM 1425 O O   . HOH E 4 .   ? 18.041  -8.184  0.046   1.00 43.30 ? 400 HOH A O   1 
HETATM 1426 O O   . HOH E 4 .   ? 7.452   -13.194 10.699  1.00 40.59 ? 401 HOH A O   1 
HETATM 1427 O O   . HOH E 4 .   ? -2.294  19.671  -5.612  1.00 25.18 ? 402 HOH A O   1 
HETATM 1428 O O   . HOH E 4 .   ? -4.948  -20.688 1.547   1.00 42.83 ? 403 HOH A O   1 
HETATM 1429 O O   . HOH E 4 .   ? 10.254  -7.615  8.204   1.00 42.02 ? 404 HOH A O   1 
HETATM 1430 O O   . HOH E 4 .   ? -6.191  15.910  -10.278 1.00 35.90 ? 405 HOH A O   1 
HETATM 1431 O O   . HOH E 4 .   ? -10.813 -6.452  -10.162 1.00 44.56 ? 406 HOH A O   1 
HETATM 1432 O O   . HOH E 4 .   ? -3.861  -8.766  -0.846  1.00 44.55 ? 407 HOH A O   1 
HETATM 1433 O O   . HOH E 4 .   ? 2.633   14.193  -8.778  1.00 33.41 ? 408 HOH A O   1 
HETATM 1434 O O   . HOH E 4 .   ? -3.073  -16.825 2.641   1.00 27.28 ? 409 HOH A O   1 
HETATM 1435 O O   . HOH E 4 .   ? -12.251 12.239  1.717   1.00 7.50  ? 410 HOH A O   1 
HETATM 1436 O O   . HOH E 4 .   ? 12.805  5.318   4.843   1.00 44.55 ? 411 HOH A O   1 
HETATM 1437 O O   . HOH E 4 .   ? -7.611  14.102  8.474   1.00 39.06 ? 412 HOH A O   1 
HETATM 1438 O O   . HOH E 4 .   ? 4.219   -17.876 -0.692  1.00 35.16 ? 413 HOH A O   1 
HETATM 1439 O O   . HOH E 4 .   ? -0.012  5.863   -15.670 1.00 30.35 ? 414 HOH A O   1 
HETATM 1440 O O   . HOH E 4 .   ? -7.484  -10.302 -12.720 1.00 42.84 ? 415 HOH A O   1 
HETATM 1441 O O   . HOH E 4 .   ? -7.211  -8.280  11.642  1.00 34.06 ? 416 HOH A O   1 
HETATM 1442 O O   . HOH E 4 .   ? -8.885  10.432  -14.444 1.00 32.29 ? 417 HOH A O   1 
HETATM 1443 O O   . HOH E 4 .   ? -2.419  -7.708  8.209   1.00 45.46 ? 418 HOH A O   1 
HETATM 1444 O O   . HOH E 4 .   ? 4.622   7.419   -13.950 1.00 8.34  ? 419 HOH A O   1 
HETATM 1445 O O   . HOH E 4 .   ? 2.622   11.759  -14.478 1.00 42.06 ? 420 HOH A O   1 
HETATM 1446 O O   . HOH E 4 .   ? -13.224 -17.735 -9.403  1.00 43.78 ? 421 HOH A O   1 
HETATM 1447 O O   . HOH E 4 .   ? -4.290  -13.903 -12.202 1.00 49.20 ? 422 HOH A O   1 
HETATM 1448 O O   . HOH E 4 .   ? 23.481  0.556   -8.967  1.00 33.32 ? 423 HOH A O   1 
HETATM 1449 O O   . HOH E 4 .   ? -0.520  10.036  -17.322 1.00 36.19 ? 424 HOH A O   1 
HETATM 1450 O O   . HOH E 4 .   ? -0.226  19.148  3.717   1.00 29.40 ? 425 HOH A O   1 
HETATM 1451 O O   . HOH E 4 .   ? -11.923 -4.696  -11.529 1.00 43.63 ? 426 HOH A O   1 
HETATM 1452 O O   . HOH E 4 .   ? -1.937  16.654  -8.787  1.00 36.03 ? 427 HOH A O   1 
HETATM 1453 O O   . HOH E 4 .   ? -2.568  15.371  -13.545 1.00 47.57 ? 428 HOH A O   1 
HETATM 1454 O O   . HOH E 4 .   ? 2.045   7.060   -14.523 1.00 28.72 ? 429 HOH A O   1 
# 
loop_
_pdbx_poly_seq_scheme.asym_id 
_pdbx_poly_seq_scheme.entity_id 
_pdbx_poly_seq_scheme.seq_id 
_pdbx_poly_seq_scheme.mon_id 
_pdbx_poly_seq_scheme.ndb_seq_num 
_pdbx_poly_seq_scheme.pdb_seq_num 
_pdbx_poly_seq_scheme.auth_seq_num 
_pdbx_poly_seq_scheme.pdb_mon_id 
_pdbx_poly_seq_scheme.auth_mon_id 
_pdbx_poly_seq_scheme.pdb_strand_id 
_pdbx_poly_seq_scheme.pdb_ins_code 
_pdbx_poly_seq_scheme.hetero 
A 1 1   MET 1   22  ?   ?   ?   A . n 
A 1 2   ALA 2   23  ?   ?   ?   A . n 
A 1 3   PRO 3   24  ?   ?   ?   A . n 
A 1 4   GLU 4   25  ?   ?   ?   A . n 
A 1 5   ALA 5   26  ?   ?   ?   A . n 
A 1 6   GLN 6   27  27  GLN GLN A . n 
A 1 7   VAL 7   28  28  VAL VAL A . n 
A 1 8   SER 8   29  29  SER SER A . n 
A 1 9   VAL 9   30  30  VAL VAL A . n 
A 1 10  GLN 10  31  31  GLN GLN A . n 
A 1 11  PRO 11  32  32  PRO PRO A . n 
A 1 12  ASN 12  33  33  ASN ASN A . n 
A 1 13  PHE 13  34  34  PHE PHE A . n 
A 1 14  GLN 14  35  35  GLN GLN A . n 
A 1 15  GLN 15  36  36  GLN GLN A . n 
A 1 16  ASP 16  37  37  ASP ASP A . n 
A 1 17  LYS 17  38  38  LYS LYS A . n 
A 1 18  PHE 18  39  39  PHE PHE A . n 
A 1 19  LEU 19  40  40  LEU LEU A . n 
A 1 20  GLY 20  41  41  GLY GLY A . n 
A 1 21  ARG 21  42  42  ARG ARG A . n 
A 1 22  TRP 22  43  43  TRP TRP A . n 
A 1 23  PHE 23  44  44  PHE PHE A . n 
A 1 24  SER 24  45  45  SER SER A . n 
A 1 25  ALA 25  46  46  ALA ALA A . n 
A 1 26  GLY 26  47  47  GLY GLY A . n 
A 1 27  LEU 27  48  48  LEU LEU A . n 
A 1 28  ALA 28  49  49  ALA ALA A . n 
A 1 29  SER 29  50  50  SER SER A . n 
A 1 30  ASN 30  51  51  ASN ASN A . n 
A 1 31  SER 31  52  52  SER SER A . n 
A 1 32  SER 32  53  53  SER SER A . n 
A 1 33  TRP 33  54  54  TRP TRP A . n 
A 1 34  LEU 34  55  55  LEU LEU A . n 
A 1 35  ARG 35  56  56  ARG ARG A . n 
A 1 36  GLU 36  57  57  GLU GLU A . n 
A 1 37  LYS 37  58  58  LYS LYS A . n 
A 1 38  LYS 38  59  59  LYS LYS A . n 
A 1 39  ALA 39  60  60  ALA ALA A . n 
A 1 40  ALA 40  61  61  ALA ALA A . n 
A 1 41  LEU 41  62  62  LEU LEU A . n 
A 1 42  SER 42  63  63  SER SER A . n 
A 1 43  MET 43  64  64  MET MET A . n 
A 1 44  CYS 44  65  65  CYS CYS A . n 
A 1 45  LYS 45  66  66  LYS LYS A . n 
A 1 46  SER 46  67  67  SER SER A . n 
A 1 47  VAL 47  68  68  VAL VAL A . n 
A 1 48  VAL 48  69  69  VAL VAL A . n 
A 1 49  ALA 49  70  70  ALA ALA A . n 
A 1 50  PRO 50  71  71  PRO PRO A . n 
A 1 51  ALA 51  72  72  ALA ALA A . n 
A 1 52  THR 52  73  73  THR THR A . n 
A 1 53  ASP 53  74  74  ASP ASP A . n 
A 1 54  GLY 54  75  75  GLY GLY A . n 
A 1 55  GLY 55  76  76  GLY GLY A . n 
A 1 56  LEU 56  77  77  LEU LEU A . n 
A 1 57  ASN 57  78  78  ASN ASN A . n 
A 1 58  LEU 58  79  79  LEU LEU A . n 
A 1 59  THR 59  80  80  THR THR A . n 
A 1 60  SER 60  81  81  SER SER A . n 
A 1 61  THR 61  82  82  THR THR A . n 
A 1 62  PHE 62  83  83  PHE PHE A . n 
A 1 63  LEU 63  84  84  LEU LEU A . n 
A 1 64  ARG 64  85  85  ARG ARG A . n 
A 1 65  LYS 65  86  86  LYS LYS A . n 
A 1 66  ASN 66  87  87  ASN ASN A . n 
A 1 67  GLN 67  88  88  GLN GLN A . n 
A 1 68  CYS 68  89  89  CYS CYS A . n 
A 1 69  GLU 69  90  90  GLU GLU A . n 
A 1 70  THR 70  91  91  THR THR A . n 
A 1 71  ARG 71  92  92  ARG ARG A . n 
A 1 72  THR 72  93  93  THR THR A . n 
A 1 73  MET 73  94  94  MET MET A . n 
A 1 74  LEU 74  95  95  LEU LEU A . n 
A 1 75  LEU 75  96  96  LEU LEU A . n 
A 1 76  GLN 76  97  97  GLN GLN A . n 
A 1 77  PRO 77  98  98  PRO PRO A . n 
A 1 78  ALA 78  99  99  ALA ALA A . n 
A 1 79  GLY 79  100 100 GLY GLY A . n 
A 1 80  SER 80  101 101 SER SER A . n 
A 1 81  LEU 81  102 102 LEU LEU A . n 
A 1 82  GLY 82  103 103 GLY GLY A . n 
A 1 83  SER 83  104 104 SER SER A . n 
A 1 84  TYR 84  105 105 TYR TYR A . n 
A 1 85  SER 85  106 106 SER SER A . n 
A 1 86  TYR 86  107 107 TYR TYR A . n 
A 1 87  ARG 87  108 108 ARG ARG A . n 
A 1 88  SER 88  109 109 SER SER A . n 
A 1 89  PRO 89  110 110 PRO PRO A . n 
A 1 90  HIS 90  111 111 HIS HIS A . n 
A 1 91  TRP 91  112 112 TRP TRP A . n 
A 1 92  GLY 92  113 113 GLY GLY A . n 
A 1 93  SER 93  114 114 SER SER A . n 
A 1 94  THR 94  115 115 THR THR A . n 
A 1 95  TYR 95  116 116 TYR TYR A . n 
A 1 96  SER 96  117 117 SER SER A . n 
A 1 97  VAL 97  118 118 VAL VAL A . n 
A 1 98  SER 98  119 119 SER SER A . n 
A 1 99  VAL 99  120 120 VAL VAL A . n 
A 1 100 VAL 100 121 121 VAL VAL A . n 
A 1 101 GLU 101 122 122 GLU GLU A . n 
A 1 102 THR 102 123 123 THR THR A . n 
A 1 103 ASP 103 124 124 ASP ASP A . n 
A 1 104 TYR 104 125 125 TYR TYR A . n 
A 1 105 ASP 105 126 126 ASP ASP A . n 
A 1 106 GLN 106 127 127 GLN GLN A . n 
A 1 107 TYR 107 128 128 TYR TYR A . n 
A 1 108 ALA 108 129 129 ALA ALA A . n 
A 1 109 LEU 109 130 130 LEU LEU A . n 
A 1 110 LEU 110 131 131 LEU LEU A . n 
A 1 111 TYR 111 132 132 TYR TYR A . n 
A 1 112 SER 112 133 133 SER SER A . n 
A 1 113 GLN 113 134 134 GLN GLN A . n 
A 1 114 GLY 114 135 135 GLY GLY A . n 
A 1 115 SER 115 136 136 SER SER A . n 
A 1 116 LYS 116 137 137 LYS LYS A . n 
A 1 117 GLY 117 138 138 GLY GLY A . n 
A 1 118 PRO 118 139 139 PRO PRO A . n 
A 1 119 GLY 119 140 140 GLY GLY A . n 
A 1 120 GLU 120 141 141 GLU GLU A . n 
A 1 121 ASP 121 142 142 ASP ASP A . n 
A 1 122 PHE 122 143 143 PHE PHE A . n 
A 1 123 ARG 123 144 144 ARG ARG A . n 
A 1 124 MET 124 145 145 MET MET A . n 
A 1 125 ALA 125 146 146 ALA ALA A . n 
A 1 126 THR 126 147 147 THR THR A . n 
A 1 127 LEU 127 148 148 LEU LEU A . n 
A 1 128 TYR 128 149 149 TYR TYR A . n 
A 1 129 SER 129 150 150 SER SER A . n 
A 1 130 ARG 130 151 151 ARG ARG A . n 
A 1 131 THR 131 152 152 THR THR A . n 
A 1 132 GLN 132 153 153 GLN GLN A . n 
A 1 133 THR 133 154 154 THR THR A . n 
A 1 134 PRO 134 155 155 PRO PRO A . n 
A 1 135 ARG 135 156 156 ARG ARG A . n 
A 1 136 ALA 136 157 157 ALA ALA A . n 
A 1 137 GLU 137 158 158 GLU GLU A . n 
A 1 138 LEU 138 159 159 LEU LEU A . n 
A 1 139 LYS 139 160 160 LYS LYS A . n 
A 1 140 GLU 140 161 161 GLU GLU A . n 
A 1 141 LYS 141 162 162 LYS LYS A . n 
A 1 142 PHE 142 163 163 PHE PHE A . n 
A 1 143 THR 143 164 164 THR THR A . n 
A 1 144 ALA 144 165 165 ALA ALA A . n 
A 1 145 PHE 145 166 166 PHE PHE A . n 
A 1 146 CYS 146 167 167 CYS CYS A . n 
A 1 147 LYS 147 168 168 LYS LYS A . n 
A 1 148 ALA 148 169 169 ALA ALA A . n 
A 1 149 GLN 149 170 170 GLN GLN A . n 
A 1 150 GLY 150 171 171 GLY GLY A . n 
A 1 151 PHE 151 172 172 PHE PHE A . n 
A 1 152 THR 152 173 173 THR THR A . n 
A 1 153 GLU 153 174 174 GLU GLU A . n 
A 1 154 ASP 154 175 175 ASP ASP A . n 
A 1 155 THR 155 176 176 THR THR A . n 
A 1 156 ILE 156 177 177 ILE ILE A . n 
A 1 157 VAL 157 178 178 VAL VAL A . n 
A 1 158 PHE 158 179 179 PHE PHE A . n 
A 1 159 LEU 159 180 180 LEU LEU A . n 
A 1 160 PRO 160 181 181 PRO PRO A . n 
A 1 161 GLN 161 182 182 GLN GLN A . n 
A 1 162 THR 162 183 183 THR THR A . n 
A 1 163 ASP 163 184 184 ASP ASP A . n 
A 1 164 LYS 164 185 ?   ?   ?   A . n 
A 1 165 CYS 165 186 ?   ?   ?   A . n 
A 1 166 MET 166 187 ?   ?   ?   A . n 
A 1 167 THR 167 188 ?   ?   ?   A . n 
A 1 168 GLU 168 189 ?   ?   ?   A . n 
A 1 169 GLN 169 190 ?   ?   ?   A . n 
A 1 170 ALA 170 191 ?   ?   ?   A . n 
A 1 171 HIS 171 192 ?   ?   ?   A . n 
A 1 172 HIS 172 193 ?   ?   ?   A . n 
A 1 173 HIS 173 194 ?   ?   ?   A . n 
A 1 174 HIS 174 195 ?   ?   ?   A . n 
A 1 175 HIS 175 196 ?   ?   ?   A . n 
A 1 176 HIS 176 197 ?   ?   ?   A . n 
# 
loop_
_pdbx_nonpoly_scheme.asym_id 
_pdbx_nonpoly_scheme.entity_id 
_pdbx_nonpoly_scheme.mon_id 
_pdbx_nonpoly_scheme.ndb_seq_num 
_pdbx_nonpoly_scheme.pdb_seq_num 
_pdbx_nonpoly_scheme.auth_seq_num 
_pdbx_nonpoly_scheme.pdb_mon_id 
_pdbx_nonpoly_scheme.auth_mon_id 
_pdbx_nonpoly_scheme.pdb_strand_id 
_pdbx_nonpoly_scheme.pdb_ins_code 
B 2 PG0 1   201 1   PG0 PG0 A . 
C 2 PG0 1   202 2   PG0 PG0 A . 
D 3 1PG 1   203 1   1PG 1PG A . 
E 4 HOH 1   301 141 HOH HOH A . 
E 4 HOH 2   302 153 HOH HOH A . 
E 4 HOH 3   303 101 HOH HOH A . 
E 4 HOH 4   304 111 HOH HOH A . 
E 4 HOH 5   305 110 HOH HOH A . 
E 4 HOH 6   306 59  HOH HOH A . 
E 4 HOH 7   307 82  HOH HOH A . 
E 4 HOH 8   308 106 HOH HOH A . 
E 4 HOH 9   309 60  HOH HOH A . 
E 4 HOH 10  310 100 HOH HOH A . 
E 4 HOH 11  311 88  HOH HOH A . 
E 4 HOH 12  312 73  HOH HOH A . 
E 4 HOH 13  313 157 HOH HOH A . 
E 4 HOH 14  314 72  HOH HOH A . 
E 4 HOH 15  315 120 HOH HOH A . 
E 4 HOH 16  316 65  HOH HOH A . 
E 4 HOH 17  317 140 HOH HOH A . 
E 4 HOH 18  318 69  HOH HOH A . 
E 4 HOH 19  319 142 HOH HOH A . 
E 4 HOH 20  320 2   HOH HOH A . 
E 4 HOH 21  321 3   HOH HOH A . 
E 4 HOH 22  322 105 HOH HOH A . 
E 4 HOH 23  323 85  HOH HOH A . 
E 4 HOH 24  324 123 HOH HOH A . 
E 4 HOH 25  325 11  HOH HOH A . 
E 4 HOH 26  326 77  HOH HOH A . 
E 4 HOH 27  327 8   HOH HOH A . 
E 4 HOH 28  328 55  HOH HOH A . 
E 4 HOH 29  329 4   HOH HOH A . 
E 4 HOH 30  330 156 HOH HOH A . 
E 4 HOH 31  331 28  HOH HOH A . 
E 4 HOH 32  332 40  HOH HOH A . 
E 4 HOH 33  333 74  HOH HOH A . 
E 4 HOH 34  334 37  HOH HOH A . 
E 4 HOH 35  335 29  HOH HOH A . 
E 4 HOH 36  336 27  HOH HOH A . 
E 4 HOH 37  337 26  HOH HOH A . 
E 4 HOH 38  338 109 HOH HOH A . 
E 4 HOH 39  339 6   HOH HOH A . 
E 4 HOH 40  340 50  HOH HOH A . 
E 4 HOH 41  341 1   HOH HOH A . 
E 4 HOH 42  342 89  HOH HOH A . 
E 4 HOH 43  343 14  HOH HOH A . 
E 4 HOH 44  344 62  HOH HOH A . 
E 4 HOH 45  345 34  HOH HOH A . 
E 4 HOH 46  346 12  HOH HOH A . 
E 4 HOH 47  347 16  HOH HOH A . 
E 4 HOH 48  348 83  HOH HOH A . 
E 4 HOH 49  349 104 HOH HOH A . 
E 4 HOH 50  350 15  HOH HOH A . 
E 4 HOH 51  351 103 HOH HOH A . 
E 4 HOH 52  352 25  HOH HOH A . 
E 4 HOH 53  353 23  HOH HOH A . 
E 4 HOH 54  354 19  HOH HOH A . 
E 4 HOH 55  355 135 HOH HOH A . 
E 4 HOH 56  356 54  HOH HOH A . 
E 4 HOH 57  357 21  HOH HOH A . 
E 4 HOH 58  358 10  HOH HOH A . 
E 4 HOH 59  359 116 HOH HOH A . 
E 4 HOH 60  360 20  HOH HOH A . 
E 4 HOH 61  361 63  HOH HOH A . 
E 4 HOH 62  362 18  HOH HOH A . 
E 4 HOH 63  363 115 HOH HOH A . 
E 4 HOH 64  364 5   HOH HOH A . 
E 4 HOH 65  365 7   HOH HOH A . 
E 4 HOH 66  366 137 HOH HOH A . 
E 4 HOH 67  367 9   HOH HOH A . 
E 4 HOH 68  368 53  HOH HOH A . 
E 4 HOH 69  369 39  HOH HOH A . 
E 4 HOH 70  370 22  HOH HOH A . 
E 4 HOH 71  371 48  HOH HOH A . 
E 4 HOH 72  372 147 HOH HOH A . 
E 4 HOH 73  373 81  HOH HOH A . 
E 4 HOH 74  374 117 HOH HOH A . 
E 4 HOH 75  375 93  HOH HOH A . 
E 4 HOH 76  376 51  HOH HOH A . 
E 4 HOH 77  377 119 HOH HOH A . 
E 4 HOH 78  378 121 HOH HOH A . 
E 4 HOH 79  379 64  HOH HOH A . 
E 4 HOH 80  380 112 HOH HOH A . 
E 4 HOH 81  381 67  HOH HOH A . 
E 4 HOH 82  382 17  HOH HOH A . 
E 4 HOH 83  383 31  HOH HOH A . 
E 4 HOH 84  384 32  HOH HOH A . 
E 4 HOH 85  385 36  HOH HOH A . 
E 4 HOH 86  386 58  HOH HOH A . 
E 4 HOH 87  387 57  HOH HOH A . 
E 4 HOH 88  388 94  HOH HOH A . 
E 4 HOH 89  389 13  HOH HOH A . 
E 4 HOH 90  390 38  HOH HOH A . 
E 4 HOH 91  391 33  HOH HOH A . 
E 4 HOH 92  392 96  HOH HOH A . 
E 4 HOH 93  393 146 HOH HOH A . 
E 4 HOH 94  394 80  HOH HOH A . 
E 4 HOH 95  395 138 HOH HOH A . 
E 4 HOH 96  396 66  HOH HOH A . 
E 4 HOH 97  397 102 HOH HOH A . 
E 4 HOH 98  398 139 HOH HOH A . 
E 4 HOH 99  399 95  HOH HOH A . 
E 4 HOH 100 400 125 HOH HOH A . 
E 4 HOH 101 401 35  HOH HOH A . 
E 4 HOH 102 402 132 HOH HOH A . 
E 4 HOH 103 403 126 HOH HOH A . 
E 4 HOH 104 404 61  HOH HOH A . 
E 4 HOH 105 405 41  HOH HOH A . 
E 4 HOH 106 406 155 HOH HOH A . 
E 4 HOH 107 407 45  HOH HOH A . 
E 4 HOH 108 408 52  HOH HOH A . 
E 4 HOH 109 409 128 HOH HOH A . 
E 4 HOH 110 410 129 HOH HOH A . 
E 4 HOH 111 411 159 HOH HOH A . 
E 4 HOH 112 412 70  HOH HOH A . 
E 4 HOH 113 413 42  HOH HOH A . 
E 4 HOH 114 414 97  HOH HOH A . 
E 4 HOH 115 415 127 HOH HOH A . 
E 4 HOH 116 416 92  HOH HOH A . 
E 4 HOH 117 417 136 HOH HOH A . 
E 4 HOH 118 418 68  HOH HOH A . 
E 4 HOH 119 419 131 HOH HOH A . 
E 4 HOH 120 420 144 HOH HOH A . 
E 4 HOH 121 421 158 HOH HOH A . 
E 4 HOH 122 422 160 HOH HOH A . 
E 4 HOH 123 423 134 HOH HOH A . 
E 4 HOH 124 424 145 HOH HOH A . 
E 4 HOH 125 425 143 HOH HOH A . 
E 4 HOH 126 426 154 HOH HOH A . 
E 4 HOH 127 427 124 HOH HOH A . 
E 4 HOH 128 428 108 HOH HOH A . 
E 4 HOH 129 429 99  HOH HOH A . 
# 
_pdbx_struct_assembly.id                   1 
_pdbx_struct_assembly.details              author_defined_assembly 
_pdbx_struct_assembly.method_details       ? 
_pdbx_struct_assembly.oligomeric_details   monomeric 
_pdbx_struct_assembly.oligomeric_count     1 
# 
_pdbx_struct_assembly_gen.assembly_id       1 
_pdbx_struct_assembly_gen.oper_expression   1 
_pdbx_struct_assembly_gen.asym_id_list      A,B,C,D,E 
# 
loop_
_pdbx_struct_assembly_prop.biol_id 
_pdbx_struct_assembly_prop.type 
_pdbx_struct_assembly_prop.value 
_pdbx_struct_assembly_prop.details 
1 'ABSA (A^2)' 1390 ? 
1 MORE         17   ? 
1 'SSA (A^2)'  8260 ? 
# 
_pdbx_struct_oper_list.id                   1 
_pdbx_struct_oper_list.type                 'identity operation' 
_pdbx_struct_oper_list.name                 1_555 
_pdbx_struct_oper_list.symmetry_operation   x,y,z 
_pdbx_struct_oper_list.matrix[1][1]         1.0000000000 
_pdbx_struct_oper_list.matrix[1][2]         0.0000000000 
_pdbx_struct_oper_list.matrix[1][3]         0.0000000000 
_pdbx_struct_oper_list.vector[1]            0.0000000000 
_pdbx_struct_oper_list.matrix[2][1]         0.0000000000 
_pdbx_struct_oper_list.matrix[2][2]         1.0000000000 
_pdbx_struct_oper_list.matrix[2][3]         0.0000000000 
_pdbx_struct_oper_list.vector[2]            0.0000000000 
_pdbx_struct_oper_list.matrix[3][1]         0.0000000000 
_pdbx_struct_oper_list.matrix[3][2]         0.0000000000 
_pdbx_struct_oper_list.matrix[3][3]         1.0000000000 
_pdbx_struct_oper_list.vector[3]            0.0000000000 
# 
loop_
_pdbx_audit_revision_history.ordinal 
_pdbx_audit_revision_history.data_content_type 
_pdbx_audit_revision_history.major_revision 
_pdbx_audit_revision_history.minor_revision 
_pdbx_audit_revision_history.revision_date 
1 'Structure model' 1 0 2017-01-25 
2 'Structure model' 1 1 2017-08-30 
3 'Structure model' 1 2 2023-11-22 
# 
_pdbx_audit_revision_details.ordinal             1 
_pdbx_audit_revision_details.revision_ordinal    1 
_pdbx_audit_revision_details.data_content_type   'Structure model' 
_pdbx_audit_revision_details.provider            repository 
_pdbx_audit_revision_details.type                'Initial release' 
_pdbx_audit_revision_details.description         ? 
_pdbx_audit_revision_details.details             ? 
# 
loop_
_pdbx_audit_revision_group.ordinal 
_pdbx_audit_revision_group.revision_ordinal 
_pdbx_audit_revision_group.data_content_type 
_pdbx_audit_revision_group.group 
1 2 'Structure model' 'Data collection'        
2 3 'Structure model' 'Data collection'        
3 3 'Structure model' 'Database references'    
4 3 'Structure model' 'Refinement description' 
# 
loop_
_pdbx_audit_revision_category.ordinal 
_pdbx_audit_revision_category.revision_ordinal 
_pdbx_audit_revision_category.data_content_type 
_pdbx_audit_revision_category.category 
1 2 'Structure model' diffrn_detector               
2 3 'Structure model' chem_comp_atom                
3 3 'Structure model' chem_comp_bond                
4 3 'Structure model' database_2                    
5 3 'Structure model' pdbx_initial_refinement_model 
# 
loop_
_pdbx_audit_revision_item.ordinal 
_pdbx_audit_revision_item.revision_ordinal 
_pdbx_audit_revision_item.data_content_type 
_pdbx_audit_revision_item.item 
1 2 'Structure model' '_diffrn_detector.detector'           
2 3 'Structure model' '_database_2.pdbx_DOI'                
3 3 'Structure model' '_database_2.pdbx_database_accession' 
# 
loop_
_software.citation_id 
_software.classification 
_software.compiler_name 
_software.compiler_version 
_software.contact_author 
_software.contact_author_email 
_software.date 
_software.description 
_software.dependencies 
_software.hardware 
_software.language 
_software.location 
_software.mods 
_software.name 
_software.os 
_software.os_version 
_software.type 
_software.version 
_software.pdbx_ordinal 
? refinement        ? ? ? ? ? ? ? ? ? ? ? REFMAC  ? ? ? 5.8.0158 1 
? 'data processing' ? ? ? ? ? ? ? ? ? ? ? iMOSFLM ? ? ? .        2 
? 'data scaling'    ? ? ? ? ? ? ? ? ? ? ? SCALA   ? ? ? .        3 
? phasing           ? ? ? ? ? ? ? ? ? ? ? PHASER  ? ? ? .        4 
? 'data reduction'  ? ? ? ? ? ? ? ? ? ? ? iMOSFLM ? ? ? .        5 
# 
loop_
_pdbx_validate_close_contact.id 
_pdbx_validate_close_contact.PDB_model_num 
_pdbx_validate_close_contact.auth_atom_id_1 
_pdbx_validate_close_contact.auth_asym_id_1 
_pdbx_validate_close_contact.auth_comp_id_1 
_pdbx_validate_close_contact.auth_seq_id_1 
_pdbx_validate_close_contact.PDB_ins_code_1 
_pdbx_validate_close_contact.label_alt_id_1 
_pdbx_validate_close_contact.auth_atom_id_2 
_pdbx_validate_close_contact.auth_asym_id_2 
_pdbx_validate_close_contact.auth_comp_id_2 
_pdbx_validate_close_contact.auth_seq_id_2 
_pdbx_validate_close_contact.PDB_ins_code_2 
_pdbx_validate_close_contact.label_alt_id_2 
_pdbx_validate_close_contact.dist 
1 1 O A HOH 335 ? ? O A HOH 418 ? ? 2.00 
2 1 O A HOH 302 ? ? O A HOH 391 ? ? 2.09 
# 
loop_
_pdbx_validate_symm_contact.id 
_pdbx_validate_symm_contact.PDB_model_num 
_pdbx_validate_symm_contact.auth_atom_id_1 
_pdbx_validate_symm_contact.auth_asym_id_1 
_pdbx_validate_symm_contact.auth_comp_id_1 
_pdbx_validate_symm_contact.auth_seq_id_1 
_pdbx_validate_symm_contact.PDB_ins_code_1 
_pdbx_validate_symm_contact.label_alt_id_1 
_pdbx_validate_symm_contact.site_symmetry_1 
_pdbx_validate_symm_contact.auth_atom_id_2 
_pdbx_validate_symm_contact.auth_asym_id_2 
_pdbx_validate_symm_contact.auth_comp_id_2 
_pdbx_validate_symm_contact.auth_seq_id_2 
_pdbx_validate_symm_contact.PDB_ins_code_2 
_pdbx_validate_symm_contact.label_alt_id_2 
_pdbx_validate_symm_contact.site_symmetry_2 
_pdbx_validate_symm_contact.dist 
1 1 O A HOH 409 ? ? 1_555 O A HOH 410 ? ? 3_654 2.05 
2 1 O A HOH 311 ? ? 1_555 O A HOH 408 ? ? 2_554 2.18 
# 
loop_
_pdbx_validate_rmsd_angle.id 
_pdbx_validate_rmsd_angle.PDB_model_num 
_pdbx_validate_rmsd_angle.auth_atom_id_1 
_pdbx_validate_rmsd_angle.auth_asym_id_1 
_pdbx_validate_rmsd_angle.auth_comp_id_1 
_pdbx_validate_rmsd_angle.auth_seq_id_1 
_pdbx_validate_rmsd_angle.PDB_ins_code_1 
_pdbx_validate_rmsd_angle.label_alt_id_1 
_pdbx_validate_rmsd_angle.auth_atom_id_2 
_pdbx_validate_rmsd_angle.auth_asym_id_2 
_pdbx_validate_rmsd_angle.auth_comp_id_2 
_pdbx_validate_rmsd_angle.auth_seq_id_2 
_pdbx_validate_rmsd_angle.PDB_ins_code_2 
_pdbx_validate_rmsd_angle.label_alt_id_2 
_pdbx_validate_rmsd_angle.auth_atom_id_3 
_pdbx_validate_rmsd_angle.auth_asym_id_3 
_pdbx_validate_rmsd_angle.auth_comp_id_3 
_pdbx_validate_rmsd_angle.auth_seq_id_3 
_pdbx_validate_rmsd_angle.PDB_ins_code_3 
_pdbx_validate_rmsd_angle.label_alt_id_3 
_pdbx_validate_rmsd_angle.angle_value 
_pdbx_validate_rmsd_angle.angle_target_value 
_pdbx_validate_rmsd_angle.angle_deviation 
_pdbx_validate_rmsd_angle.angle_standard_deviation 
_pdbx_validate_rmsd_angle.linker_flag 
1 1 NE A ARG 56  ? ? CZ A ARG 56  ? ? NH1 A ARG 56  ? ? 124.63 120.30 4.33  0.50 N 
2 1 NE A ARG 92  ? ? CZ A ARG 92  ? ? NH1 A ARG 92  ? ? 125.33 120.30 5.03  0.50 N 
3 1 NE A ARG 92  ? ? CZ A ARG 92  ? ? NH2 A ARG 92  ? ? 114.35 120.30 -5.95 0.50 N 
4 1 CB A ASP 184 ? ? CG A ASP 184 ? ? OD1 A ASP 184 ? ? 112.59 118.30 -5.71 0.90 N 
# 
loop_
_pdbx_validate_torsion.id 
_pdbx_validate_torsion.PDB_model_num 
_pdbx_validate_torsion.auth_comp_id 
_pdbx_validate_torsion.auth_asym_id 
_pdbx_validate_torsion.auth_seq_id 
_pdbx_validate_torsion.PDB_ins_code 
_pdbx_validate_torsion.label_alt_id 
_pdbx_validate_torsion.phi 
_pdbx_validate_torsion.psi 
1 1 CYS A 65  ? ? -107.75 -152.60 
2 1 LYS A 86  ? ? 51.98   -115.02 
3 1 TYR A 125 ? ? 68.42   -39.05  
4 1 GLN A 127 ? ? -134.49 -45.59  
5 1 GLN A 182 ? ? -162.93 24.83   
# 
loop_
_pdbx_unobs_or_zero_occ_atoms.id 
_pdbx_unobs_or_zero_occ_atoms.PDB_model_num 
_pdbx_unobs_or_zero_occ_atoms.polymer_flag 
_pdbx_unobs_or_zero_occ_atoms.occupancy_flag 
_pdbx_unobs_or_zero_occ_atoms.auth_asym_id 
_pdbx_unobs_or_zero_occ_atoms.auth_comp_id 
_pdbx_unobs_or_zero_occ_atoms.auth_seq_id 
_pdbx_unobs_or_zero_occ_atoms.PDB_ins_code 
_pdbx_unobs_or_zero_occ_atoms.auth_atom_id 
_pdbx_unobs_or_zero_occ_atoms.label_alt_id 
_pdbx_unobs_or_zero_occ_atoms.label_asym_id 
_pdbx_unobs_or_zero_occ_atoms.label_comp_id 
_pdbx_unobs_or_zero_occ_atoms.label_seq_id 
_pdbx_unobs_or_zero_occ_atoms.label_atom_id 
1 1 Y 1 A ASP 142 ? CG  ? A ASP 121 CG  
2 1 Y 1 A ASP 142 ? OD1 ? A ASP 121 OD1 
3 1 Y 1 A ASP 142 ? OD2 ? A ASP 121 OD2 
# 
loop_
_pdbx_unobs_or_zero_occ_residues.id 
_pdbx_unobs_or_zero_occ_residues.PDB_model_num 
_pdbx_unobs_or_zero_occ_residues.polymer_flag 
_pdbx_unobs_or_zero_occ_residues.occupancy_flag 
_pdbx_unobs_or_zero_occ_residues.auth_asym_id 
_pdbx_unobs_or_zero_occ_residues.auth_comp_id 
_pdbx_unobs_or_zero_occ_residues.auth_seq_id 
_pdbx_unobs_or_zero_occ_residues.PDB_ins_code 
_pdbx_unobs_or_zero_occ_residues.label_asym_id 
_pdbx_unobs_or_zero_occ_residues.label_comp_id 
_pdbx_unobs_or_zero_occ_residues.label_seq_id 
1  1 Y 1 A MET 22  ? A MET 1   
2  1 Y 1 A ALA 23  ? A ALA 2   
3  1 Y 1 A PRO 24  ? A PRO 3   
4  1 Y 1 A GLU 25  ? A GLU 4   
5  1 Y 1 A ALA 26  ? A ALA 5   
6  1 Y 1 A LYS 185 ? A LYS 164 
7  1 Y 1 A CYS 186 ? A CYS 165 
8  1 Y 1 A MET 187 ? A MET 166 
9  1 Y 1 A THR 188 ? A THR 167 
10 1 Y 1 A GLU 189 ? A GLU 168 
11 1 Y 1 A GLN 190 ? A GLN 169 
12 1 Y 1 A ALA 191 ? A ALA 170 
13 1 Y 1 A HIS 192 ? A HIS 171 
14 1 Y 1 A HIS 193 ? A HIS 172 
15 1 Y 1 A HIS 194 ? A HIS 173 
16 1 Y 1 A HIS 195 ? A HIS 174 
17 1 Y 1 A HIS 196 ? A HIS 175 
18 1 Y 1 A HIS 197 ? A HIS 176 
# 
loop_
_chem_comp_atom.comp_id 
_chem_comp_atom.atom_id 
_chem_comp_atom.type_symbol 
_chem_comp_atom.pdbx_aromatic_flag 
_chem_comp_atom.pdbx_stereo_config 
_chem_comp_atom.pdbx_ordinal 
1PG C2   C N N 1   
1PG C1   C N N 2   
1PG O1   O N N 3   
1PG O2   O N N 4   
1PG C3   C N N 5   
1PG C4   C N N 6   
1PG C5   C N N 7   
1PG O3   O N N 8   
1PG C6   C N N 9   
1PG C7   C N N 10  
1PG O4   O N N 11  
1PG C8   C N N 12  
1PG C9   C N N 13  
1PG O5   O N N 14  
1PG C10  C N N 15  
1PG C11  C N N 16  
1PG O6   O N N 17  
1PG H21  H N N 18  
1PG H22  H N N 19  
1PG H11  H N N 20  
1PG H12  H N N 21  
1PG H13  H N N 22  
1PG H31  H N N 23  
1PG H32  H N N 24  
1PG H41  H N N 25  
1PG H42  H N N 26  
1PG H51  H N N 27  
1PG H52  H N N 28  
1PG H61  H N N 29  
1PG H62  H N N 30  
1PG H71  H N N 31  
1PG H72  H N N 32  
1PG H81  H N N 33  
1PG H82  H N N 34  
1PG H91  H N N 35  
1PG H92  H N N 36  
1PG H101 H N N 37  
1PG H102 H N N 38  
1PG H111 H N N 39  
1PG H112 H N N 40  
1PG HO6  H N N 41  
ALA N    N N N 42  
ALA CA   C N S 43  
ALA C    C N N 44  
ALA O    O N N 45  
ALA CB   C N N 46  
ALA OXT  O N N 47  
ALA H    H N N 48  
ALA H2   H N N 49  
ALA HA   H N N 50  
ALA HB1  H N N 51  
ALA HB2  H N N 52  
ALA HB3  H N N 53  
ALA HXT  H N N 54  
ARG N    N N N 55  
ARG CA   C N S 56  
ARG C    C N N 57  
ARG O    O N N 58  
ARG CB   C N N 59  
ARG CG   C N N 60  
ARG CD   C N N 61  
ARG NE   N N N 62  
ARG CZ   C N N 63  
ARG NH1  N N N 64  
ARG NH2  N N N 65  
ARG OXT  O N N 66  
ARG H    H N N 67  
ARG H2   H N N 68  
ARG HA   H N N 69  
ARG HB2  H N N 70  
ARG HB3  H N N 71  
ARG HG2  H N N 72  
ARG HG3  H N N 73  
ARG HD2  H N N 74  
ARG HD3  H N N 75  
ARG HE   H N N 76  
ARG HH11 H N N 77  
ARG HH12 H N N 78  
ARG HH21 H N N 79  
ARG HH22 H N N 80  
ARG HXT  H N N 81  
ASN N    N N N 82  
ASN CA   C N S 83  
ASN C    C N N 84  
ASN O    O N N 85  
ASN CB   C N N 86  
ASN CG   C N N 87  
ASN OD1  O N N 88  
ASN ND2  N N N 89  
ASN OXT  O N N 90  
ASN H    H N N 91  
ASN H2   H N N 92  
ASN HA   H N N 93  
ASN HB2  H N N 94  
ASN HB3  H N N 95  
ASN HD21 H N N 96  
ASN HD22 H N N 97  
ASN HXT  H N N 98  
ASP N    N N N 99  
ASP CA   C N S 100 
ASP C    C N N 101 
ASP O    O N N 102 
ASP CB   C N N 103 
ASP CG   C N N 104 
ASP OD1  O N N 105 
ASP OD2  O N N 106 
ASP OXT  O N N 107 
ASP H    H N N 108 
ASP H2   H N N 109 
ASP HA   H N N 110 
ASP HB2  H N N 111 
ASP HB3  H N N 112 
ASP HD2  H N N 113 
ASP HXT  H N N 114 
CYS N    N N N 115 
CYS CA   C N R 116 
CYS C    C N N 117 
CYS O    O N N 118 
CYS CB   C N N 119 
CYS SG   S N N 120 
CYS OXT  O N N 121 
CYS H    H N N 122 
CYS H2   H N N 123 
CYS HA   H N N 124 
CYS HB2  H N N 125 
CYS HB3  H N N 126 
CYS HG   H N N 127 
CYS HXT  H N N 128 
GLN N    N N N 129 
GLN CA   C N S 130 
GLN C    C N N 131 
GLN O    O N N 132 
GLN CB   C N N 133 
GLN CG   C N N 134 
GLN CD   C N N 135 
GLN OE1  O N N 136 
GLN NE2  N N N 137 
GLN OXT  O N N 138 
GLN H    H N N 139 
GLN H2   H N N 140 
GLN HA   H N N 141 
GLN HB2  H N N 142 
GLN HB3  H N N 143 
GLN HG2  H N N 144 
GLN HG3  H N N 145 
GLN HE21 H N N 146 
GLN HE22 H N N 147 
GLN HXT  H N N 148 
GLU N    N N N 149 
GLU CA   C N S 150 
GLU C    C N N 151 
GLU O    O N N 152 
GLU CB   C N N 153 
GLU CG   C N N 154 
GLU CD   C N N 155 
GLU OE1  O N N 156 
GLU OE2  O N N 157 
GLU OXT  O N N 158 
GLU H    H N N 159 
GLU H2   H N N 160 
GLU HA   H N N 161 
GLU HB2  H N N 162 
GLU HB3  H N N 163 
GLU HG2  H N N 164 
GLU HG3  H N N 165 
GLU HE2  H N N 166 
GLU HXT  H N N 167 
GLY N    N N N 168 
GLY CA   C N N 169 
GLY C    C N N 170 
GLY O    O N N 171 
GLY OXT  O N N 172 
GLY H    H N N 173 
GLY H2   H N N 174 
GLY HA2  H N N 175 
GLY HA3  H N N 176 
GLY HXT  H N N 177 
HIS N    N N N 178 
HIS CA   C N S 179 
HIS C    C N N 180 
HIS O    O N N 181 
HIS CB   C N N 182 
HIS CG   C Y N 183 
HIS ND1  N Y N 184 
HIS CD2  C Y N 185 
HIS CE1  C Y N 186 
HIS NE2  N Y N 187 
HIS OXT  O N N 188 
HIS H    H N N 189 
HIS H2   H N N 190 
HIS HA   H N N 191 
HIS HB2  H N N 192 
HIS HB3  H N N 193 
HIS HD1  H N N 194 
HIS HD2  H N N 195 
HIS HE1  H N N 196 
HIS HE2  H N N 197 
HIS HXT  H N N 198 
HOH O    O N N 199 
HOH H1   H N N 200 
HOH H2   H N N 201 
ILE N    N N N 202 
ILE CA   C N S 203 
ILE C    C N N 204 
ILE O    O N N 205 
ILE CB   C N S 206 
ILE CG1  C N N 207 
ILE CG2  C N N 208 
ILE CD1  C N N 209 
ILE OXT  O N N 210 
ILE H    H N N 211 
ILE H2   H N N 212 
ILE HA   H N N 213 
ILE HB   H N N 214 
ILE HG12 H N N 215 
ILE HG13 H N N 216 
ILE HG21 H N N 217 
ILE HG22 H N N 218 
ILE HG23 H N N 219 
ILE HD11 H N N 220 
ILE HD12 H N N 221 
ILE HD13 H N N 222 
ILE HXT  H N N 223 
LEU N    N N N 224 
LEU CA   C N S 225 
LEU C    C N N 226 
LEU O    O N N 227 
LEU CB   C N N 228 
LEU CG   C N N 229 
LEU CD1  C N N 230 
LEU CD2  C N N 231 
LEU OXT  O N N 232 
LEU H    H N N 233 
LEU H2   H N N 234 
LEU HA   H N N 235 
LEU HB2  H N N 236 
LEU HB3  H N N 237 
LEU HG   H N N 238 
LEU HD11 H N N 239 
LEU HD12 H N N 240 
LEU HD13 H N N 241 
LEU HD21 H N N 242 
LEU HD22 H N N 243 
LEU HD23 H N N 244 
LEU HXT  H N N 245 
LYS N    N N N 246 
LYS CA   C N S 247 
LYS C    C N N 248 
LYS O    O N N 249 
LYS CB   C N N 250 
LYS CG   C N N 251 
LYS CD   C N N 252 
LYS CE   C N N 253 
LYS NZ   N N N 254 
LYS OXT  O N N 255 
LYS H    H N N 256 
LYS H2   H N N 257 
LYS HA   H N N 258 
LYS HB2  H N N 259 
LYS HB3  H N N 260 
LYS HG2  H N N 261 
LYS HG3  H N N 262 
LYS HD2  H N N 263 
LYS HD3  H N N 264 
LYS HE2  H N N 265 
LYS HE3  H N N 266 
LYS HZ1  H N N 267 
LYS HZ2  H N N 268 
LYS HZ3  H N N 269 
LYS HXT  H N N 270 
MET N    N N N 271 
MET CA   C N S 272 
MET C    C N N 273 
MET O    O N N 274 
MET CB   C N N 275 
MET CG   C N N 276 
MET SD   S N N 277 
MET CE   C N N 278 
MET OXT  O N N 279 
MET H    H N N 280 
MET H2   H N N 281 
MET HA   H N N 282 
MET HB2  H N N 283 
MET HB3  H N N 284 
MET HG2  H N N 285 
MET HG3  H N N 286 
MET HE1  H N N 287 
MET HE2  H N N 288 
MET HE3  H N N 289 
MET HXT  H N N 290 
PG0 C5   C N N 291 
PG0 O2   O N N 292 
PG0 C4   C N N 293 
PG0 C3   C N N 294 
PG0 O1   O N N 295 
PG0 C2   C N N 296 
PG0 C1   C N N 297 
PG0 OTT  O N N 298 
PG0 H51  H N N 299 
PG0 H52  H N N 300 
PG0 H53  H N N 301 
PG0 H41  H N N 302 
PG0 H42  H N N 303 
PG0 H31  H N N 304 
PG0 H32  H N N 305 
PG0 H21  H N N 306 
PG0 H22  H N N 307 
PG0 H11  H N N 308 
PG0 H12  H N N 309 
PG0 HTT  H N N 310 
PHE N    N N N 311 
PHE CA   C N S 312 
PHE C    C N N 313 
PHE O    O N N 314 
PHE CB   C N N 315 
PHE CG   C Y N 316 
PHE CD1  C Y N 317 
PHE CD2  C Y N 318 
PHE CE1  C Y N 319 
PHE CE2  C Y N 320 
PHE CZ   C Y N 321 
PHE OXT  O N N 322 
PHE H    H N N 323 
PHE H2   H N N 324 
PHE HA   H N N 325 
PHE HB2  H N N 326 
PHE HB3  H N N 327 
PHE HD1  H N N 328 
PHE HD2  H N N 329 
PHE HE1  H N N 330 
PHE HE2  H N N 331 
PHE HZ   H N N 332 
PHE HXT  H N N 333 
PRO N    N N N 334 
PRO CA   C N S 335 
PRO C    C N N 336 
PRO O    O N N 337 
PRO CB   C N N 338 
PRO CG   C N N 339 
PRO CD   C N N 340 
PRO OXT  O N N 341 
PRO H    H N N 342 
PRO HA   H N N 343 
PRO HB2  H N N 344 
PRO HB3  H N N 345 
PRO HG2  H N N 346 
PRO HG3  H N N 347 
PRO HD2  H N N 348 
PRO HD3  H N N 349 
PRO HXT  H N N 350 
SER N    N N N 351 
SER CA   C N S 352 
SER C    C N N 353 
SER O    O N N 354 
SER CB   C N N 355 
SER OG   O N N 356 
SER OXT  O N N 357 
SER H    H N N 358 
SER H2   H N N 359 
SER HA   H N N 360 
SER HB2  H N N 361 
SER HB3  H N N 362 
SER HG   H N N 363 
SER HXT  H N N 364 
THR N    N N N 365 
THR CA   C N S 366 
THR C    C N N 367 
THR O    O N N 368 
THR CB   C N R 369 
THR OG1  O N N 370 
THR CG2  C N N 371 
THR OXT  O N N 372 
THR H    H N N 373 
THR H2   H N N 374 
THR HA   H N N 375 
THR HB   H N N 376 
THR HG1  H N N 377 
THR HG21 H N N 378 
THR HG22 H N N 379 
THR HG23 H N N 380 
THR HXT  H N N 381 
TRP N    N N N 382 
TRP CA   C N S 383 
TRP C    C N N 384 
TRP O    O N N 385 
TRP CB   C N N 386 
TRP CG   C Y N 387 
TRP CD1  C Y N 388 
TRP CD2  C Y N 389 
TRP NE1  N Y N 390 
TRP CE2  C Y N 391 
TRP CE3  C Y N 392 
TRP CZ2  C Y N 393 
TRP CZ3  C Y N 394 
TRP CH2  C Y N 395 
TRP OXT  O N N 396 
TRP H    H N N 397 
TRP H2   H N N 398 
TRP HA   H N N 399 
TRP HB2  H N N 400 
TRP HB3  H N N 401 
TRP HD1  H N N 402 
TRP HE1  H N N 403 
TRP HE3  H N N 404 
TRP HZ2  H N N 405 
TRP HZ3  H N N 406 
TRP HH2  H N N 407 
TRP HXT  H N N 408 
TYR N    N N N 409 
TYR CA   C N S 410 
TYR C    C N N 411 
TYR O    O N N 412 
TYR CB   C N N 413 
TYR CG   C Y N 414 
TYR CD1  C Y N 415 
TYR CD2  C Y N 416 
TYR CE1  C Y N 417 
TYR CE2  C Y N 418 
TYR CZ   C Y N 419 
TYR OH   O N N 420 
TYR OXT  O N N 421 
TYR H    H N N 422 
TYR H2   H N N 423 
TYR HA   H N N 424 
TYR HB2  H N N 425 
TYR HB3  H N N 426 
TYR HD1  H N N 427 
TYR HD2  H N N 428 
TYR HE1  H N N 429 
TYR HE2  H N N 430 
TYR HH   H N N 431 
TYR HXT  H N N 432 
VAL N    N N N 433 
VAL CA   C N S 434 
VAL C    C N N 435 
VAL O    O N N 436 
VAL CB   C N N 437 
VAL CG1  C N N 438 
VAL CG2  C N N 439 
VAL OXT  O N N 440 
VAL H    H N N 441 
VAL H2   H N N 442 
VAL HA   H N N 443 
VAL HB   H N N 444 
VAL HG11 H N N 445 
VAL HG12 H N N 446 
VAL HG13 H N N 447 
VAL HG21 H N N 448 
VAL HG22 H N N 449 
VAL HG23 H N N 450 
VAL HXT  H N N 451 
# 
loop_
_chem_comp_bond.comp_id 
_chem_comp_bond.atom_id_1 
_chem_comp_bond.atom_id_2 
_chem_comp_bond.value_order 
_chem_comp_bond.pdbx_aromatic_flag 
_chem_comp_bond.pdbx_stereo_config 
_chem_comp_bond.pdbx_ordinal 
1PG C2  O1   sing N N 1   
1PG C2  C3   sing N N 2   
1PG C2  H21  sing N N 3   
1PG C2  H22  sing N N 4   
1PG C1  O1   sing N N 5   
1PG C1  H11  sing N N 6   
1PG C1  H12  sing N N 7   
1PG C1  H13  sing N N 8   
1PG O2  C3   sing N N 9   
1PG O2  C4   sing N N 10  
1PG C3  H31  sing N N 11  
1PG C3  H32  sing N N 12  
1PG C4  C5   sing N N 13  
1PG C4  H41  sing N N 14  
1PG C4  H42  sing N N 15  
1PG C5  O3   sing N N 16  
1PG C5  H51  sing N N 17  
1PG C5  H52  sing N N 18  
1PG O3  C6   sing N N 19  
1PG C6  C7   sing N N 20  
1PG C6  H61  sing N N 21  
1PG C6  H62  sing N N 22  
1PG C7  O4   sing N N 23  
1PG C7  H71  sing N N 24  
1PG C7  H72  sing N N 25  
1PG O4  C8   sing N N 26  
1PG C8  C9   sing N N 27  
1PG C8  H81  sing N N 28  
1PG C8  H82  sing N N 29  
1PG C9  O5   sing N N 30  
1PG C9  H91  sing N N 31  
1PG C9  H92  sing N N 32  
1PG O5  C10  sing N N 33  
1PG C10 C11  sing N N 34  
1PG C10 H101 sing N N 35  
1PG C10 H102 sing N N 36  
1PG C11 O6   sing N N 37  
1PG C11 H111 sing N N 38  
1PG C11 H112 sing N N 39  
1PG O6  HO6  sing N N 40  
ALA N   CA   sing N N 41  
ALA N   H    sing N N 42  
ALA N   H2   sing N N 43  
ALA CA  C    sing N N 44  
ALA CA  CB   sing N N 45  
ALA CA  HA   sing N N 46  
ALA C   O    doub N N 47  
ALA C   OXT  sing N N 48  
ALA CB  HB1  sing N N 49  
ALA CB  HB2  sing N N 50  
ALA CB  HB3  sing N N 51  
ALA OXT HXT  sing N N 52  
ARG N   CA   sing N N 53  
ARG N   H    sing N N 54  
ARG N   H2   sing N N 55  
ARG CA  C    sing N N 56  
ARG CA  CB   sing N N 57  
ARG CA  HA   sing N N 58  
ARG C   O    doub N N 59  
ARG C   OXT  sing N N 60  
ARG CB  CG   sing N N 61  
ARG CB  HB2  sing N N 62  
ARG CB  HB3  sing N N 63  
ARG CG  CD   sing N N 64  
ARG CG  HG2  sing N N 65  
ARG CG  HG3  sing N N 66  
ARG CD  NE   sing N N 67  
ARG CD  HD2  sing N N 68  
ARG CD  HD3  sing N N 69  
ARG NE  CZ   sing N N 70  
ARG NE  HE   sing N N 71  
ARG CZ  NH1  sing N N 72  
ARG CZ  NH2  doub N N 73  
ARG NH1 HH11 sing N N 74  
ARG NH1 HH12 sing N N 75  
ARG NH2 HH21 sing N N 76  
ARG NH2 HH22 sing N N 77  
ARG OXT HXT  sing N N 78  
ASN N   CA   sing N N 79  
ASN N   H    sing N N 80  
ASN N   H2   sing N N 81  
ASN CA  C    sing N N 82  
ASN CA  CB   sing N N 83  
ASN CA  HA   sing N N 84  
ASN C   O    doub N N 85  
ASN C   OXT  sing N N 86  
ASN CB  CG   sing N N 87  
ASN CB  HB2  sing N N 88  
ASN CB  HB3  sing N N 89  
ASN CG  OD1  doub N N 90  
ASN CG  ND2  sing N N 91  
ASN ND2 HD21 sing N N 92  
ASN ND2 HD22 sing N N 93  
ASN OXT HXT  sing N N 94  
ASP N   CA   sing N N 95  
ASP N   H    sing N N 96  
ASP N   H2   sing N N 97  
ASP CA  C    sing N N 98  
ASP CA  CB   sing N N 99  
ASP CA  HA   sing N N 100 
ASP C   O    doub N N 101 
ASP C   OXT  sing N N 102 
ASP CB  CG   sing N N 103 
ASP CB  HB2  sing N N 104 
ASP CB  HB3  sing N N 105 
ASP CG  OD1  doub N N 106 
ASP CG  OD2  sing N N 107 
ASP OD2 HD2  sing N N 108 
ASP OXT HXT  sing N N 109 
CYS N   CA   sing N N 110 
CYS N   H    sing N N 111 
CYS N   H2   sing N N 112 
CYS CA  C    sing N N 113 
CYS CA  CB   sing N N 114 
CYS CA  HA   sing N N 115 
CYS C   O    doub N N 116 
CYS C   OXT  sing N N 117 
CYS CB  SG   sing N N 118 
CYS CB  HB2  sing N N 119 
CYS CB  HB3  sing N N 120 
CYS SG  HG   sing N N 121 
CYS OXT HXT  sing N N 122 
GLN N   CA   sing N N 123 
GLN N   H    sing N N 124 
GLN N   H2   sing N N 125 
GLN CA  C    sing N N 126 
GLN CA  CB   sing N N 127 
GLN CA  HA   sing N N 128 
GLN C   O    doub N N 129 
GLN C   OXT  sing N N 130 
GLN CB  CG   sing N N 131 
GLN CB  HB2  sing N N 132 
GLN CB  HB3  sing N N 133 
GLN CG  CD   sing N N 134 
GLN CG  HG2  sing N N 135 
GLN CG  HG3  sing N N 136 
GLN CD  OE1  doub N N 137 
GLN CD  NE2  sing N N 138 
GLN NE2 HE21 sing N N 139 
GLN NE2 HE22 sing N N 140 
GLN OXT HXT  sing N N 141 
GLU N   CA   sing N N 142 
GLU N   H    sing N N 143 
GLU N   H2   sing N N 144 
GLU CA  C    sing N N 145 
GLU CA  CB   sing N N 146 
GLU CA  HA   sing N N 147 
GLU C   O    doub N N 148 
GLU C   OXT  sing N N 149 
GLU CB  CG   sing N N 150 
GLU CB  HB2  sing N N 151 
GLU CB  HB3  sing N N 152 
GLU CG  CD   sing N N 153 
GLU CG  HG2  sing N N 154 
GLU CG  HG3  sing N N 155 
GLU CD  OE1  doub N N 156 
GLU CD  OE2  sing N N 157 
GLU OE2 HE2  sing N N 158 
GLU OXT HXT  sing N N 159 
GLY N   CA   sing N N 160 
GLY N   H    sing N N 161 
GLY N   H2   sing N N 162 
GLY CA  C    sing N N 163 
GLY CA  HA2  sing N N 164 
GLY CA  HA3  sing N N 165 
GLY C   O    doub N N 166 
GLY C   OXT  sing N N 167 
GLY OXT HXT  sing N N 168 
HIS N   CA   sing N N 169 
HIS N   H    sing N N 170 
HIS N   H2   sing N N 171 
HIS CA  C    sing N N 172 
HIS CA  CB   sing N N 173 
HIS CA  HA   sing N N 174 
HIS C   O    doub N N 175 
HIS C   OXT  sing N N 176 
HIS CB  CG   sing N N 177 
HIS CB  HB2  sing N N 178 
HIS CB  HB3  sing N N 179 
HIS CG  ND1  sing Y N 180 
HIS CG  CD2  doub Y N 181 
HIS ND1 CE1  doub Y N 182 
HIS ND1 HD1  sing N N 183 
HIS CD2 NE2  sing Y N 184 
HIS CD2 HD2  sing N N 185 
HIS CE1 NE2  sing Y N 186 
HIS CE1 HE1  sing N N 187 
HIS NE2 HE2  sing N N 188 
HIS OXT HXT  sing N N 189 
HOH O   H1   sing N N 190 
HOH O   H2   sing N N 191 
ILE N   CA   sing N N 192 
ILE N   H    sing N N 193 
ILE N   H2   sing N N 194 
ILE CA  C    sing N N 195 
ILE CA  CB   sing N N 196 
ILE CA  HA   sing N N 197 
ILE C   O    doub N N 198 
ILE C   OXT  sing N N 199 
ILE CB  CG1  sing N N 200 
ILE CB  CG2  sing N N 201 
ILE CB  HB   sing N N 202 
ILE CG1 CD1  sing N N 203 
ILE CG1 HG12 sing N N 204 
ILE CG1 HG13 sing N N 205 
ILE CG2 HG21 sing N N 206 
ILE CG2 HG22 sing N N 207 
ILE CG2 HG23 sing N N 208 
ILE CD1 HD11 sing N N 209 
ILE CD1 HD12 sing N N 210 
ILE CD1 HD13 sing N N 211 
ILE OXT HXT  sing N N 212 
LEU N   CA   sing N N 213 
LEU N   H    sing N N 214 
LEU N   H2   sing N N 215 
LEU CA  C    sing N N 216 
LEU CA  CB   sing N N 217 
LEU CA  HA   sing N N 218 
LEU C   O    doub N N 219 
LEU C   OXT  sing N N 220 
LEU CB  CG   sing N N 221 
LEU CB  HB2  sing N N 222 
LEU CB  HB3  sing N N 223 
LEU CG  CD1  sing N N 224 
LEU CG  CD2  sing N N 225 
LEU CG  HG   sing N N 226 
LEU CD1 HD11 sing N N 227 
LEU CD1 HD12 sing N N 228 
LEU CD1 HD13 sing N N 229 
LEU CD2 HD21 sing N N 230 
LEU CD2 HD22 sing N N 231 
LEU CD2 HD23 sing N N 232 
LEU OXT HXT  sing N N 233 
LYS N   CA   sing N N 234 
LYS N   H    sing N N 235 
LYS N   H2   sing N N 236 
LYS CA  C    sing N N 237 
LYS CA  CB   sing N N 238 
LYS CA  HA   sing N N 239 
LYS C   O    doub N N 240 
LYS C   OXT  sing N N 241 
LYS CB  CG   sing N N 242 
LYS CB  HB2  sing N N 243 
LYS CB  HB3  sing N N 244 
LYS CG  CD   sing N N 245 
LYS CG  HG2  sing N N 246 
LYS CG  HG3  sing N N 247 
LYS CD  CE   sing N N 248 
LYS CD  HD2  sing N N 249 
LYS CD  HD3  sing N N 250 
LYS CE  NZ   sing N N 251 
LYS CE  HE2  sing N N 252 
LYS CE  HE3  sing N N 253 
LYS NZ  HZ1  sing N N 254 
LYS NZ  HZ2  sing N N 255 
LYS NZ  HZ3  sing N N 256 
LYS OXT HXT  sing N N 257 
MET N   CA   sing N N 258 
MET N   H    sing N N 259 
MET N   H2   sing N N 260 
MET CA  C    sing N N 261 
MET CA  CB   sing N N 262 
MET CA  HA   sing N N 263 
MET C   O    doub N N 264 
MET C   OXT  sing N N 265 
MET CB  CG   sing N N 266 
MET CB  HB2  sing N N 267 
MET CB  HB3  sing N N 268 
MET CG  SD   sing N N 269 
MET CG  HG2  sing N N 270 
MET CG  HG3  sing N N 271 
MET SD  CE   sing N N 272 
MET CE  HE1  sing N N 273 
MET CE  HE2  sing N N 274 
MET CE  HE3  sing N N 275 
MET OXT HXT  sing N N 276 
PG0 C5  O2   sing N N 277 
PG0 C5  H51  sing N N 278 
PG0 C5  H52  sing N N 279 
PG0 C5  H53  sing N N 280 
PG0 O2  C4   sing N N 281 
PG0 C4  C3   sing N N 282 
PG0 C4  H41  sing N N 283 
PG0 C4  H42  sing N N 284 
PG0 C3  O1   sing N N 285 
PG0 C3  H31  sing N N 286 
PG0 C3  H32  sing N N 287 
PG0 O1  C2   sing N N 288 
PG0 C2  C1   sing N N 289 
PG0 C2  H21  sing N N 290 
PG0 C2  H22  sing N N 291 
PG0 C1  OTT  sing N N 292 
PG0 C1  H11  sing N N 293 
PG0 C1  H12  sing N N 294 
PG0 OTT HTT  sing N N 295 
PHE N   CA   sing N N 296 
PHE N   H    sing N N 297 
PHE N   H2   sing N N 298 
PHE CA  C    sing N N 299 
PHE CA  CB   sing N N 300 
PHE CA  HA   sing N N 301 
PHE C   O    doub N N 302 
PHE C   OXT  sing N N 303 
PHE CB  CG   sing N N 304 
PHE CB  HB2  sing N N 305 
PHE CB  HB3  sing N N 306 
PHE CG  CD1  doub Y N 307 
PHE CG  CD2  sing Y N 308 
PHE CD1 CE1  sing Y N 309 
PHE CD1 HD1  sing N N 310 
PHE CD2 CE2  doub Y N 311 
PHE CD2 HD2  sing N N 312 
PHE CE1 CZ   doub Y N 313 
PHE CE1 HE1  sing N N 314 
PHE CE2 CZ   sing Y N 315 
PHE CE2 HE2  sing N N 316 
PHE CZ  HZ   sing N N 317 
PHE OXT HXT  sing N N 318 
PRO N   CA   sing N N 319 
PRO N   CD   sing N N 320 
PRO N   H    sing N N 321 
PRO CA  C    sing N N 322 
PRO CA  CB   sing N N 323 
PRO CA  HA   sing N N 324 
PRO C   O    doub N N 325 
PRO C   OXT  sing N N 326 
PRO CB  CG   sing N N 327 
PRO CB  HB2  sing N N 328 
PRO CB  HB3  sing N N 329 
PRO CG  CD   sing N N 330 
PRO CG  HG2  sing N N 331 
PRO CG  HG3  sing N N 332 
PRO CD  HD2  sing N N 333 
PRO CD  HD3  sing N N 334 
PRO OXT HXT  sing N N 335 
SER N   CA   sing N N 336 
SER N   H    sing N N 337 
SER N   H2   sing N N 338 
SER CA  C    sing N N 339 
SER CA  CB   sing N N 340 
SER CA  HA   sing N N 341 
SER C   O    doub N N 342 
SER C   OXT  sing N N 343 
SER CB  OG   sing N N 344 
SER CB  HB2  sing N N 345 
SER CB  HB3  sing N N 346 
SER OG  HG   sing N N 347 
SER OXT HXT  sing N N 348 
THR N   CA   sing N N 349 
THR N   H    sing N N 350 
THR N   H2   sing N N 351 
THR CA  C    sing N N 352 
THR CA  CB   sing N N 353 
THR CA  HA   sing N N 354 
THR C   O    doub N N 355 
THR C   OXT  sing N N 356 
THR CB  OG1  sing N N 357 
THR CB  CG2  sing N N 358 
THR CB  HB   sing N N 359 
THR OG1 HG1  sing N N 360 
THR CG2 HG21 sing N N 361 
THR CG2 HG22 sing N N 362 
THR CG2 HG23 sing N N 363 
THR OXT HXT  sing N N 364 
TRP N   CA   sing N N 365 
TRP N   H    sing N N 366 
TRP N   H2   sing N N 367 
TRP CA  C    sing N N 368 
TRP CA  CB   sing N N 369 
TRP CA  HA   sing N N 370 
TRP C   O    doub N N 371 
TRP C   OXT  sing N N 372 
TRP CB  CG   sing N N 373 
TRP CB  HB2  sing N N 374 
TRP CB  HB3  sing N N 375 
TRP CG  CD1  doub Y N 376 
TRP CG  CD2  sing Y N 377 
TRP CD1 NE1  sing Y N 378 
TRP CD1 HD1  sing N N 379 
TRP CD2 CE2  doub Y N 380 
TRP CD2 CE3  sing Y N 381 
TRP NE1 CE2  sing Y N 382 
TRP NE1 HE1  sing N N 383 
TRP CE2 CZ2  sing Y N 384 
TRP CE3 CZ3  doub Y N 385 
TRP CE3 HE3  sing N N 386 
TRP CZ2 CH2  doub Y N 387 
TRP CZ2 HZ2  sing N N 388 
TRP CZ3 CH2  sing Y N 389 
TRP CZ3 HZ3  sing N N 390 
TRP CH2 HH2  sing N N 391 
TRP OXT HXT  sing N N 392 
TYR N   CA   sing N N 393 
TYR N   H    sing N N 394 
TYR N   H2   sing N N 395 
TYR CA  C    sing N N 396 
TYR CA  CB   sing N N 397 
TYR CA  HA   sing N N 398 
TYR C   O    doub N N 399 
TYR C   OXT  sing N N 400 
TYR CB  CG   sing N N 401 
TYR CB  HB2  sing N N 402 
TYR CB  HB3  sing N N 403 
TYR CG  CD1  doub Y N 404 
TYR CG  CD2  sing Y N 405 
TYR CD1 CE1  sing Y N 406 
TYR CD1 HD1  sing N N 407 
TYR CD2 CE2  doub Y N 408 
TYR CD2 HD2  sing N N 409 
TYR CE1 CZ   doub Y N 410 
TYR CE1 HE1  sing N N 411 
TYR CE2 CZ   sing Y N 412 
TYR CE2 HE2  sing N N 413 
TYR CZ  OH   sing N N 414 
TYR OH  HH   sing N N 415 
TYR OXT HXT  sing N N 416 
VAL N   CA   sing N N 417 
VAL N   H    sing N N 418 
VAL N   H2   sing N N 419 
VAL CA  C    sing N N 420 
VAL CA  CB   sing N N 421 
VAL CA  HA   sing N N 422 
VAL C   O    doub N N 423 
VAL C   OXT  sing N N 424 
VAL CB  CG1  sing N N 425 
VAL CB  CG2  sing N N 426 
VAL CB  HB   sing N N 427 
VAL CG1 HG11 sing N N 428 
VAL CG1 HG12 sing N N 429 
VAL CG1 HG13 sing N N 430 
VAL CG2 HG21 sing N N 431 
VAL CG2 HG22 sing N N 432 
VAL CG2 HG23 sing N N 433 
VAL OXT HXT  sing N N 434 
# 
loop_
_pdbx_entity_nonpoly.entity_id 
_pdbx_entity_nonpoly.name 
_pdbx_entity_nonpoly.comp_id 
2 '2-(2-METHOXYETHOXY)ETHANOL'                                    PG0 
3 '2-(2-{2-[2-(2-METHOXY-ETHOXY)-ETHOXY]-ETHOXY}-ETHOXY)-ETHANOL' 1PG 
4 water                                                           HOH 
# 
_pdbx_initial_refinement_model.id               1 
_pdbx_initial_refinement_model.entity_id_list   ? 
_pdbx_initial_refinement_model.type             'experimental model' 
_pdbx_initial_refinement_model.source_name      PDB 
_pdbx_initial_refinement_model.accession_code   4IMN 
_pdbx_initial_refinement_model.details          ? 
# 
